data_6FKX
#
_entry.id   6FKX
#
_cell.length_a   107.680
_cell.length_b   116.820
_cell.length_c   159.420
_cell.angle_alpha   90.000
_cell.angle_beta   90.000
_cell.angle_gamma   90.000
#
_symmetry.space_group_name_H-M   'P 21 21 21'
#
loop_
_entity.id
_entity.type
_entity.pdbx_description
1 polymer 'Acetyl xylan esterase'
2 polymer 'Acetyl xylan esterase'
3 polymer 'Acetyl xylan esterase'
4 non-polymer 'SODIUM ION'
5 non-polymer '2-(N-MORPHOLINO)-ETHANESULFONIC ACID'
6 non-polymer 'SULFATE ION'
7 non-polymer 'FORMIC ACID'
8 water water
#
loop_
_entity_poly.entity_id
_entity_poly.type
_entity_poly.pdbx_seq_one_letter_code
_entity_poly.pdbx_strand_id
1 'polypeptide(L)'
;HHHVPLTFDLPFEELLTYPGRTPRPADHDEYWDRGLADLAAVPADVVIEPAEFTTPLARCSHLWFTGTGGVRVHAKLLRP
VAPVEPHPALLQFHGYTGNSGDWSSRLHYVALGYTVAALDCRGQAGLSVGEAPVENWSMASYLLRGIDDDAADNLALRHL
FLDTARLAQIVLAMDDVDPDRVAATGYSQGGGLTLACAALEPRIRLAAPVYPFLCDFRRAWEMDLEKGPYNEITTYFRAR
DPRHLREEEIFSRLGYVDVQHLAPRVRAEVLMTVSLADKICPPSTQFAAYNKLGGPKDYRLYPDFAHETLPGTDDAIFTF
LQGL
;
A
2 'polypeptide(L)'
;HVPLTFDLPFEELLTYPGRTPRPADHDEYWDRGLADLAAVPADVVIEPAEFTTPLARCSHLWFTGTGGVRVHAKLLRPVA
PVEPHPALLQFHGYTGNSGDWSSRLHYVALGYTVAALDCRGQAGLSVGEAPVENWSMASYLLRGIDDDAADNLALRHLFL
DTARLAQIVLAMDDVDPDRVAATGYSQGGGLTLACAALEPRIRLAAPVYPFLCDFRRAWEMDLEKGPYNEITTYFRARDP
RHLREEEIFSRLGYVDVQHLAPRVRAEVLMTVSLADKICPPSTQFAAYNKLGGPKDYRLYPDFAHETLPGTDDAIFTFLQ
GL
;
B,D,E,F
3 'polypeptide(L)'
;LTFDLPFEELLTYPGRTPRPADHDEYWDRGLADLAAVPADVVIEPAEFTTPLARCSHLWFTGTGGVRVHAKLLRPVAPVE
PHPALLQFHGYTGNSGDWSSRLHYVALGYTVAALDCRGQAGLSVGEAPVENWSMASYLLRGIDDDAADNLALRHLFLDTA
RLAQIVLAMDDVDPDRVAATGYSQGGGLTLACAALEPRIRLAAPVYPFLCDFRRAWEMDLEKGPYNEITTYFRARDPRHL
REEEIFSRLGYVDVQHLAPRVRAEVLMTVSLADKICPPSTQFAAYNKLGGPKDYRLYPDFAHETLPGTDDAIFTFLQGL
;
C
#
# COMPACT_ATOMS: atom_id res chain seq x y z
C HIS A 1 -14.28 26.04 -18.02
N HIS A 2 -13.09 26.27 -18.54
CA HIS A 2 -11.83 25.92 -17.87
C HIS A 2 -12.03 24.80 -16.84
N HIS A 3 -11.33 24.90 -15.71
CA HIS A 3 -11.43 23.92 -14.61
C HIS A 3 -11.13 22.50 -15.09
N VAL A 4 -10.00 22.35 -15.78
CA VAL A 4 -9.54 21.02 -16.18
C VAL A 4 -8.82 20.37 -15.01
N PRO A 5 -9.15 19.14 -14.63
CA PRO A 5 -8.49 18.50 -13.50
C PRO A 5 -7.05 18.14 -13.82
N LEU A 6 -6.32 17.76 -12.78
CA LEU A 6 -4.92 17.37 -12.90
C LEU A 6 -4.84 15.89 -13.24
N THR A 7 -4.35 15.58 -14.44
CA THR A 7 -4.09 14.21 -14.86
C THR A 7 -2.60 13.93 -14.72
N PHE A 8 -2.27 12.67 -14.44
CA PHE A 8 -0.87 12.25 -14.45
C PHE A 8 -0.21 12.45 -15.80
N ASP A 9 -1.00 12.43 -16.89
CA ASP A 9 -0.47 12.55 -18.23
C ASP A 9 -0.90 13.88 -18.84
N LEU A 10 -1.04 13.93 -20.15
CA LEU A 10 -1.46 15.13 -20.86
C LEU A 10 -2.95 15.07 -21.19
N PRO A 11 -3.64 16.21 -21.21
CA PRO A 11 -5.03 16.21 -21.69
C PRO A 11 -5.13 15.74 -23.13
N PHE A 12 -6.26 15.13 -23.47
CA PHE A 12 -6.39 14.50 -24.78
C PHE A 12 -6.17 15.50 -25.91
N GLU A 13 -6.65 16.74 -25.73
CA GLU A 13 -6.45 17.73 -26.78
CA GLU A 13 -6.44 17.76 -26.76
C GLU A 13 -4.97 17.94 -27.08
N GLU A 14 -4.12 17.90 -26.06
CA GLU A 14 -2.68 18.03 -26.25
C GLU A 14 -2.07 16.79 -26.89
N LEU A 15 -2.69 15.61 -26.74
CA LEU A 15 -2.07 14.38 -27.20
C LEU A 15 -1.94 14.34 -28.72
N LEU A 16 -2.94 14.86 -29.43
CA LEU A 16 -2.96 14.78 -30.89
C LEU A 16 -1.95 15.71 -31.55
N THR A 17 -1.34 16.64 -30.80
CA THR A 17 -0.29 17.49 -31.32
C THR A 17 1.04 17.26 -30.59
N TYR A 18 1.09 16.32 -29.66
CA TYR A 18 2.30 16.10 -28.87
C TYR A 18 3.44 15.63 -29.75
N PRO A 19 4.60 16.29 -29.72
CA PRO A 19 5.70 15.93 -30.62
C PRO A 19 6.71 14.94 -30.07
N GLY A 20 6.55 14.45 -28.84
CA GLY A 20 7.55 13.60 -28.24
C GLY A 20 8.65 14.41 -27.57
N ARG A 21 9.46 13.72 -26.76
N ARG A 21 9.43 13.71 -26.75
CA ARG A 21 10.51 14.41 -26.01
CA ARG A 21 10.47 14.34 -25.94
C ARG A 21 11.81 13.62 -25.97
C ARG A 21 11.73 13.47 -25.84
N THR A 22 11.97 12.64 -26.84
CA THR A 22 13.19 11.84 -26.89
C THR A 22 13.99 12.23 -28.13
N PRO A 23 15.29 12.53 -27.98
CA PRO A 23 16.03 13.10 -29.12
C PRO A 23 16.19 12.08 -30.24
N ARG A 24 15.99 12.55 -31.46
CA ARG A 24 16.27 11.74 -32.64
C ARG A 24 17.72 11.93 -33.03
N PRO A 25 18.54 10.87 -33.05
CA PRO A 25 19.94 11.03 -33.49
C PRO A 25 20.00 11.50 -34.94
N ALA A 26 21.02 12.31 -35.24
CA ALA A 26 21.14 12.90 -36.56
C ALA A 26 21.38 11.84 -37.64
N ASP A 27 21.97 10.70 -37.27
CA ASP A 27 22.25 9.62 -38.20
C ASP A 27 21.29 8.44 -38.05
N HIS A 28 20.04 8.73 -37.65
CA HIS A 28 19.03 7.69 -37.47
C HIS A 28 18.83 6.86 -38.73
N ASP A 29 18.69 7.51 -39.89
CA ASP A 29 18.43 6.79 -41.13
C ASP A 29 19.60 5.89 -41.51
N GLU A 30 20.84 6.39 -41.36
CA GLU A 30 22.01 5.57 -41.66
C GLU A 30 22.12 4.40 -40.69
N TYR A 31 21.75 4.62 -39.43
CA TYR A 31 21.78 3.57 -38.43
C TYR A 31 20.92 2.38 -38.84
N TRP A 32 19.71 2.65 -39.32
CA TRP A 32 18.79 1.56 -39.63
C TRP A 32 19.06 0.94 -40.99
N ASP A 33 19.58 1.71 -41.94
CA ASP A 33 20.03 1.12 -43.18
C ASP A 33 21.19 0.16 -42.93
N ARG A 34 22.10 0.55 -42.03
CA ARG A 34 23.19 -0.36 -41.64
C ARG A 34 22.64 -1.58 -40.92
N GLY A 35 21.60 -1.38 -40.09
CA GLY A 35 20.98 -2.52 -39.42
C GLY A 35 20.34 -3.48 -40.40
N LEU A 36 19.59 -2.94 -41.37
CA LEU A 36 18.98 -3.80 -42.37
C LEU A 36 20.03 -4.47 -43.25
N ALA A 37 21.12 -3.76 -43.55
CA ALA A 37 22.20 -4.38 -44.30
C ALA A 37 22.93 -5.45 -43.47
N ASP A 38 23.14 -5.17 -42.18
CA ASP A 38 23.72 -6.18 -41.31
C ASP A 38 22.87 -7.45 -41.30
N LEU A 39 21.54 -7.29 -41.23
CA LEU A 39 20.65 -8.45 -41.21
C LEU A 39 20.75 -9.23 -42.50
N ALA A 40 20.69 -8.54 -43.64
CA ALA A 40 20.70 -9.23 -44.94
C ALA A 40 21.99 -10.01 -45.16
N ALA A 41 23.08 -9.58 -44.52
CA ALA A 41 24.36 -10.28 -44.65
C ALA A 41 24.45 -11.52 -43.79
N VAL A 42 23.49 -11.74 -42.90
CA VAL A 42 23.42 -12.97 -42.10
C VAL A 42 22.41 -13.89 -42.78
N PRO A 43 22.82 -15.05 -43.27
CA PRO A 43 21.86 -15.96 -43.91
C PRO A 43 20.81 -16.41 -42.92
N ALA A 44 19.55 -16.36 -43.35
CA ALA A 44 18.45 -16.63 -42.43
C ALA A 44 18.44 -18.08 -41.98
N ASP A 45 18.80 -19.01 -42.87
CA ASP A 45 18.89 -20.43 -42.55
C ASP A 45 17.57 -20.95 -41.97
N VAL A 46 16.49 -20.70 -42.69
CA VAL A 46 15.17 -21.00 -42.17
C VAL A 46 14.98 -22.50 -42.09
N VAL A 47 14.56 -22.97 -40.92
CA VAL A 47 14.24 -24.36 -40.68
C VAL A 47 12.85 -24.41 -40.08
N ILE A 48 12.00 -25.27 -40.61
CA ILE A 48 10.63 -25.43 -40.13
C ILE A 48 10.54 -26.82 -39.54
N GLU A 49 10.11 -26.91 -38.29
CA GLU A 49 10.12 -28.15 -37.52
C GLU A 49 8.74 -28.45 -36.96
N PRO A 50 8.44 -29.74 -36.78
CA PRO A 50 7.11 -30.14 -36.31
C PRO A 50 6.81 -29.70 -34.89
N ALA A 51 5.54 -29.39 -34.65
CA ALA A 51 5.00 -29.06 -33.34
C ALA A 51 4.16 -30.20 -32.78
N GLU A 52 4.02 -30.24 -31.46
CA GLU A 52 3.23 -31.28 -30.82
C GLU A 52 1.74 -30.98 -30.86
N PHE A 53 1.36 -29.71 -30.83
CA PHE A 53 -0.06 -29.34 -30.84
C PHE A 53 -0.67 -29.73 -32.19
N THR A 54 -1.81 -30.41 -32.14
CA THR A 54 -2.46 -30.89 -33.35
C THR A 54 -3.93 -30.53 -33.32
N THR A 55 -4.48 -30.21 -34.50
CA THR A 55 -5.87 -29.86 -34.70
C THR A 55 -6.17 -29.96 -36.18
N PRO A 56 -7.39 -30.37 -36.57
CA PRO A 56 -7.73 -30.37 -38.00
C PRO A 56 -7.80 -28.99 -38.61
N LEU A 57 -7.73 -27.92 -37.81
CA LEU A 57 -7.91 -26.58 -38.32
C LEU A 57 -6.64 -25.98 -38.93
N ALA A 58 -5.47 -26.54 -38.66
CA ALA A 58 -4.24 -25.87 -39.06
C ALA A 58 -3.06 -26.82 -39.01
N ARG A 59 -2.01 -26.46 -39.74
CA ARG A 59 -0.70 -27.08 -39.64
C ARG A 59 0.15 -26.21 -38.73
N CYS A 60 0.58 -26.76 -37.60
CA CYS A 60 1.31 -26.01 -36.59
C CYS A 60 2.79 -26.41 -36.62
N SER A 61 3.67 -25.41 -36.64
CA SER A 61 5.10 -25.66 -36.79
C SER A 61 5.89 -24.69 -35.94
N HIS A 62 7.12 -25.07 -35.66
CA HIS A 62 8.13 -24.19 -35.07
C HIS A 62 9.02 -23.64 -36.17
N LEU A 63 9.03 -22.31 -36.31
CA LEU A 63 9.84 -21.63 -37.32
C LEU A 63 11.10 -21.10 -36.66
N TRP A 64 12.25 -21.49 -37.20
CA TRP A 64 13.55 -21.08 -36.67
C TRP A 64 14.33 -20.35 -37.75
N PHE A 65 14.99 -19.27 -37.35
CA PHE A 65 15.86 -18.54 -38.27
C PHE A 65 17.00 -17.93 -37.48
N THR A 66 17.99 -17.43 -38.21
CA THR A 66 19.15 -16.79 -37.61
C THR A 66 18.99 -15.28 -37.70
N GLY A 67 19.15 -14.61 -36.55
CA GLY A 67 19.12 -13.17 -36.51
C GLY A 67 20.51 -12.58 -36.35
N THR A 68 20.55 -11.26 -36.23
CA THR A 68 21.82 -10.57 -36.01
C THR A 68 22.42 -11.03 -34.69
N GLY A 69 23.75 -11.03 -34.64
CA GLY A 69 24.46 -11.61 -33.52
C GLY A 69 24.66 -13.11 -33.60
N GLY A 70 24.28 -13.73 -34.70
CA GLY A 70 24.45 -15.17 -34.86
C GLY A 70 23.59 -16.00 -33.92
N VAL A 71 22.37 -15.56 -33.68
CA VAL A 71 21.48 -16.20 -32.71
C VAL A 71 20.31 -16.85 -33.45
N ARG A 72 19.89 -18.01 -32.97
CA ARG A 72 18.70 -18.66 -33.52
C ARG A 72 17.45 -18.14 -32.82
N VAL A 73 16.43 -17.79 -33.61
CA VAL A 73 15.21 -17.17 -33.11
C VAL A 73 14.02 -18.04 -33.51
N HIS A 74 13.02 -18.11 -32.64
CA HIS A 74 11.87 -18.97 -32.83
C HIS A 74 10.59 -18.18 -33.06
N ALA A 75 9.73 -18.73 -33.90
CA ALA A 75 8.37 -18.22 -34.05
C ALA A 75 7.40 -19.38 -34.23
N LYS A 76 6.25 -19.29 -33.56
CA LYS A 76 5.15 -20.20 -33.86
C LYS A 76 4.65 -19.92 -35.27
N LEU A 77 4.37 -20.98 -36.03
CA LEU A 77 3.89 -20.87 -37.40
C LEU A 77 2.65 -21.75 -37.58
N LEU A 78 1.55 -21.14 -37.99
CA LEU A 78 0.30 -21.85 -38.26
C LEU A 78 -0.15 -21.54 -39.68
N ARG A 79 -0.38 -22.60 -40.46
CA ARG A 79 -0.75 -22.52 -41.86
C ARG A 79 -2.04 -23.27 -42.13
N PRO A 80 -2.87 -22.78 -43.05
CA PRO A 80 -4.15 -23.45 -43.33
C PRO A 80 -3.94 -24.79 -44.02
N VAL A 81 -4.87 -25.70 -43.78
CA VAL A 81 -4.80 -27.01 -44.42
C VAL A 81 -5.26 -26.85 -45.86
N ALA A 82 -4.46 -27.38 -46.79
CA ALA A 82 -4.70 -27.31 -48.23
C ALA A 82 -5.03 -25.90 -48.71
N PRO A 83 -4.06 -24.98 -48.76
CA PRO A 83 -4.30 -23.69 -49.41
C PRO A 83 -4.19 -23.88 -50.91
N VAL A 84 -5.02 -23.17 -51.67
CA VAL A 84 -4.99 -23.29 -53.13
C VAL A 84 -4.42 -22.05 -53.81
N GLU A 85 -4.78 -20.87 -53.32
CA GLU A 85 -4.32 -19.62 -53.89
C GLU A 85 -3.59 -18.82 -52.82
N PRO A 86 -2.68 -17.94 -53.23
CA PRO A 86 -1.98 -17.10 -52.26
C PRO A 86 -2.97 -16.31 -51.41
N HIS A 87 -2.68 -16.22 -50.13
CA HIS A 87 -3.66 -15.71 -49.18
C HIS A 87 -2.98 -14.77 -48.18
N PRO A 88 -3.73 -14.08 -47.32
CA PRO A 88 -3.10 -13.16 -46.37
C PRO A 88 -2.30 -13.90 -45.30
N ALA A 89 -1.55 -13.11 -44.54
CA ALA A 89 -0.79 -13.60 -43.40
C ALA A 89 -0.84 -12.57 -42.29
N LEU A 90 -0.66 -13.03 -41.06
CA LEU A 90 -0.70 -12.18 -39.88
C LEU A 90 0.51 -12.45 -39.01
N LEU A 91 1.22 -11.38 -38.64
CA LEU A 91 2.34 -11.47 -37.71
C LEU A 91 1.86 -10.95 -36.36
N GLN A 92 2.13 -11.70 -35.30
CA GLN A 92 1.71 -11.34 -33.95
C GLN A 92 2.92 -11.25 -33.04
N PHE A 93 2.91 -10.25 -32.16
CA PHE A 93 4.02 -10.00 -31.25
C PHE A 93 3.48 -9.89 -29.83
N HIS A 94 4.23 -10.43 -28.87
CA HIS A 94 3.72 -10.65 -27.53
C HIS A 94 4.25 -9.59 -26.55
N GLY A 95 3.71 -9.64 -25.32
CA GLY A 95 4.03 -8.67 -24.31
C GLY A 95 5.36 -8.91 -23.61
N TYR A 96 5.81 -7.89 -22.90
CA TYR A 96 7.14 -7.90 -22.28
C TYR A 96 7.23 -9.01 -21.22
N THR A 97 8.26 -9.85 -21.35
CA THR A 97 8.55 -11.03 -20.55
C THR A 97 7.62 -12.22 -20.83
N GLY A 98 6.65 -12.08 -21.71
CA GLY A 98 5.75 -13.17 -22.08
C GLY A 98 6.28 -14.01 -23.22
N ASN A 99 5.37 -14.71 -23.89
CA ASN A 99 5.72 -15.50 -25.08
C ASN A 99 4.55 -15.46 -26.04
N SER A 100 4.69 -16.17 -27.16
CA SER A 100 3.69 -16.13 -28.23
C SER A 100 2.35 -16.72 -27.82
N GLY A 101 2.26 -17.42 -26.69
CA GLY A 101 0.97 -17.83 -26.17
C GLY A 101 0.44 -19.13 -26.76
N ASP A 102 -0.85 -19.36 -26.49
CA ASP A 102 -1.47 -20.63 -26.84
C ASP A 102 -1.72 -20.72 -28.35
N TRP A 103 -1.50 -21.91 -28.90
CA TRP A 103 -1.77 -22.15 -30.32
C TRP A 103 -3.21 -21.84 -30.70
N SER A 104 -4.16 -22.23 -29.85
CA SER A 104 -5.57 -22.16 -30.19
C SER A 104 -6.13 -20.74 -30.17
N SER A 105 -5.38 -19.77 -29.64
CA SER A 105 -5.90 -18.41 -29.59
C SER A 105 -5.92 -17.72 -30.96
N ARG A 106 -5.29 -18.29 -31.98
CA ARG A 106 -5.29 -17.67 -33.30
C ARG A 106 -5.76 -18.63 -34.40
N LEU A 107 -6.39 -19.75 -34.03
CA LEU A 107 -6.90 -20.68 -35.02
C LEU A 107 -8.01 -20.09 -35.88
N HIS A 108 -8.73 -19.08 -35.39
CA HIS A 108 -9.79 -18.50 -36.21
C HIS A 108 -9.24 -17.70 -37.39
N TYR A 109 -8.05 -17.12 -37.24
CA TYR A 109 -7.42 -16.47 -38.38
C TYR A 109 -7.00 -17.49 -39.43
N VAL A 110 -6.51 -18.65 -39.00
CA VAL A 110 -6.19 -19.72 -39.94
C VAL A 110 -7.45 -20.19 -40.65
N ALA A 111 -8.57 -20.24 -39.93
CA ALA A 111 -9.83 -20.65 -40.54
C ALA A 111 -10.29 -19.66 -41.62
N LEU A 112 -9.95 -18.38 -41.49
CA LEU A 112 -10.17 -17.41 -42.57
C LEU A 112 -9.28 -17.66 -43.77
N GLY A 113 -8.27 -18.51 -43.65
CA GLY A 113 -7.32 -18.76 -44.72
C GLY A 113 -5.96 -18.11 -44.53
N TYR A 114 -5.68 -17.52 -43.37
CA TYR A 114 -4.42 -16.82 -43.16
C TYR A 114 -3.34 -17.76 -42.65
N THR A 115 -2.09 -17.44 -43.00
CA THR A 115 -0.94 -17.94 -42.26
C THR A 115 -0.69 -16.99 -41.10
N VAL A 116 -0.37 -17.55 -39.93
CA VAL A 116 -0.10 -16.75 -38.74
C VAL A 116 1.28 -17.12 -38.21
N ALA A 117 2.10 -16.11 -37.97
CA ALA A 117 3.41 -16.29 -37.37
C ALA A 117 3.49 -15.42 -36.13
N ALA A 118 3.95 -16.00 -35.02
CA ALA A 118 4.02 -15.30 -33.74
C ALA A 118 5.43 -15.42 -33.20
N LEU A 119 6.14 -14.30 -33.14
CA LEU A 119 7.54 -14.29 -32.74
C LEU A 119 7.69 -14.50 -31.23
N ASP A 120 8.71 -15.26 -30.84
CA ASP A 120 9.16 -15.33 -29.46
C ASP A 120 10.37 -14.42 -29.29
N CYS A 121 10.26 -13.42 -28.42
CA CYS A 121 11.38 -12.50 -28.22
C CYS A 121 12.52 -13.16 -27.49
N ARG A 122 13.76 -12.80 -27.87
CA ARG A 122 14.97 -13.37 -27.30
C ARG A 122 15.00 -13.21 -25.78
N GLY A 123 15.24 -14.33 -25.09
CA GLY A 123 15.43 -14.33 -23.65
C GLY A 123 14.16 -14.22 -22.83
N GLN A 124 13.00 -14.07 -23.46
CA GLN A 124 11.76 -13.95 -22.71
C GLN A 124 11.19 -15.36 -22.51
N ALA A 125 9.88 -15.48 -22.29
CA ALA A 125 9.31 -16.74 -21.81
C ALA A 125 9.17 -17.80 -22.90
N GLY A 126 9.60 -17.55 -24.13
CA GLY A 126 9.40 -18.47 -25.23
C GLY A 126 10.60 -19.33 -25.51
N LEU A 127 10.74 -19.73 -26.77
CA LEU A 127 11.77 -20.68 -27.19
C LEU A 127 13.02 -20.02 -27.74
N SER A 128 13.04 -18.69 -27.87
CA SER A 128 14.23 -17.97 -28.30
C SER A 128 15.11 -17.77 -27.08
N VAL A 129 16.17 -18.59 -26.97
CA VAL A 129 17.03 -18.58 -25.80
C VAL A 129 18.46 -18.19 -26.14
N GLY A 130 18.68 -17.66 -27.35
CA GLY A 130 20.00 -17.26 -27.77
C GLY A 130 20.27 -15.80 -27.45
N GLU A 131 21.42 -15.53 -26.87
CA GLU A 131 21.80 -14.22 -26.38
C GLU A 131 22.97 -13.69 -27.19
N ALA A 132 22.81 -12.50 -27.76
CA ALA A 132 23.91 -11.83 -28.43
C ALA A 132 24.79 -11.14 -27.40
N PRO A 133 26.11 -11.25 -27.53
CA PRO A 133 27.01 -10.65 -26.54
C PRO A 133 27.10 -9.14 -26.67
N VAL A 134 27.54 -8.51 -25.58
CA VAL A 134 27.81 -7.08 -25.53
C VAL A 134 29.19 -6.88 -24.91
N GLU A 135 29.77 -5.70 -25.15
CA GLU A 135 31.06 -5.39 -24.51
C GLU A 135 30.88 -5.11 -23.02
N ASN A 136 29.81 -4.39 -22.67
CA ASN A 136 29.56 -3.93 -21.31
C ASN A 136 28.21 -4.48 -20.87
N TRP A 137 28.23 -5.43 -19.96
CA TRP A 137 27.01 -6.06 -19.48
C TRP A 137 26.58 -5.40 -18.18
N SER A 138 25.34 -4.93 -18.14
CA SER A 138 24.70 -4.48 -16.91
C SER A 138 23.41 -5.26 -16.71
N MET A 139 23.26 -5.84 -15.52
CA MET A 139 22.05 -6.57 -15.15
C MET A 139 20.88 -5.63 -14.84
N ALA A 140 21.10 -4.32 -14.85
CA ALA A 140 20.07 -3.40 -14.40
C ALA A 140 18.87 -3.37 -15.33
N SER A 141 19.07 -3.58 -16.62
CA SER A 141 18.01 -3.32 -17.60
C SER A 141 18.26 -4.13 -18.86
N TYR A 142 17.26 -4.94 -19.26
CA TYR A 142 17.31 -5.54 -20.58
C TYR A 142 17.06 -4.50 -21.67
N LEU A 143 16.14 -3.56 -21.44
CA LEU A 143 15.84 -2.56 -22.45
C LEU A 143 17.07 -1.75 -22.83
N LEU A 144 17.95 -1.50 -21.86
CA LEU A 144 19.14 -0.71 -22.12
C LEU A 144 20.38 -1.57 -22.36
N ARG A 145 20.20 -2.87 -22.57
CA ARG A 145 21.34 -3.75 -22.82
C ARG A 145 22.11 -3.29 -24.07
N GLY A 146 23.41 -3.09 -23.92
CA GLY A 146 24.24 -2.62 -25.01
C GLY A 146 24.45 -1.11 -25.07
N ILE A 147 23.87 -0.35 -24.13
CA ILE A 147 23.92 1.11 -24.20
C ILE A 147 25.32 1.66 -23.96
N ASP A 148 26.19 0.90 -23.32
CA ASP A 148 27.53 1.37 -22.98
C ASP A 148 28.61 0.86 -23.91
N ASP A 149 28.24 0.21 -25.00
CA ASP A 149 29.23 -0.28 -25.95
C ASP A 149 29.79 0.88 -26.78
N ASP A 150 30.95 0.63 -27.39
CA ASP A 150 31.65 1.69 -28.11
C ASP A 150 30.78 2.29 -29.22
N ALA A 151 30.20 1.44 -30.06
CA ALA A 151 29.22 1.87 -31.04
C ALA A 151 27.83 1.51 -30.55
N ALA A 152 26.83 2.08 -31.22
CA ALA A 152 25.44 1.90 -30.83
C ALA A 152 24.79 0.69 -31.50
N ASP A 153 25.56 -0.14 -32.21
CA ASP A 153 24.99 -1.26 -32.96
C ASP A 153 24.78 -2.52 -32.14
N ASN A 154 25.18 -2.53 -30.87
CA ASN A 154 25.01 -3.71 -30.03
C ASN A 154 23.82 -3.61 -29.10
N LEU A 155 22.93 -2.64 -29.32
CA LEU A 155 21.73 -2.52 -28.50
C LEU A 155 20.85 -3.75 -28.64
N ALA A 156 20.41 -4.29 -27.50
CA ALA A 156 19.57 -5.47 -27.54
C ALA A 156 18.27 -5.22 -28.31
N LEU A 157 17.68 -4.03 -28.15
CA LEU A 157 16.42 -3.73 -28.82
C LEU A 157 16.58 -3.63 -30.33
N ARG A 158 17.77 -3.28 -30.81
CA ARG A 158 18.02 -3.27 -32.24
C ARG A 158 17.98 -4.69 -32.81
N HIS A 159 18.59 -5.65 -32.11
CA HIS A 159 18.45 -7.05 -32.51
C HIS A 159 16.99 -7.48 -32.52
N LEU A 160 16.23 -7.04 -31.52
CA LEU A 160 14.82 -7.43 -31.44
C LEU A 160 14.04 -6.88 -32.63
N PHE A 161 14.25 -5.59 -32.96
CA PHE A 161 13.56 -4.98 -34.09
C PHE A 161 13.93 -5.66 -35.40
N LEU A 162 15.21 -6.02 -35.57
CA LEU A 162 15.60 -6.71 -36.79
C LEU A 162 15.05 -8.12 -36.86
N ASP A 163 14.77 -8.73 -35.70
CA ASP A 163 14.10 -10.03 -35.70
C ASP A 163 12.70 -9.93 -36.31
N THR A 164 11.97 -8.87 -35.98
CA THR A 164 10.65 -8.68 -36.58
C THR A 164 10.76 -8.44 -38.08
N ALA A 165 11.78 -7.70 -38.51
CA ALA A 165 11.99 -7.48 -39.93
C ALA A 165 12.27 -8.78 -40.66
N ARG A 166 13.12 -9.65 -40.08
CA ARG A 166 13.41 -10.93 -40.72
C ARG A 166 12.17 -11.81 -40.80
N LEU A 167 11.39 -11.88 -39.71
CA LEU A 167 10.16 -12.68 -39.75
C LEU A 167 9.23 -12.18 -40.85
N ALA A 168 9.05 -10.87 -40.97
CA ALA A 168 8.21 -10.34 -42.03
C ALA A 168 8.77 -10.70 -43.40
N GLN A 169 10.09 -10.59 -43.56
CA GLN A 169 10.72 -10.95 -44.83
C GLN A 169 10.50 -12.42 -45.17
N ILE A 170 10.65 -13.30 -44.17
CA ILE A 170 10.45 -14.73 -44.39
C ILE A 170 9.00 -15.03 -44.75
N VAL A 171 8.06 -14.44 -44.01
CA VAL A 171 6.65 -14.75 -44.23
C VAL A 171 6.18 -14.20 -45.57
N LEU A 172 6.62 -12.99 -45.91
CA LEU A 172 6.24 -12.38 -47.18
C LEU A 172 6.74 -13.22 -48.36
N ALA A 173 7.91 -13.84 -48.21
CA ALA A 173 8.50 -14.61 -49.30
C ALA A 173 7.89 -15.98 -49.46
N MET A 174 7.02 -16.42 -48.55
CA MET A 174 6.39 -17.73 -48.70
C MET A 174 5.51 -17.74 -49.95
N ASP A 175 5.56 -18.86 -50.69
CA ASP A 175 4.87 -18.95 -51.97
C ASP A 175 3.36 -18.85 -51.80
N ASP A 176 2.83 -19.37 -50.69
CA ASP A 176 1.42 -19.39 -50.38
C ASP A 176 0.90 -18.04 -49.90
N VAL A 177 1.77 -17.06 -49.69
CA VAL A 177 1.41 -15.81 -49.04
C VAL A 177 1.45 -14.70 -50.09
N ASP A 178 0.33 -14.01 -50.23
CA ASP A 178 0.26 -12.83 -51.08
C ASP A 178 1.05 -11.71 -50.40
N PRO A 179 2.17 -11.26 -50.97
CA PRO A 179 3.02 -10.27 -50.27
C PRO A 179 2.35 -8.94 -50.06
N ASP A 180 1.20 -8.69 -50.66
CA ASP A 180 0.50 -7.43 -50.50
C ASP A 180 -0.56 -7.46 -49.40
N ARG A 181 -0.72 -8.60 -48.72
CA ARG A 181 -1.83 -8.78 -47.79
C ARG A 181 -1.35 -9.36 -46.46
N VAL A 182 -0.31 -8.76 -45.90
CA VAL A 182 0.24 -9.19 -44.62
C VAL A 182 0.00 -8.11 -43.58
N ALA A 183 -0.40 -8.51 -42.39
CA ALA A 183 -0.70 -7.59 -41.30
C ALA A 183 0.13 -7.94 -40.07
N ALA A 184 0.18 -7.00 -39.13
CA ALA A 184 0.84 -7.18 -37.86
C ALA A 184 -0.04 -6.63 -36.75
N THR A 185 0.05 -7.26 -35.57
CA THR A 185 -0.73 -6.81 -34.41
C THR A 185 -0.05 -7.32 -33.14
N GLY A 186 -0.33 -6.63 -32.03
CA GLY A 186 0.22 -6.99 -30.74
C GLY A 186 -0.12 -6.02 -29.63
N TYR A 187 0.03 -6.47 -28.38
CA TYR A 187 -0.26 -5.67 -27.19
C TYR A 187 1.03 -5.26 -26.49
N SER A 188 1.07 -4.00 -26.04
CA SER A 188 2.13 -3.49 -25.17
C SER A 188 3.47 -3.59 -25.91
N GLN A 189 4.44 -4.37 -25.43
CA GLN A 189 5.64 -4.59 -26.21
C GLN A 189 5.30 -5.09 -27.62
N GLY A 190 4.28 -5.95 -27.73
CA GLY A 190 3.86 -6.40 -29.04
C GLY A 190 3.29 -5.29 -29.89
N GLY A 191 2.73 -4.26 -29.26
CA GLY A 191 2.27 -3.10 -30.01
C GLY A 191 3.42 -2.29 -30.58
N GLY A 192 4.47 -2.08 -29.78
CA GLY A 192 5.64 -1.39 -30.28
C GLY A 192 6.37 -2.18 -31.35
N LEU A 193 6.46 -3.50 -31.19
CA LEU A 193 7.08 -4.33 -32.20
C LEU A 193 6.27 -4.36 -33.48
N THR A 194 4.94 -4.27 -33.37
CA THR A 194 4.09 -4.16 -34.55
C THR A 194 4.48 -2.95 -35.40
N LEU A 195 4.72 -1.80 -34.76
CA LEU A 195 5.08 -0.60 -35.48
C LEU A 195 6.52 -0.66 -36.00
N ALA A 196 7.43 -1.19 -35.20
CA ALA A 196 8.80 -1.38 -35.67
C ALA A 196 8.84 -2.30 -36.89
N CYS A 197 8.03 -3.36 -36.87
CA CYS A 197 7.96 -4.29 -37.99
C CYS A 197 7.41 -3.62 -39.25
N ALA A 198 6.29 -2.91 -39.12
CA ALA A 198 5.71 -2.23 -40.27
C ALA A 198 6.60 -1.10 -40.77
N ALA A 199 7.52 -0.61 -39.93
CA ALA A 199 8.44 0.43 -40.38
C ALA A 199 9.63 -0.16 -41.12
N LEU A 200 10.18 -1.27 -40.63
CA LEU A 200 11.34 -1.87 -41.26
C LEU A 200 10.97 -2.77 -42.43
N GLU A 201 9.71 -3.17 -42.52
CA GLU A 201 9.19 -3.85 -43.71
C GLU A 201 7.97 -3.10 -44.19
N PRO A 202 8.17 -2.02 -44.96
CA PRO A 202 7.04 -1.14 -45.33
C PRO A 202 5.98 -1.82 -46.19
N ARG A 203 6.23 -3.03 -46.68
CA ARG A 203 5.21 -3.74 -47.45
C ARG A 203 4.01 -4.14 -46.59
N ILE A 204 4.13 -4.10 -45.27
CA ILE A 204 3.03 -4.53 -44.41
C ILE A 204 1.83 -3.63 -44.67
N ARG A 205 0.66 -4.25 -44.79
CA ARG A 205 -0.54 -3.55 -45.24
C ARG A 205 -1.36 -2.97 -44.09
N LEU A 206 -1.58 -3.73 -43.03
CA LEU A 206 -2.36 -3.28 -41.88
C LEU A 206 -1.58 -3.53 -40.59
N ALA A 207 -1.80 -2.67 -39.60
CA ALA A 207 -1.14 -2.80 -38.31
C ALA A 207 -2.11 -2.40 -37.21
N ALA A 208 -2.21 -3.22 -36.17
CA ALA A 208 -3.17 -2.99 -35.09
C ALA A 208 -2.47 -3.13 -33.74
N PRO A 209 -1.73 -2.10 -33.33
CA PRO A 209 -1.10 -2.11 -32.01
C PRO A 209 -2.08 -1.68 -30.92
N VAL A 210 -1.89 -2.25 -29.74
CA VAL A 210 -2.67 -1.89 -28.55
C VAL A 210 -1.69 -1.42 -27.48
N TYR A 211 -1.99 -0.25 -26.89
CA TYR A 211 -1.12 0.57 -26.03
C TYR A 211 0.36 0.22 -26.18
N PRO A 212 0.97 0.62 -27.30
CA PRO A 212 2.33 0.15 -27.60
C PRO A 212 3.37 0.65 -26.60
N PHE A 213 4.32 -0.23 -26.32
CA PHE A 213 5.47 0.00 -25.47
C PHE A 213 6.67 0.34 -26.36
N LEU A 214 7.76 0.80 -25.73
CA LEU A 214 9.02 1.16 -26.40
C LEU A 214 8.91 2.48 -27.18
N CYS A 215 8.13 3.43 -26.69
CA CYS A 215 8.04 4.76 -27.30
C CYS A 215 8.44 5.84 -26.30
N ASP A 216 9.14 6.86 -26.79
CA ASP A 216 9.35 8.10 -26.04
C ASP A 216 9.98 7.84 -24.68
N PHE A 217 11.15 7.18 -24.71
CA PHE A 217 11.80 6.75 -23.48
C PHE A 217 11.98 7.89 -22.49
N ARG A 218 12.41 9.06 -22.98
CA ARG A 218 12.73 10.16 -22.07
C ARG A 218 11.48 10.77 -21.44
N ARG A 219 10.36 10.79 -22.18
CA ARG A 219 9.09 11.20 -21.57
C ARG A 219 8.68 10.23 -20.47
N ALA A 220 8.83 8.93 -20.71
CA ALA A 220 8.51 7.95 -19.68
C ALA A 220 9.37 8.13 -18.44
N TRP A 221 10.67 8.36 -18.62
CA TRP A 221 11.54 8.55 -17.47
C TRP A 221 11.18 9.81 -16.69
N GLU A 222 10.87 10.91 -17.39
CA GLU A 222 10.58 12.16 -16.72
CA GLU A 222 10.59 12.16 -16.70
C GLU A 222 9.30 12.12 -15.90
N MET A 223 8.39 11.20 -16.21
CA MET A 223 7.10 11.15 -15.53
C MET A 223 7.16 10.47 -14.17
N ASP A 224 8.23 9.73 -13.88
CA ASP A 224 8.40 9.06 -12.59
C ASP A 224 7.17 8.21 -12.25
N LEU A 225 7.10 7.09 -12.96
CA LEU A 225 5.98 6.17 -12.86
C LEU A 225 6.25 5.19 -11.72
N GLU A 226 5.18 4.81 -11.00
CA GLU A 226 5.37 3.93 -9.85
C GLU A 226 5.85 2.54 -10.29
N LYS A 227 5.13 1.92 -11.22
CA LYS A 227 5.40 0.55 -11.63
C LYS A 227 5.58 0.48 -13.14
N GLY A 228 6.09 -0.66 -13.60
CA GLY A 228 6.16 -0.94 -15.01
C GLY A 228 7.57 -0.98 -15.55
N PRO A 229 7.71 -1.54 -16.77
CA PRO A 229 9.06 -1.76 -17.33
C PRO A 229 9.81 -0.48 -17.67
N TYR A 230 9.15 0.66 -17.82
CA TYR A 230 9.90 1.90 -18.05
C TYR A 230 10.79 2.24 -16.86
N ASN A 231 10.51 1.69 -15.68
CA ASN A 231 11.38 1.92 -14.53
C ASN A 231 12.76 1.31 -14.70
N GLU A 232 12.97 0.46 -15.70
CA GLU A 232 14.32 -0.05 -15.98
C GLU A 232 15.28 1.07 -16.30
N ILE A 233 14.78 2.17 -16.87
CA ILE A 233 15.66 3.30 -17.16
C ILE A 233 16.21 3.88 -15.87
N THR A 234 15.33 4.11 -14.89
CA THR A 234 15.78 4.62 -13.61
C THR A 234 16.72 3.63 -12.93
N THR A 235 16.41 2.34 -13.01
CA THR A 235 17.26 1.33 -12.40
C THR A 235 18.65 1.35 -13.01
N TYR A 236 18.75 1.54 -14.32
CA TYR A 236 20.05 1.61 -14.97
C TYR A 236 20.83 2.83 -14.48
N PHE A 237 20.17 4.00 -14.44
CA PHE A 237 20.83 5.21 -13.98
C PHE A 237 21.33 5.06 -12.54
N ARG A 238 20.52 4.46 -11.67
CA ARG A 238 20.92 4.29 -10.29
C ARG A 238 22.16 3.41 -10.15
N ALA A 239 22.33 2.45 -11.07
CA ALA A 239 23.45 1.53 -11.03
C ALA A 239 24.70 2.10 -11.70
N ARG A 240 24.56 2.65 -12.90
CA ARG A 240 25.71 2.96 -13.75
C ARG A 240 25.93 4.44 -14.04
N ASP A 241 25.03 5.34 -13.60
CA ASP A 241 25.25 6.78 -13.76
C ASP A 241 24.43 7.58 -12.76
N PRO A 242 24.70 7.43 -11.45
CA PRO A 242 23.78 8.01 -10.45
C PRO A 242 23.70 9.53 -10.47
N ARG A 243 24.72 10.22 -10.97
CA ARG A 243 24.71 11.67 -11.09
C ARG A 243 24.27 12.16 -12.48
N HIS A 244 23.92 11.24 -13.38
CA HIS A 244 23.43 11.60 -14.72
C HIS A 244 24.46 12.40 -15.52
N LEU A 245 25.75 12.06 -15.34
CA LEU A 245 26.78 12.74 -16.11
C LEU A 245 26.71 12.38 -17.59
N ARG A 246 26.11 11.23 -17.93
CA ARG A 246 25.99 10.76 -19.30
C ARG A 246 24.55 10.75 -19.78
N GLU A 247 23.69 11.58 -19.17
CA GLU A 247 22.26 11.56 -19.49
C GLU A 247 22.00 11.78 -20.97
N GLU A 248 22.69 12.75 -21.58
CA GLU A 248 22.41 13.05 -22.98
C GLU A 248 22.83 11.91 -23.90
N GLU A 249 23.97 11.27 -23.60
CA GLU A 249 24.43 10.17 -24.43
C GLU A 249 23.52 8.95 -24.31
N ILE A 250 22.98 8.70 -23.11
CA ILE A 250 22.09 7.57 -22.91
C ILE A 250 20.79 7.77 -23.68
N PHE A 251 20.19 8.95 -23.56
CA PHE A 251 18.90 9.18 -24.22
C PHE A 251 19.05 9.37 -25.73
N SER A 252 20.19 9.90 -26.18
CA SER A 252 20.41 9.98 -27.62
C SER A 252 20.56 8.60 -28.23
N ARG A 253 21.13 7.64 -27.49
CA ARG A 253 21.25 6.29 -28.03
C ARG A 253 19.94 5.53 -27.98
N LEU A 254 19.16 5.74 -26.91
CA LEU A 254 17.81 5.18 -26.88
C LEU A 254 16.96 5.72 -28.02
N GLY A 255 17.29 6.92 -28.52
CA GLY A 255 16.59 7.46 -29.67
C GLY A 255 16.70 6.59 -30.90
N TYR A 256 17.76 5.79 -31.00
CA TYR A 256 17.88 4.86 -32.12
C TYR A 256 16.79 3.79 -32.08
N VAL A 257 16.41 3.36 -30.88
CA VAL A 257 15.44 2.27 -30.73
C VAL A 257 14.09 2.78 -30.21
N ASP A 258 13.84 4.08 -30.36
CA ASP A 258 12.55 4.65 -30.02
C ASP A 258 11.60 4.47 -31.21
N VAL A 259 10.46 3.81 -30.97
CA VAL A 259 9.54 3.50 -32.05
C VAL A 259 9.00 4.77 -32.71
N GLN A 260 8.96 5.88 -31.97
CA GLN A 260 8.43 7.13 -32.52
C GLN A 260 9.26 7.65 -33.68
N HIS A 261 10.56 7.34 -33.71
CA HIS A 261 11.42 7.79 -34.80
C HIS A 261 11.47 6.80 -35.96
N LEU A 262 10.96 5.59 -35.77
CA LEU A 262 10.73 4.68 -36.89
C LEU A 262 9.37 4.85 -37.54
N ALA A 263 8.43 5.45 -36.82
CA ALA A 263 7.06 5.62 -37.31
C ALA A 263 6.93 6.29 -38.67
N PRO A 264 7.74 7.29 -39.04
CA PRO A 264 7.58 7.88 -40.40
C PRO A 264 7.79 6.90 -41.53
N ARG A 265 8.52 5.80 -41.31
CA ARG A 265 8.72 4.79 -42.35
C ARG A 265 7.49 3.92 -42.57
N VAL A 266 6.53 3.93 -41.65
CA VAL A 266 5.37 3.05 -41.76
C VAL A 266 4.52 3.48 -42.95
N ARG A 267 4.11 2.52 -43.77
CA ARG A 267 3.15 2.77 -44.83
C ARG A 267 1.82 2.05 -44.60
N ALA A 268 1.77 1.10 -43.68
CA ALA A 268 0.55 0.39 -43.36
C ALA A 268 -0.53 1.34 -42.84
N GLU A 269 -1.78 0.96 -43.06
CA GLU A 269 -2.88 1.57 -42.33
C GLU A 269 -2.86 1.06 -40.89
N VAL A 270 -2.92 1.97 -39.92
CA VAL A 270 -2.75 1.65 -38.51
C VAL A 270 -4.05 1.89 -37.77
N LEU A 271 -4.45 0.94 -36.94
CA LEU A 271 -5.54 1.10 -35.98
C LEU A 271 -4.98 0.91 -34.58
N MET A 272 -4.85 2.00 -33.85
CA MET A 272 -4.23 2.00 -32.53
C MET A 272 -5.27 2.13 -31.43
N THR A 273 -5.17 1.25 -30.43
CA THR A 273 -6.06 1.29 -29.28
C THR A 273 -5.30 1.83 -28.08
N VAL A 274 -5.91 2.77 -27.36
CA VAL A 274 -5.30 3.42 -26.21
C VAL A 274 -6.32 3.50 -25.09
N SER A 275 -5.88 3.17 -23.88
CA SER A 275 -6.65 3.40 -22.67
C SER A 275 -6.01 4.54 -21.89
N LEU A 276 -6.85 5.46 -21.41
CA LEU A 276 -6.35 6.73 -20.90
C LEU A 276 -5.90 6.69 -19.45
N ALA A 277 -6.30 5.67 -18.69
CA ALA A 277 -5.82 5.50 -17.33
C ALA A 277 -4.59 4.59 -17.26
N ASP A 278 -3.90 4.39 -18.38
CA ASP A 278 -2.76 3.48 -18.45
C ASP A 278 -1.52 4.18 -17.89
N LYS A 279 -1.01 3.69 -16.77
CA LYS A 279 0.21 4.22 -16.18
CA LYS A 279 0.20 4.20 -16.16
C LYS A 279 1.42 3.32 -16.44
N ILE A 280 1.26 2.27 -17.25
CA ILE A 280 2.38 1.45 -17.70
C ILE A 280 2.93 1.97 -19.02
N CYS A 281 2.04 2.24 -19.97
CA CYS A 281 2.35 2.92 -21.22
C CYS A 281 1.52 4.19 -21.26
N PRO A 282 2.05 5.31 -20.78
CA PRO A 282 1.26 6.55 -20.73
C PRO A 282 0.83 6.95 -22.14
N PRO A 283 -0.41 7.42 -22.29
CA PRO A 283 -0.90 7.77 -23.63
C PRO A 283 0.02 8.74 -24.38
N SER A 284 0.68 9.66 -23.68
CA SER A 284 1.56 10.62 -24.34
C SER A 284 2.70 9.91 -25.06
N THR A 285 3.28 8.86 -24.45
CA THR A 285 4.36 8.15 -25.13
C THR A 285 3.84 7.46 -26.38
N GLN A 286 2.61 6.96 -26.33
CA GLN A 286 2.04 6.28 -27.49
C GLN A 286 1.75 7.27 -28.62
N PHE A 287 1.19 8.44 -28.31
CA PHE A 287 0.85 9.36 -29.38
C PHE A 287 2.08 10.04 -29.97
N ALA A 288 3.20 10.06 -29.24
CA ALA A 288 4.46 10.49 -29.85
C ALA A 288 4.76 9.69 -31.11
N ALA A 289 4.51 8.38 -31.08
CA ALA A 289 4.72 7.55 -32.26
C ALA A 289 3.56 7.66 -33.24
N TYR A 290 2.32 7.62 -32.73
CA TYR A 290 1.15 7.71 -33.58
C TYR A 290 1.19 8.96 -34.46
N ASN A 291 1.55 10.10 -33.86
CA ASN A 291 1.52 11.36 -34.59
C ASN A 291 2.56 11.41 -35.71
N LYS A 292 3.57 10.56 -35.66
CA LYS A 292 4.61 10.54 -36.68
C LYS A 292 4.42 9.43 -37.71
N LEU A 293 3.29 8.72 -37.67
CA LEU A 293 3.07 7.61 -38.59
C LEU A 293 3.02 8.10 -40.03
N GLY A 294 3.61 7.33 -40.95
CA GLY A 294 3.68 7.70 -42.34
C GLY A 294 2.56 7.21 -43.24
N GLY A 295 1.54 6.54 -42.69
CA GLY A 295 0.43 6.06 -43.49
C GLY A 295 -0.91 6.51 -42.90
N PRO A 296 -2.01 6.03 -43.46
CA PRO A 296 -3.32 6.32 -42.86
C PRO A 296 -3.40 5.70 -41.47
N LYS A 297 -4.23 6.31 -40.62
CA LYS A 297 -4.23 5.92 -39.21
C LYS A 297 -5.54 6.33 -38.56
N ASP A 298 -5.92 5.58 -37.53
CA ASP A 298 -7.07 5.88 -36.68
C ASP A 298 -6.81 5.31 -35.30
N TYR A 299 -7.52 5.82 -34.30
CA TYR A 299 -7.33 5.40 -32.93
C TYR A 299 -8.68 5.08 -32.27
N ARG A 300 -8.61 4.29 -31.19
CA ARG A 300 -9.75 3.94 -30.36
C ARG A 300 -9.38 4.19 -28.90
N LEU A 301 -10.25 4.87 -28.16
CA LEU A 301 -9.93 5.26 -26.79
C LEU A 301 -10.83 4.54 -25.79
N TYR A 302 -10.23 4.19 -24.63
CA TYR A 302 -10.93 3.60 -23.47
C TYR A 302 -10.61 4.47 -22.27
N PRO A 303 -11.45 5.45 -21.96
CA PRO A 303 -11.07 6.45 -20.94
C PRO A 303 -10.84 5.91 -19.54
N ASP A 304 -11.60 4.91 -19.11
CA ASP A 304 -11.53 4.45 -17.73
C ASP A 304 -10.67 3.19 -17.55
N PHE A 305 -9.89 2.81 -18.54
CA PHE A 305 -9.15 1.57 -18.44
C PHE A 305 -7.65 1.83 -18.33
N ALA A 306 -6.97 0.86 -17.74
CA ALA A 306 -5.52 0.91 -17.63
C ALA A 306 -4.90 -0.14 -18.54
N HIS A 307 -3.82 -0.78 -18.09
CA HIS A 307 -3.09 -1.78 -18.88
C HIS A 307 -3.71 -3.15 -18.62
N GLU A 308 -4.82 -3.40 -19.30
CA GLU A 308 -5.66 -4.56 -19.02
C GLU A 308 -6.43 -4.94 -20.28
N THR A 309 -7.29 -5.94 -20.15
CA THR A 309 -8.20 -6.32 -21.23
C THR A 309 -9.15 -5.17 -21.55
N LEU A 310 -9.33 -4.90 -22.84
CA LEU A 310 -10.18 -3.80 -23.30
C LEU A 310 -11.38 -4.41 -24.03
N PRO A 311 -12.55 -4.49 -23.39
CA PRO A 311 -13.66 -5.25 -24.00
C PRO A 311 -14.07 -4.67 -25.35
N GLY A 312 -14.14 -5.56 -26.35
CA GLY A 312 -14.51 -5.20 -27.70
C GLY A 312 -13.34 -5.01 -28.65
N THR A 313 -12.11 -4.94 -28.14
CA THR A 313 -10.97 -4.62 -28.99
C THR A 313 -10.60 -5.78 -29.90
N ASP A 314 -10.72 -7.01 -29.40
CA ASP A 314 -10.39 -8.16 -30.24
C ASP A 314 -11.38 -8.28 -31.41
N ASP A 315 -12.65 -7.97 -31.16
CA ASP A 315 -13.60 -7.91 -32.26
C ASP A 315 -13.27 -6.77 -33.22
N ALA A 316 -12.90 -5.60 -32.68
CA ALA A 316 -12.53 -4.49 -33.55
C ALA A 316 -11.33 -4.84 -34.41
N ILE A 317 -10.32 -5.49 -33.83
CA ILE A 317 -9.14 -5.89 -34.59
C ILE A 317 -9.50 -6.97 -35.61
N PHE A 318 -10.35 -7.92 -35.20
CA PHE A 318 -10.75 -8.99 -36.12
C PHE A 318 -11.48 -8.42 -37.33
N THR A 319 -12.42 -7.50 -37.09
CA THR A 319 -13.10 -6.84 -38.21
C THR A 319 -12.13 -6.02 -39.05
N PHE A 320 -11.19 -5.33 -38.38
CA PHE A 320 -10.16 -4.57 -39.11
C PHE A 320 -9.31 -5.49 -39.99
N LEU A 321 -8.94 -6.66 -39.48
CA LEU A 321 -8.08 -7.57 -40.21
C LEU A 321 -8.83 -8.41 -41.24
N GLN A 322 -10.17 -8.42 -41.20
CA GLN A 322 -10.93 -9.12 -42.22
C GLN A 322 -10.85 -8.44 -43.58
N GLY A 323 -10.55 -7.14 -43.62
CA GLY A 323 -10.35 -6.42 -44.85
C GLY A 323 -9.02 -6.65 -45.54
N LEU A 324 -8.28 -7.66 -45.14
CA LEU A 324 -6.99 -7.97 -45.73
C LEU A 324 -7.16 -8.57 -47.13
N HIS B 1 7.57 24.31 -21.84
CA HIS B 1 6.84 23.21 -21.21
C HIS B 1 7.75 22.38 -20.31
N VAL B 2 7.38 22.25 -19.04
CA VAL B 2 8.15 21.46 -18.09
C VAL B 2 7.26 20.33 -17.57
N PRO B 3 7.81 19.15 -17.30
CA PRO B 3 6.97 18.03 -16.86
C PRO B 3 6.52 18.18 -15.42
N LEU B 4 5.40 17.55 -15.10
CA LEU B 4 4.90 17.53 -13.74
C LEU B 4 5.93 16.92 -12.80
N THR B 5 5.88 17.36 -11.54
CA THR B 5 6.72 16.78 -10.49
C THR B 5 6.05 17.06 -9.15
N PHE B 6 6.33 16.21 -8.16
CA PHE B 6 5.76 16.41 -6.85
C PHE B 6 6.28 17.70 -6.21
N ASP B 7 7.47 18.14 -6.59
CA ASP B 7 8.12 19.32 -6.05
C ASP B 7 8.18 20.40 -7.15
N LEU B 8 9.25 21.20 -7.15
CA LEU B 8 9.48 22.25 -8.12
C LEU B 8 10.40 21.75 -9.22
N PRO B 9 10.21 22.21 -10.46
CA PRO B 9 11.17 21.87 -11.52
C PRO B 9 12.56 22.40 -11.16
N PHE B 10 13.59 21.70 -11.63
CA PHE B 10 14.94 22.03 -11.18
C PHE B 10 15.32 23.46 -11.52
N GLU B 11 14.85 23.97 -12.66
CA GLU B 11 15.21 25.33 -13.05
CA GLU B 11 15.19 25.34 -13.06
C GLU B 11 14.67 26.38 -12.08
N GLU B 12 13.63 26.06 -11.32
CA GLU B 12 13.09 26.98 -10.34
CA GLU B 12 13.09 26.98 -10.34
C GLU B 12 13.72 26.84 -8.96
N LEU B 13 14.56 25.82 -8.75
CA LEU B 13 15.12 25.62 -7.41
C LEU B 13 16.14 26.70 -7.06
N LEU B 14 16.99 27.09 -8.00
CA LEU B 14 18.08 28.03 -7.69
C LEU B 14 17.62 29.46 -7.46
N THR B 15 16.35 29.78 -7.73
CA THR B 15 15.83 31.10 -7.42
C THR B 15 14.74 31.06 -6.37
N TYR B 16 14.41 29.88 -5.85
CA TYR B 16 13.31 29.73 -4.90
C TYR B 16 13.62 30.47 -3.60
N PRO B 17 12.75 31.40 -3.16
CA PRO B 17 13.05 32.19 -1.95
C PRO B 17 12.53 31.61 -0.65
N GLY B 18 11.87 30.46 -0.67
CA GLY B 18 11.27 29.91 0.54
C GLY B 18 9.88 30.47 0.79
N ARG B 19 9.26 29.95 1.84
CA ARG B 19 7.91 30.35 2.23
C ARG B 19 7.76 30.67 3.71
N THR B 20 8.61 30.14 4.57
CA THR B 20 8.51 30.45 5.99
C THR B 20 9.00 31.87 6.22
N PRO B 21 8.22 32.72 6.89
CA PRO B 21 8.60 34.14 7.01
C PRO B 21 9.79 34.33 7.94
N ARG B 22 10.66 35.28 7.59
CA ARG B 22 11.79 35.63 8.44
C ARG B 22 11.33 36.58 9.54
N PRO B 23 11.49 36.24 10.82
CA PRO B 23 11.08 37.16 11.88
C PRO B 23 11.88 38.44 11.85
N ALA B 24 11.21 39.55 12.20
CA ALA B 24 11.85 40.86 12.12
C ALA B 24 12.99 40.99 13.13
N ASP B 25 12.93 40.27 14.25
CA ASP B 25 13.97 40.30 15.27
C ASP B 25 14.82 39.03 15.27
N HIS B 26 15.00 38.41 14.10
CA HIS B 26 15.78 37.19 14.01
C HIS B 26 17.17 37.37 14.60
N ASP B 27 17.81 38.50 14.30
CA ASP B 27 19.16 38.76 14.79
C ASP B 27 19.20 38.87 16.31
N GLU B 28 18.27 39.65 16.88
CA GLU B 28 18.23 39.80 18.34
C GLU B 28 17.93 38.48 19.02
N TYR B 29 17.05 37.67 18.42
CA TYR B 29 16.72 36.37 18.98
C TYR B 29 17.97 35.50 19.11
N TRP B 30 18.80 35.46 18.07
CA TRP B 30 19.95 34.59 18.10
C TRP B 30 21.14 35.19 18.85
N ASP B 31 21.26 36.51 18.87
CA ASP B 31 22.26 37.11 19.76
C ASP B 31 21.91 36.85 21.22
N ARG B 32 20.62 36.94 21.56
CA ARG B 32 20.19 36.63 22.93
C ARG B 32 20.42 35.17 23.25
N GLY B 33 20.20 34.28 22.29
CA GLY B 33 20.47 32.86 22.52
C GLY B 33 21.93 32.58 22.80
N LEU B 34 22.82 33.18 22.01
CA LEU B 34 24.25 33.00 22.26
C LEU B 34 24.65 33.62 23.60
N ALA B 35 24.02 34.74 23.98
CA ALA B 35 24.28 35.32 25.29
C ALA B 35 23.75 34.43 26.41
N ASP B 36 22.56 33.84 26.22
CA ASP B 36 22.04 32.87 27.18
C ASP B 36 22.99 31.68 27.34
N LEU B 37 23.52 31.19 26.22
CA LEU B 37 24.44 30.06 26.28
C LEU B 37 25.72 30.43 27.02
N ALA B 38 26.27 31.61 26.72
CA ALA B 38 27.52 32.03 27.36
C ALA B 38 27.34 32.24 28.85
N ALA B 39 26.13 32.58 29.30
CA ALA B 39 25.89 32.79 30.72
C ALA B 39 25.74 31.49 31.49
N VAL B 40 25.68 30.36 30.79
CA VAL B 40 25.69 29.03 31.41
C VAL B 40 27.09 28.48 31.30
N PRO B 41 27.77 28.19 32.41
CA PRO B 41 29.11 27.59 32.31
C PRO B 41 29.05 26.23 31.65
N ALA B 42 29.99 25.98 30.73
CA ALA B 42 29.95 24.77 29.92
C ALA B 42 30.17 23.52 30.77
N ASP B 43 30.99 23.60 31.82
CA ASP B 43 31.21 22.48 32.74
C ASP B 43 31.68 21.24 32.00
N VAL B 44 32.74 21.41 31.19
CA VAL B 44 33.21 20.35 30.31
C VAL B 44 33.82 19.23 31.12
N VAL B 45 33.39 17.99 30.86
CA VAL B 45 33.97 16.80 31.45
C VAL B 45 34.29 15.80 30.34
N ILE B 46 35.51 15.26 30.36
CA ILE B 46 35.96 14.29 29.36
C ILE B 46 36.36 13.01 30.08
N GLU B 47 35.75 11.89 29.69
CA GLU B 47 36.00 10.61 30.32
C GLU B 47 36.30 9.56 29.28
N PRO B 48 37.20 8.62 29.58
CA PRO B 48 37.53 7.59 28.59
C PRO B 48 36.35 6.68 28.31
N ALA B 49 36.27 6.21 27.07
CA ALA B 49 35.21 5.32 26.65
C ALA B 49 35.68 3.86 26.64
N GLU B 50 34.71 2.95 26.57
CA GLU B 50 35.02 1.54 26.54
CA GLU B 50 35.03 1.54 26.54
C GLU B 50 35.72 1.14 25.24
N PHE B 51 35.24 1.65 24.12
CA PHE B 51 35.80 1.30 22.82
C PHE B 51 37.25 1.76 22.72
N THR B 52 38.14 0.85 22.32
CA THR B 52 39.57 1.11 22.26
C THR B 52 40.12 0.67 20.91
N THR B 53 41.12 1.42 20.44
CA THR B 53 41.82 1.14 19.19
C THR B 53 43.12 1.90 19.21
N PRO B 54 44.20 1.36 18.63
CA PRO B 54 45.46 2.13 18.54
C PRO B 54 45.37 3.35 17.64
N LEU B 55 44.27 3.51 16.90
CA LEU B 55 44.14 4.61 15.95
C LEU B 55 43.69 5.92 16.60
N ALA B 56 43.14 5.87 17.81
CA ALA B 56 42.54 7.07 18.37
C ALA B 56 42.33 6.91 19.86
N ARG B 57 42.36 8.04 20.57
CA ARG B 57 41.84 8.12 21.93
C ARG B 57 40.34 8.40 21.83
N CYS B 58 39.54 7.51 22.40
CA CYS B 58 38.08 7.65 22.36
C CYS B 58 37.56 8.04 23.74
N SER B 59 36.70 9.06 23.77
CA SER B 59 36.23 9.62 25.03
C SER B 59 34.76 10.03 24.91
N HIS B 60 34.13 10.17 26.07
CA HIS B 60 32.81 10.78 26.18
C HIS B 60 33.00 12.25 26.56
N LEU B 61 32.43 13.15 25.76
CA LEU B 61 32.45 14.58 26.05
CA LEU B 61 32.45 14.57 26.06
C LEU B 61 31.08 14.98 26.60
N TRP B 62 31.08 15.60 27.78
CA TRP B 62 29.87 16.08 28.43
C TRP B 62 29.99 17.58 28.66
N PHE B 63 28.88 18.31 28.45
CA PHE B 63 28.84 19.73 28.77
C PHE B 63 27.42 20.12 29.14
N THR B 64 27.27 21.34 29.65
CA THR B 64 25.96 21.88 30.02
C THR B 64 25.50 22.87 28.96
N GLY B 65 24.29 22.66 28.44
CA GLY B 65 23.67 23.57 27.52
C GLY B 65 22.58 24.40 28.17
N THR B 66 21.89 25.17 27.33
CA THR B 66 20.76 25.96 27.83
C THR B 66 19.68 25.06 28.41
N GLY B 67 18.98 25.57 29.41
CA GLY B 67 18.03 24.77 30.15
C GLY B 67 18.64 23.93 31.25
N GLY B 68 19.94 24.08 31.50
CA GLY B 68 20.62 23.33 32.54
C GLY B 68 20.75 21.84 32.31
N VAL B 69 20.62 21.39 31.07
CA VAL B 69 20.69 19.98 30.70
CA VAL B 69 20.71 19.95 30.81
C VAL B 69 22.14 19.60 30.42
N ARG B 70 22.50 18.35 30.73
CA ARG B 70 23.80 17.81 30.35
C ARG B 70 23.69 17.19 28.96
N VAL B 71 24.66 17.48 28.10
CA VAL B 71 24.66 17.03 26.72
C VAL B 71 25.93 16.23 26.48
N HIS B 72 25.81 15.17 25.68
CA HIS B 72 26.90 14.26 25.39
C HIS B 72 27.31 14.37 23.93
N ALA B 73 28.60 14.20 23.70
CA ALA B 73 29.16 14.02 22.37
C ALA B 73 30.26 12.97 22.45
N LYS B 74 30.39 12.20 21.38
CA LYS B 74 31.56 11.35 21.19
C LYS B 74 32.77 12.21 20.84
N LEU B 75 33.92 11.86 21.41
CA LEU B 75 35.16 12.58 21.15
C LEU B 75 36.25 11.59 20.78
N LEU B 76 36.84 11.79 19.59
CA LEU B 76 37.92 10.96 19.10
C LEU B 76 39.11 11.86 18.78
N ARG B 77 40.28 11.54 19.34
CA ARG B 77 41.45 12.38 19.20
C ARG B 77 42.66 11.55 18.76
N PRO B 78 43.55 12.14 17.97
CA PRO B 78 44.78 11.43 17.59
C PRO B 78 45.59 11.04 18.81
N VAL B 79 46.35 9.94 18.67
CA VAL B 79 47.02 9.36 19.82
C VAL B 79 48.19 10.22 20.29
N ALA B 80 48.91 10.84 19.35
CA ALA B 80 50.07 11.67 19.71
C ALA B 80 50.24 12.82 18.74
N PRO B 81 49.40 13.85 18.85
CA PRO B 81 49.59 15.07 18.06
C PRO B 81 50.67 15.98 18.64
N VAL B 82 51.31 16.73 17.76
CA VAL B 82 52.29 17.73 18.21
C VAL B 82 51.71 19.13 18.04
N GLU B 83 51.46 19.54 16.81
CA GLU B 83 51.00 20.87 16.48
CA GLU B 83 51.00 20.88 16.49
C GLU B 83 49.48 20.92 16.47
N PRO B 84 48.89 22.12 16.46
CA PRO B 84 47.44 22.22 16.28
C PRO B 84 47.03 21.62 14.94
N HIS B 85 45.88 20.95 14.94
CA HIS B 85 45.45 20.17 13.78
C HIS B 85 43.97 20.44 13.52
N PRO B 86 43.42 19.97 12.39
CA PRO B 86 42.01 20.24 12.11
C PRO B 86 41.07 19.47 13.03
N ALA B 87 39.79 19.83 12.92
CA ALA B 87 38.74 19.14 13.65
C ALA B 87 37.52 19.03 12.77
N LEU B 88 36.72 18.00 13.03
CA LEU B 88 35.50 17.75 12.28
C LEU B 88 34.37 17.52 13.27
N LEU B 89 33.27 18.24 13.08
CA LEU B 89 32.07 18.07 13.88
C LEU B 89 31.04 17.31 13.05
N GLN B 90 30.45 16.27 13.64
CA GLN B 90 29.48 15.45 12.94
C GLN B 90 28.14 15.44 13.70
N PHE B 91 27.05 15.49 12.93
CA PHE B 91 25.69 15.53 13.46
C PHE B 91 24.85 14.46 12.78
N HIS B 92 23.96 13.84 13.55
CA HIS B 92 23.30 12.61 13.13
C HIS B 92 21.84 12.85 12.71
N GLY B 93 21.21 11.77 12.19
CA GLY B 93 19.87 11.85 11.67
C GLY B 93 18.80 11.88 12.74
N TYR B 94 17.59 12.26 12.32
CA TYR B 94 16.48 12.45 13.25
C TYR B 94 16.09 11.13 13.90
N THR B 95 16.06 11.14 15.24
CA THR B 95 15.80 10.03 16.16
C THR B 95 16.94 9.01 16.24
N GLY B 96 18.04 9.22 15.52
CA GLY B 96 19.19 8.35 15.59
C GLY B 96 20.15 8.75 16.69
N ASN B 97 21.41 8.33 16.54
CA ASN B 97 22.46 8.72 17.47
C ASN B 97 23.78 8.91 16.71
N SER B 98 24.83 9.25 17.46
CA SER B 98 26.11 9.59 16.83
C SER B 98 26.74 8.42 16.10
N GLY B 99 26.26 7.19 16.32
CA GLY B 99 26.71 6.06 15.54
C GLY B 99 27.98 5.40 16.07
N ASP B 100 28.55 4.56 15.21
CA ASP B 100 29.67 3.71 15.60
C ASP B 100 30.98 4.50 15.67
N TRP B 101 31.80 4.16 16.67
CA TRP B 101 33.12 4.79 16.81
C TRP B 101 33.96 4.62 15.56
N SER B 102 33.96 3.43 14.97
CA SER B 102 34.91 3.10 13.91
C SER B 102 34.59 3.76 12.58
N SER B 103 33.38 4.30 12.39
CA SER B 103 33.02 4.88 11.10
C SER B 103 33.71 6.22 10.83
N ARG B 104 34.45 6.75 11.81
CA ARG B 104 35.09 8.05 11.70
C ARG B 104 36.58 7.96 11.98
N LEU B 105 37.13 6.75 12.09
CA LEU B 105 38.53 6.60 12.43
C LEU B 105 39.46 7.04 11.31
N HIS B 106 38.99 7.03 10.05
CA HIS B 106 39.87 7.47 8.98
C HIS B 106 40.13 8.98 9.05
N TYR B 107 39.19 9.76 9.59
CA TYR B 107 39.46 11.18 9.80
C TYR B 107 40.51 11.39 10.89
N VAL B 108 40.47 10.58 11.96
CA VAL B 108 41.49 10.68 13.00
C VAL B 108 42.85 10.27 12.45
N ALA B 109 42.89 9.28 11.56
CA ALA B 109 44.16 8.86 10.97
C ALA B 109 44.78 9.97 10.13
N LEU B 110 43.95 10.85 9.57
CA LEU B 110 44.45 12.06 8.92
C LEU B 110 45.06 13.04 9.91
N GLY B 111 44.83 12.86 11.21
CA GLY B 111 45.29 13.80 12.21
C GLY B 111 44.23 14.70 12.78
N TYR B 112 42.95 14.45 12.48
CA TYR B 112 41.86 15.30 12.92
C TYR B 112 41.37 14.87 14.29
N THR B 113 40.82 15.83 15.04
CA THR B 113 39.91 15.54 16.13
C THR B 113 38.51 15.42 15.54
N VAL B 114 37.72 14.48 16.02
CA VAL B 114 36.34 14.30 15.58
C VAL B 114 35.43 14.38 16.80
N ALA B 115 34.39 15.21 16.71
CA ALA B 115 33.38 15.31 17.74
C ALA B 115 32.01 15.08 17.11
N ALA B 116 31.22 14.18 17.71
CA ALA B 116 29.92 13.79 17.17
C ALA B 116 28.88 13.96 18.26
N LEU B 117 27.98 14.92 18.07
CA LEU B 117 26.97 15.28 19.07
C LEU B 117 25.85 14.25 19.14
N ASP B 118 25.39 13.97 20.35
CA ASP B 118 24.14 13.22 20.57
C ASP B 118 23.03 14.22 20.86
N CYS B 119 22.00 14.23 20.02
CA CYS B 119 20.90 15.18 20.19
C CYS B 119 20.06 14.81 21.40
N ARG B 120 19.56 15.83 22.09
CA ARG B 120 18.76 15.63 23.30
C ARG B 120 17.55 14.73 23.03
N GLY B 121 17.40 13.70 23.85
CA GLY B 121 16.24 12.85 23.81
C GLY B 121 16.21 11.83 22.69
N GLN B 122 17.22 11.81 21.82
CA GLN B 122 17.22 10.88 20.70
C GLN B 122 17.94 9.60 21.14
N ALA B 123 18.48 8.83 20.19
CA ALA B 123 18.92 7.46 20.48
C ALA B 123 20.26 7.39 21.21
N GLY B 124 20.88 8.52 21.53
CA GLY B 124 22.19 8.55 22.12
C GLY B 124 22.16 8.73 23.63
N LEU B 125 23.21 9.35 24.15
CA LEU B 125 23.40 9.46 25.59
C LEU B 125 22.90 10.78 26.17
N SER B 126 22.44 11.71 25.33
CA SER B 126 21.87 12.97 25.81
C SER B 126 20.41 12.71 26.16
N VAL B 127 20.12 12.60 27.46
CA VAL B 127 18.80 12.24 27.95
C VAL B 127 18.18 13.34 28.80
N GLY B 128 18.75 14.55 28.78
CA GLY B 128 18.23 15.65 29.57
C GLY B 128 17.25 16.48 28.78
N GLU B 129 16.12 16.79 29.42
CA GLU B 129 14.99 17.46 28.79
C GLU B 129 14.78 18.83 29.43
N ALA B 130 14.77 19.87 28.60
CA ALA B 130 14.43 21.20 29.11
C ALA B 130 12.91 21.33 29.22
N PRO B 131 12.41 21.90 30.32
CA PRO B 131 10.96 21.98 30.50
C PRO B 131 10.34 23.06 29.60
N VAL B 132 9.05 22.92 29.38
CA VAL B 132 8.25 23.90 28.63
C VAL B 132 6.99 24.22 29.43
N GLU B 133 6.40 25.38 29.12
CA GLU B 133 5.15 25.76 29.78
C GLU B 133 3.97 24.95 29.26
N ASN B 134 3.92 24.71 27.95
CA ASN B 134 2.81 24.02 27.29
C ASN B 134 3.38 22.82 26.54
N TRP B 135 3.09 21.61 27.04
CA TRP B 135 3.58 20.37 26.46
C TRP B 135 2.53 19.75 25.55
N SER B 136 2.93 19.45 24.33
CA SER B 136 2.14 18.66 23.39
C SER B 136 2.99 17.49 22.93
N MET B 137 2.44 16.28 23.04
CA MET B 137 3.12 15.08 22.57
C MET B 137 3.09 14.93 21.05
N ALA B 138 2.43 15.85 20.35
CA ALA B 138 2.20 15.69 18.91
C ALA B 138 3.50 15.80 18.11
N SER B 139 4.47 16.59 18.58
CA SER B 139 5.61 16.92 17.73
C SER B 139 6.79 17.32 18.59
N TYR B 140 7.94 16.66 18.39
CA TYR B 140 9.16 17.17 18.99
C TYR B 140 9.61 18.47 18.35
N LEU B 141 9.50 18.57 17.01
CA LEU B 141 9.96 19.75 16.30
C LEU B 141 9.26 21.01 16.76
N LEU B 142 7.98 20.91 17.12
CA LEU B 142 7.20 22.07 17.54
C LEU B 142 7.12 22.21 19.04
N ARG B 143 7.94 21.47 19.79
CA ARG B 143 7.95 21.58 21.24
C ARG B 143 8.34 23.01 21.64
N GLY B 144 7.52 23.61 22.50
CA GLY B 144 7.75 24.96 22.95
C GLY B 144 7.04 26.03 22.15
N ILE B 145 6.31 25.65 21.09
CA ILE B 145 5.72 26.65 20.20
C ILE B 145 4.61 27.46 20.87
N ASP B 146 3.99 26.93 21.93
CA ASP B 146 2.86 27.59 22.58
C ASP B 146 3.23 28.30 23.86
N ASP B 147 4.52 28.41 24.17
CA ASP B 147 4.91 29.13 25.37
C ASP B 147 4.76 30.63 25.13
N ASP B 148 4.85 31.39 26.23
CA ASP B 148 4.62 32.83 26.15
C ASP B 148 5.60 33.50 25.19
N ALA B 149 6.90 33.34 25.44
CA ALA B 149 7.93 33.83 24.53
C ALA B 149 8.50 32.67 23.71
N ALA B 150 9.25 33.03 22.67
CA ALA B 150 9.78 32.07 21.71
C ALA B 150 11.12 31.49 22.13
N ASP B 151 11.58 31.74 23.34
CA ASP B 151 12.90 31.28 23.77
C ASP B 151 12.91 29.85 24.31
N ASN B 152 11.75 29.21 24.42
CA ASN B 152 11.66 27.84 24.91
C ASN B 152 11.48 26.81 23.80
N LEU B 153 11.67 27.20 22.54
CA LEU B 153 11.59 26.24 21.45
C LEU B 153 12.67 25.17 21.62
N ALA B 154 12.26 23.90 21.56
CA ALA B 154 13.21 22.82 21.74
C ALA B 154 14.31 22.86 20.68
N LEU B 155 13.98 23.29 19.47
CA LEU B 155 14.98 23.37 18.41
C LEU B 155 16.01 24.45 18.71
N ARG B 156 15.63 25.52 19.42
CA ARG B 156 16.60 26.54 19.78
C ARG B 156 17.69 25.96 20.67
N HIS B 157 17.30 25.19 21.70
CA HIS B 157 18.29 24.56 22.57
C HIS B 157 19.20 23.65 21.76
N LEU B 158 18.62 22.90 20.82
CA LEU B 158 19.41 21.99 20.00
C LEU B 158 20.43 22.74 19.16
N PHE B 159 20.02 23.85 18.52
CA PHE B 159 20.95 24.63 17.72
C PHE B 159 22.07 25.18 18.58
N LEU B 160 21.75 25.65 19.79
CA LEU B 160 22.78 26.17 20.67
C LEU B 160 23.69 25.07 21.19
N ASP B 161 23.21 23.82 21.24
CA ASP B 161 24.09 22.70 21.58
C ASP B 161 25.20 22.54 20.54
N THR B 162 24.85 22.67 19.26
CA THR B 162 25.86 22.60 18.21
C THR B 162 26.85 23.77 18.32
N ALA B 163 26.34 24.96 18.68
CA ALA B 163 27.22 26.10 18.86
C ALA B 163 28.19 25.89 20.01
N ARG B 164 27.70 25.38 21.14
CA ARG B 164 28.59 25.12 22.28
C ARG B 164 29.61 24.05 21.94
N LEU B 165 29.19 22.98 21.27
CA LEU B 165 30.13 21.93 20.90
C LEU B 165 31.24 22.49 20.01
N ALA B 166 30.87 23.32 19.02
CA ALA B 166 31.87 23.96 18.17
C ALA B 166 32.79 24.88 18.98
N GLN B 167 32.23 25.63 19.93
CA GLN B 167 33.06 26.51 20.76
C GLN B 167 34.06 25.71 21.58
N ILE B 168 33.63 24.59 22.17
CA ILE B 168 34.52 23.76 22.98
C ILE B 168 35.65 23.20 22.12
N VAL B 169 35.31 22.71 20.93
CA VAL B 169 36.32 22.09 20.07
C VAL B 169 37.30 23.13 19.55
N LEU B 170 36.81 24.30 19.15
CA LEU B 170 37.72 25.38 18.73
C LEU B 170 38.65 25.81 19.86
N ALA B 171 38.17 25.77 21.10
CA ALA B 171 38.98 26.21 22.24
C ALA B 171 40.00 25.17 22.67
N MET B 172 39.95 23.96 22.13
CA MET B 172 40.90 22.92 22.52
C MET B 172 42.32 23.34 22.13
N ASP B 173 43.28 23.00 22.99
CA ASP B 173 44.64 23.49 22.78
C ASP B 173 45.21 23.01 21.45
N ASP B 174 44.95 21.75 21.07
CA ASP B 174 45.57 21.18 19.88
C ASP B 174 44.69 21.30 18.63
N VAL B 175 43.60 22.06 18.67
CA VAL B 175 42.72 22.24 17.52
C VAL B 175 42.96 23.63 16.93
N ASP B 176 43.32 23.68 15.66
CA ASP B 176 43.47 24.96 14.96
C ASP B 176 42.09 25.56 14.70
N PRO B 177 41.74 26.69 15.32
CA PRO B 177 40.38 27.23 15.15
C PRO B 177 40.06 27.65 13.72
N ASP B 178 41.06 27.67 12.83
CA ASP B 178 40.90 28.01 11.43
C ASP B 178 40.62 26.79 10.55
N ARG B 179 40.74 25.57 11.08
CA ARG B 179 40.65 24.36 10.28
CA ARG B 179 40.65 24.36 10.28
C ARG B 179 39.60 23.42 10.86
N VAL B 180 38.39 23.93 11.03
CA VAL B 180 37.29 23.14 11.57
C VAL B 180 36.20 23.01 10.51
N ALA B 181 35.65 21.82 10.38
CA ALA B 181 34.60 21.54 9.42
C ALA B 181 33.41 20.91 10.14
N ALA B 182 32.25 20.93 9.46
CA ALA B 182 31.05 20.30 9.95
C ALA B 182 30.39 19.53 8.82
N THR B 183 29.75 18.42 9.16
CA THR B 183 29.08 17.59 8.16
C THR B 183 27.99 16.77 8.84
N GLY B 184 27.03 16.33 8.03
CA GLY B 184 25.93 15.52 8.53
C GLY B 184 24.84 15.27 7.51
N TYR B 185 24.04 14.23 7.75
CA TYR B 185 22.96 13.82 6.88
C TYR B 185 21.60 14.19 7.48
N SER B 186 20.69 14.70 6.64
CA SER B 186 19.29 14.90 6.99
C SER B 186 19.20 15.86 8.17
N GLN B 187 18.72 15.44 9.34
CA GLN B 187 18.78 16.31 10.51
C GLN B 187 20.20 16.79 10.75
N GLY B 188 21.20 15.93 10.53
CA GLY B 188 22.57 16.34 10.66
C GLY B 188 23.00 17.36 9.63
N GLY B 189 22.34 17.38 8.47
CA GLY B 189 22.63 18.42 7.49
C GLY B 189 22.12 19.78 7.92
N GLY B 190 20.91 19.83 8.48
CA GLY B 190 20.41 21.09 9.00
C GLY B 190 21.21 21.58 10.18
N LEU B 191 21.62 20.66 11.06
CA LEU B 191 22.45 21.04 12.20
C LEU B 191 23.83 21.51 11.74
N THR B 192 24.35 20.95 10.64
CA THR B 192 25.62 21.42 10.09
C THR B 192 25.56 22.89 9.73
N LEU B 193 24.47 23.31 9.08
CA LEU B 193 24.32 24.70 8.67
C LEU B 193 24.00 25.60 9.86
N ALA B 194 23.18 25.13 10.78
CA ALA B 194 22.95 25.89 12.01
C ALA B 194 24.25 26.10 12.77
N CYS B 195 25.08 25.05 12.84
CA CYS B 195 26.35 25.15 13.53
C CYS B 195 27.28 26.15 12.86
N ALA B 196 27.42 26.05 11.53
CA ALA B 196 28.28 26.97 10.79
C ALA B 196 27.76 28.40 10.80
N ALA B 197 26.48 28.61 11.11
CA ALA B 197 25.94 29.97 11.19
C ALA B 197 26.19 30.57 12.57
N LEU B 198 26.03 29.78 13.63
CA LEU B 198 26.21 30.29 14.99
C LEU B 198 27.67 30.29 15.44
N GLU B 199 28.54 29.55 14.74
CA GLU B 199 29.98 29.64 14.94
C GLU B 199 30.58 29.90 13.57
N PRO B 200 30.58 31.16 13.11
CA PRO B 200 30.99 31.45 11.73
C PRO B 200 32.47 31.20 11.46
N ARG B 201 33.26 30.83 12.46
CA ARG B 201 34.67 30.53 12.23
CA ARG B 201 34.67 30.52 12.25
C ARG B 201 34.85 29.22 11.48
N ILE B 202 33.85 28.34 11.47
CA ILE B 202 33.94 27.08 10.76
C ILE B 202 34.23 27.32 9.28
N ARG B 203 35.15 26.54 8.71
CA ARG B 203 35.70 26.78 7.39
C ARG B 203 35.01 26.00 6.28
N LEU B 204 34.60 24.76 6.57
CA LEU B 204 33.94 23.93 5.57
C LEU B 204 32.71 23.29 6.18
N ALA B 205 31.68 23.11 5.35
CA ALA B 205 30.43 22.49 5.77
C ALA B 205 29.91 21.63 4.63
N ALA B 206 29.51 20.39 4.95
CA ALA B 206 29.05 19.43 3.94
C ALA B 206 27.74 18.78 4.40
N PRO B 207 26.61 19.47 4.25
CA PRO B 207 25.32 18.86 4.56
C PRO B 207 24.81 17.99 3.42
N VAL B 208 24.09 16.93 3.80
CA VAL B 208 23.43 16.04 2.84
C VAL B 208 21.94 16.04 3.13
N TYR B 209 21.13 16.25 2.07
CA TYR B 209 19.70 16.56 2.09
C TYR B 209 19.25 17.11 3.45
N PRO B 210 19.57 18.38 3.74
CA PRO B 210 19.34 18.91 5.08
C PRO B 210 17.86 19.01 5.44
N PHE B 211 17.58 18.70 6.70
CA PHE B 211 16.27 18.79 7.31
C PHE B 211 16.16 20.10 8.09
N LEU B 212 14.94 20.44 8.52
CA LEU B 212 14.65 21.63 9.35
C LEU B 212 14.72 22.94 8.55
N CYS B 213 14.33 22.92 7.28
CA CYS B 213 14.26 24.12 6.46
C CYS B 213 12.86 24.30 5.91
N ASP B 214 12.41 25.55 5.85
CA ASP B 214 11.20 25.94 5.12
C ASP B 214 9.98 25.15 5.59
N PHE B 215 9.71 25.25 6.90
CA PHE B 215 8.65 24.47 7.52
C PHE B 215 7.30 24.67 6.83
N ARG B 216 6.96 25.91 6.48
CA ARG B 216 5.66 26.16 5.86
C ARG B 216 5.55 25.49 4.49
N ARG B 217 6.61 25.56 3.69
CA ARG B 217 6.62 24.87 2.40
C ARG B 217 6.43 23.37 2.58
N ALA B 218 7.11 22.78 3.56
CA ALA B 218 6.94 21.36 3.83
C ALA B 218 5.51 21.02 4.18
N TRP B 219 4.89 21.85 5.04
CA TRP B 219 3.51 21.58 5.42
C TRP B 219 2.56 21.72 4.24
N GLU B 220 2.79 22.70 3.36
CA GLU B 220 1.87 22.93 2.25
CA GLU B 220 1.87 22.92 2.25
C GLU B 220 1.97 21.84 1.18
N MET B 221 3.07 21.09 1.14
CA MET B 221 3.21 20.03 0.14
C MET B 221 2.45 18.78 0.51
N ASP B 222 2.19 18.57 1.80
CA ASP B 222 1.42 17.43 2.28
CA ASP B 222 1.46 17.42 2.31
C ASP B 222 2.01 16.12 1.71
N LEU B 223 3.16 15.75 2.25
CA LEU B 223 3.86 14.52 1.91
C LEU B 223 3.21 13.36 2.65
N GLU B 224 3.38 12.15 2.12
CA GLU B 224 2.74 11.00 2.73
C GLU B 224 3.42 10.62 4.04
N LYS B 225 4.75 10.60 4.05
CA LYS B 225 5.53 10.10 5.18
C LYS B 225 6.57 11.13 5.56
N GLY B 226 7.18 10.92 6.72
CA GLY B 226 8.34 11.70 7.11
C GLY B 226 8.11 12.58 8.31
N PRO B 227 9.20 13.09 8.88
CA PRO B 227 9.09 13.87 10.12
C PRO B 227 8.39 15.20 9.94
N TYR B 228 8.35 15.76 8.73
CA TYR B 228 7.61 17.00 8.51
C TYR B 228 6.11 16.82 8.78
N ASN B 229 5.60 15.59 8.77
CA ASN B 229 4.20 15.37 9.11
C ASN B 229 3.88 15.72 10.56
N GLU B 230 4.90 15.94 11.39
CA GLU B 230 4.67 16.38 12.76
C GLU B 230 3.96 17.72 12.80
N ILE B 231 4.17 18.57 11.79
CA ILE B 231 3.47 19.85 11.74
C ILE B 231 1.97 19.62 11.61
N THR B 232 1.58 18.73 10.69
CA THR B 232 0.17 18.38 10.52
C THR B 232 -0.40 17.74 11.78
N THR B 233 0.37 16.86 12.42
CA THR B 233 -0.09 16.23 13.66
C THR B 233 -0.38 17.26 14.74
N TYR B 234 0.46 18.29 14.86
CA TYR B 234 0.20 19.32 15.87
C TYR B 234 -1.07 20.10 15.53
N PHE B 235 -1.23 20.49 14.27
CA PHE B 235 -2.43 21.24 13.88
C PHE B 235 -3.69 20.43 14.15
N ARG B 236 -3.68 19.14 13.80
CA ARG B 236 -4.86 18.32 14.02
C ARG B 236 -5.19 18.21 15.50
N ALA B 237 -4.19 18.29 16.37
CA ALA B 237 -4.37 18.17 17.82
C ALA B 237 -4.72 19.51 18.47
N ARG B 238 -3.97 20.56 18.17
CA ARG B 238 -4.05 21.78 18.97
C ARG B 238 -4.56 22.98 18.18
N ASP B 239 -4.78 22.87 16.87
CA ASP B 239 -5.34 24.00 16.14
C ASP B 239 -6.05 23.51 14.89
N PRO B 240 -7.10 22.71 15.04
CA PRO B 240 -7.70 22.06 13.86
C PRO B 240 -8.34 23.01 12.88
N ARG B 241 -8.73 24.22 13.29
CA ARG B 241 -9.28 25.19 12.38
C ARG B 241 -8.25 26.18 11.88
N HIS B 242 -6.99 26.04 12.30
CA HIS B 242 -5.90 26.90 11.85
C HIS B 242 -6.14 28.36 12.23
N LEU B 243 -6.70 28.59 13.42
CA LEU B 243 -6.87 29.96 13.90
C LEU B 243 -5.54 30.60 14.24
N ARG B 244 -4.52 29.81 14.53
CA ARG B 244 -3.21 30.32 14.92
C ARG B 244 -2.14 30.01 13.88
N GLU B 245 -2.56 29.81 12.62
CA GLU B 245 -1.63 29.38 11.59
C GLU B 245 -0.47 30.36 11.44
N GLU B 246 -0.75 31.66 11.42
CA GLU B 246 0.30 32.65 11.16
C GLU B 246 1.28 32.74 12.32
N GLU B 247 0.79 32.71 13.57
CA GLU B 247 1.67 32.77 14.72
CA GLU B 247 1.67 32.78 14.73
C GLU B 247 2.58 31.55 14.79
N ILE B 248 2.08 30.39 14.38
CA ILE B 248 2.87 29.17 14.47
C ILE B 248 4.03 29.21 13.48
N PHE B 249 3.75 29.58 12.22
CA PHE B 249 4.80 29.56 11.23
C PHE B 249 5.77 30.71 11.38
N SER B 250 5.30 31.85 11.90
CA SER B 250 6.23 32.94 12.23
C SER B 250 7.15 32.55 13.38
N ARG B 251 6.63 31.80 14.36
CA ARG B 251 7.48 31.26 15.43
C ARG B 251 8.52 30.30 14.87
N LEU B 252 8.09 29.33 14.05
CA LEU B 252 9.02 28.40 13.41
C LEU B 252 10.11 29.14 12.63
N GLY B 253 9.85 30.37 12.18
CA GLY B 253 10.86 31.11 11.45
C GLY B 253 12.14 31.34 12.25
N TYR B 254 12.04 31.38 13.59
CA TYR B 254 13.23 31.51 14.41
C TYR B 254 14.15 30.30 14.28
N VAL B 255 13.58 29.12 14.13
CA VAL B 255 14.37 27.89 14.11
C VAL B 255 14.42 27.29 12.71
N ASP B 256 14.12 28.09 11.70
CA ASP B 256 14.25 27.67 10.32
C ASP B 256 15.69 27.89 9.88
N VAL B 257 16.36 26.81 9.47
CA VAL B 257 17.76 26.88 9.07
C VAL B 257 17.98 27.87 7.93
N GLN B 258 16.97 28.06 7.07
CA GLN B 258 17.13 28.95 5.94
C GLN B 258 17.41 30.39 6.37
N HIS B 259 16.91 30.80 7.53
CA HIS B 259 17.14 32.17 7.99
C HIS B 259 18.42 32.33 8.79
N LEU B 260 19.05 31.22 9.17
CA LEU B 260 20.40 31.27 9.72
C LEU B 260 21.47 31.20 8.63
N ALA B 261 21.12 30.70 7.45
CA ALA B 261 22.09 30.55 6.36
C ALA B 261 22.85 31.83 6.00
N PRO B 262 22.25 33.04 6.01
CA PRO B 262 23.06 34.23 5.71
C PRO B 262 24.23 34.45 6.64
N ARG B 263 24.20 33.88 7.85
CA ARG B 263 25.33 33.99 8.77
C ARG B 263 26.49 33.07 8.41
N VAL B 264 26.25 32.05 7.58
CA VAL B 264 27.30 31.07 7.29
C VAL B 264 28.41 31.74 6.50
N ARG B 265 29.66 31.50 6.91
CA ARG B 265 30.82 31.96 6.17
C ARG B 265 31.63 30.81 5.59
N ALA B 266 31.41 29.59 6.05
CA ALA B 266 32.08 28.43 5.50
C ALA B 266 31.75 28.23 4.02
N GLU B 267 32.68 27.63 3.29
CA GLU B 267 32.34 27.08 1.98
C GLU B 267 31.49 25.83 2.17
N VAL B 268 30.39 25.77 1.43
CA VAL B 268 29.39 24.72 1.59
C VAL B 268 29.41 23.83 0.35
N LEU B 269 29.39 22.52 0.57
CA LEU B 269 29.16 21.53 -0.47
C LEU B 269 27.90 20.76 -0.09
N MET B 270 26.79 21.02 -0.77
CA MET B 270 25.51 20.43 -0.42
C MET B 270 25.12 19.35 -1.41
N THR B 271 24.74 18.18 -0.90
CA THR B 271 24.30 17.07 -1.74
C THR B 271 22.79 16.94 -1.61
N VAL B 272 22.11 16.80 -2.75
CA VAL B 272 20.66 16.74 -2.85
C VAL B 272 20.26 15.60 -3.76
N SER B 273 19.24 14.85 -3.35
CA SER B 273 18.59 13.87 -4.21
C SER B 273 17.22 14.39 -4.61
N LEU B 274 16.89 14.29 -5.90
CA LEU B 274 15.74 15.00 -6.45
C LEU B 274 14.42 14.25 -6.30
N ALA B 275 14.44 12.95 -6.04
CA ALA B 275 13.23 12.18 -5.73
C ALA B 275 12.98 12.08 -4.23
N ASP B 276 13.58 12.96 -3.43
CA ASP B 276 13.48 12.91 -1.97
C ASP B 276 12.14 13.49 -1.53
N LYS B 277 11.30 12.65 -0.94
CA LYS B 277 10.03 13.10 -0.40
C LYS B 277 10.03 13.20 1.12
N ILE B 278 11.16 12.90 1.76
CA ILE B 278 11.32 13.17 3.19
C ILE B 278 11.76 14.62 3.40
N CYS B 279 12.79 15.05 2.67
CA CYS B 279 13.24 16.44 2.63
C CYS B 279 13.14 16.90 1.18
N PRO B 280 12.02 17.51 0.79
CA PRO B 280 11.86 17.93 -0.61
C PRO B 280 12.95 18.89 -1.04
N PRO B 281 13.47 18.76 -2.26
CA PRO B 281 14.57 19.63 -2.70
C PRO B 281 14.28 21.11 -2.54
N SER B 282 13.02 21.52 -2.72
CA SER B 282 12.69 22.94 -2.62
C SER B 282 13.00 23.48 -1.23
N THR B 283 12.69 22.72 -0.18
CA THR B 283 13.00 23.19 1.17
C THR B 283 14.50 23.30 1.39
N GLN B 284 15.28 22.39 0.80
CA GLN B 284 16.72 22.46 0.97
C GLN B 284 17.29 23.69 0.27
N PHE B 285 16.81 23.99 -0.93
CA PHE B 285 17.34 25.14 -1.66
C PHE B 285 16.88 26.47 -1.10
N ALA B 286 15.76 26.50 -0.38
CA ALA B 286 15.42 27.72 0.37
C ALA B 286 16.57 28.14 1.25
N ALA B 287 17.25 27.17 1.88
CA ALA B 287 18.41 27.49 2.70
C ALA B 287 19.66 27.69 1.84
N TYR B 288 19.87 26.82 0.85
CA TYR B 288 21.05 26.95 0.00
C TYR B 288 21.12 28.33 -0.63
N ASN B 289 20.00 28.83 -1.15
CA ASN B 289 20.02 30.11 -1.86
C ASN B 289 20.34 31.29 -0.95
N LYS B 290 20.23 31.14 0.36
CA LYS B 290 20.50 32.23 1.28
C LYS B 290 21.88 32.13 1.92
N LEU B 291 22.68 31.15 1.52
CA LEU B 291 23.97 30.94 2.16
C LEU B 291 24.88 32.15 1.95
N GLY B 292 25.59 32.51 3.02
CA GLY B 292 26.47 33.67 3.03
C GLY B 292 27.91 33.42 2.64
N GLY B 293 28.27 32.21 2.21
CA GLY B 293 29.62 31.92 1.80
C GLY B 293 29.68 31.28 0.43
N PRO B 294 30.87 30.87 0.01
CA PRO B 294 30.98 30.10 -1.24
C PRO B 294 30.20 28.80 -1.14
N LYS B 295 29.73 28.31 -2.28
CA LYS B 295 28.83 27.14 -2.25
C LYS B 295 28.80 26.44 -3.60
N ASP B 296 28.52 25.14 -3.54
CA ASP B 296 28.25 24.30 -4.70
C ASP B 296 27.35 23.16 -4.23
N TYR B 297 26.71 22.51 -5.19
CA TYR B 297 25.80 21.41 -4.91
C TYR B 297 26.11 20.21 -5.78
N ARG B 298 25.62 19.05 -5.35
CA ARG B 298 25.72 17.79 -6.08
C ARG B 298 24.34 17.16 -6.12
N LEU B 299 23.92 16.72 -7.31
CA LEU B 299 22.57 16.20 -7.53
C LEU B 299 22.59 14.71 -7.82
N TYR B 300 21.56 14.02 -7.31
CA TYR B 300 21.27 12.62 -7.61
C TYR B 300 19.81 12.57 -8.06
N PRO B 301 19.55 12.65 -9.37
CA PRO B 301 18.16 12.82 -9.81
C PRO B 301 17.22 11.66 -9.45
N ASP B 302 17.70 10.42 -9.46
CA ASP B 302 16.82 9.26 -9.30
C ASP B 302 16.82 8.69 -7.88
N PHE B 303 17.37 9.40 -6.91
CA PHE B 303 17.49 8.86 -5.57
C PHE B 303 16.57 9.61 -4.60
N ALA B 304 16.21 8.93 -3.51
CA ALA B 304 15.38 9.52 -2.48
C ALA B 304 16.18 9.74 -1.20
N HIS B 305 15.56 9.49 -0.05
CA HIS B 305 16.21 9.69 1.24
C HIS B 305 16.90 8.38 1.60
N GLU B 306 18.06 8.18 0.98
CA GLU B 306 18.76 6.90 1.03
C GLU B 306 20.25 7.15 0.86
N THR B 307 21.02 6.06 0.85
CA THR B 307 22.45 6.12 0.53
C THR B 307 22.65 6.66 -0.88
N LEU B 308 23.59 7.59 -1.03
CA LEU B 308 23.89 8.21 -2.31
C LEU B 308 25.30 7.82 -2.73
N PRO B 309 25.45 6.87 -3.66
CA PRO B 309 26.79 6.33 -3.95
C PRO B 309 27.75 7.40 -4.42
N GLY B 310 28.92 7.45 -3.79
CA GLY B 310 29.94 8.42 -4.10
C GLY B 310 29.98 9.62 -3.17
N THR B 311 28.97 9.79 -2.32
CA THR B 311 28.89 11.03 -1.55
C THR B 311 29.92 11.05 -0.43
N ASP B 312 30.17 9.90 0.21
CA ASP B 312 31.16 9.88 1.28
C ASP B 312 32.56 10.16 0.75
N ASP B 313 32.87 9.64 -0.44
CA ASP B 313 34.14 9.98 -1.08
C ASP B 313 34.19 11.46 -1.44
N ALA B 314 33.10 11.99 -1.98
CA ALA B 314 33.07 13.40 -2.34
C ALA B 314 33.30 14.29 -1.11
N ILE B 315 32.68 13.94 0.00
CA ILE B 315 32.86 14.70 1.23
C ILE B 315 34.27 14.51 1.78
N PHE B 316 34.80 13.29 1.71
CA PHE B 316 36.16 13.04 2.19
C PHE B 316 37.16 13.86 1.38
N THR B 317 37.03 13.85 0.06
CA THR B 317 37.91 14.65 -0.79
C THR B 317 37.75 16.13 -0.49
N PHE B 318 36.51 16.59 -0.28
CA PHE B 318 36.24 17.97 0.07
C PHE B 318 36.91 18.35 1.39
N LEU B 319 36.85 17.45 2.38
CA LEU B 319 37.36 17.75 3.72
C LEU B 319 38.86 17.54 3.85
N GLN B 320 39.51 16.95 2.85
CA GLN B 320 40.97 16.85 2.88
C GLN B 320 41.63 18.21 2.73
N GLY B 321 40.92 19.19 2.16
CA GLY B 321 41.41 20.55 2.04
C GLY B 321 41.41 21.35 3.32
N LEU B 322 41.22 20.70 4.47
CA LEU B 322 41.24 21.38 5.75
C LEU B 322 42.67 21.72 6.17
N HIS C 1 3.18 -22.20 25.24
CA HIS C 1 2.56 -21.60 24.07
C HIS C 1 3.60 -20.83 23.25
N VAL C 2 3.56 -21.00 21.94
CA VAL C 2 4.50 -20.35 21.03
C VAL C 2 3.74 -19.30 20.22
N PRO C 3 4.26 -18.07 20.11
CA PRO C 3 3.57 -17.05 19.32
C PRO C 3 3.84 -17.21 17.84
N LEU C 4 2.91 -16.69 17.04
CA LEU C 4 2.95 -16.89 15.59
C LEU C 4 4.02 -16.01 14.96
N THR C 5 4.72 -16.58 13.97
CA THR C 5 5.82 -15.90 13.30
C THR C 5 5.72 -16.15 11.81
N PHE C 6 6.18 -15.17 11.01
CA PHE C 6 6.26 -15.39 9.58
C PHE C 6 7.33 -16.42 9.24
N ASP C 7 8.33 -16.57 10.11
CA ASP C 7 9.45 -17.49 9.91
C ASP C 7 9.36 -18.60 10.95
N LEU C 8 10.48 -19.05 11.44
CA LEU C 8 10.51 -20.05 12.50
C LEU C 8 10.76 -19.41 13.86
N PRO C 9 10.21 -19.96 14.96
CA PRO C 9 10.55 -19.44 16.28
C PRO C 9 12.04 -19.61 16.54
N PHE C 10 12.60 -18.70 17.36
CA PHE C 10 14.04 -18.68 17.55
C PHE C 10 14.55 -20.01 18.11
N GLU C 11 13.73 -20.70 18.90
CA GLU C 11 14.13 -21.98 19.46
C GLU C 11 14.50 -22.98 18.37
N GLU C 12 13.73 -23.01 17.28
CA GLU C 12 13.97 -23.97 16.21
C GLU C 12 15.00 -23.51 15.19
N LEU C 13 15.42 -22.23 15.24
CA LEU C 13 16.47 -21.77 14.34
C LEU C 13 17.80 -22.46 14.63
N LEU C 14 18.10 -22.72 15.90
CA LEU C 14 19.41 -23.25 16.23
C LEU C 14 19.60 -24.70 15.81
N THR C 15 18.52 -25.42 15.46
CA THR C 15 18.63 -26.80 14.98
C THR C 15 18.11 -26.96 13.56
N TYR C 16 17.72 -25.87 12.91
CA TYR C 16 17.11 -25.96 11.59
C TYR C 16 18.09 -26.56 10.59
N PRO C 17 17.72 -27.61 9.86
CA PRO C 17 18.66 -28.30 8.96
C PRO C 17 18.63 -27.84 7.51
N GLY C 18 17.78 -26.90 7.13
CA GLY C 18 17.65 -26.52 5.74
C GLY C 18 16.66 -27.42 4.99
N ARG C 19 16.12 -26.88 3.90
CA ARG C 19 15.10 -27.58 3.12
C ARG C 19 15.44 -27.62 1.63
N THR C 20 16.70 -27.38 1.28
CA THR C 20 17.15 -27.40 -0.10
C THR C 20 18.05 -28.60 -0.32
N PRO C 21 17.78 -29.41 -1.35
CA PRO C 21 18.50 -30.69 -1.48
C PRO C 21 19.98 -30.50 -1.80
N ARG C 22 20.83 -31.32 -1.16
CA ARG C 22 22.25 -31.35 -1.48
C ARG C 22 22.53 -32.40 -2.55
N PRO C 23 23.08 -32.03 -3.71
CA PRO C 23 23.39 -33.05 -4.72
C PRO C 23 24.43 -34.03 -4.20
N ALA C 24 24.34 -35.28 -4.64
CA ALA C 24 25.22 -36.32 -4.13
C ALA C 24 26.67 -36.05 -4.49
N ASP C 25 26.93 -35.33 -5.59
CA ASP C 25 28.28 -35.04 -6.05
C ASP C 25 28.70 -33.59 -5.78
N HIS C 26 28.19 -32.99 -4.69
CA HIS C 26 28.54 -31.61 -4.38
C HIS C 26 30.05 -31.40 -4.32
N ASP C 27 30.77 -32.33 -3.68
CA ASP C 27 32.21 -32.17 -3.54
C ASP C 27 32.93 -32.18 -4.88
N GLU C 28 32.56 -33.13 -5.77
CA GLU C 28 33.22 -33.20 -7.06
C GLU C 28 32.95 -31.96 -7.90
N TYR C 29 31.73 -31.42 -7.82
CA TYR C 29 31.39 -30.21 -8.57
C TYR C 29 32.31 -29.06 -8.20
N TRP C 30 32.53 -28.85 -6.89
CA TRP C 30 33.32 -27.70 -6.49
C TRP C 30 34.82 -27.94 -6.61
N ASP C 31 35.25 -29.19 -6.49
CA ASP C 31 36.64 -29.52 -6.78
C ASP C 31 36.93 -29.34 -8.28
N ARG C 32 35.97 -29.70 -9.14
CA ARG C 32 36.09 -29.43 -10.56
C ARG C 32 36.09 -27.93 -10.85
N GLY C 33 35.28 -27.17 -10.11
CA GLY C 33 35.26 -25.73 -10.30
C GLY C 33 36.58 -25.08 -9.95
N LEU C 34 37.17 -25.47 -8.82
CA LEU C 34 38.46 -24.90 -8.43
C LEU C 34 39.58 -25.30 -9.40
N ALA C 35 39.50 -26.53 -9.93
CA ALA C 35 40.47 -26.95 -10.94
C ALA C 35 40.28 -26.18 -12.24
N ASP C 36 39.03 -25.95 -12.64
CA ASP C 36 38.76 -25.12 -13.81
C ASP C 36 39.32 -23.71 -13.63
N LEU C 37 39.14 -23.14 -12.45
CA LEU C 37 39.67 -21.80 -12.18
C LEU C 37 41.20 -21.79 -12.26
N ALA C 38 41.84 -22.78 -11.63
CA ALA C 38 43.30 -22.82 -11.63
C ALA C 38 43.85 -23.01 -13.04
N ALA C 39 43.06 -23.59 -13.94
CA ALA C 39 43.50 -23.78 -15.31
C ALA C 39 43.42 -22.51 -16.15
N VAL C 40 42.80 -21.46 -15.64
CA VAL C 40 42.75 -20.16 -16.31
C VAL C 40 43.80 -19.26 -15.68
N PRO C 41 44.77 -18.76 -16.45
CA PRO C 41 45.78 -17.86 -15.87
C PRO C 41 45.12 -16.59 -15.35
N ALA C 42 45.53 -16.16 -14.15
CA ALA C 42 44.88 -15.03 -13.51
C ALA C 42 45.10 -13.73 -14.28
N ASP C 43 46.28 -13.55 -14.86
CA ASP C 43 46.60 -12.38 -15.68
CA ASP C 43 46.60 -12.38 -15.68
C ASP C 43 46.32 -11.08 -14.92
N VAL C 44 46.95 -10.98 -13.75
CA VAL C 44 46.65 -9.88 -12.82
C VAL C 44 47.21 -8.57 -13.37
N VAL C 45 46.37 -7.54 -13.38
CA VAL C 45 46.76 -6.19 -13.77
C VAL C 45 46.32 -5.25 -12.65
N ILE C 46 47.24 -4.40 -12.18
CA ILE C 46 46.96 -3.45 -11.11
C ILE C 46 47.25 -2.05 -11.66
N GLU C 47 46.26 -1.17 -11.58
CA GLU C 47 46.34 0.17 -12.15
C GLU C 47 45.95 1.20 -11.11
N PRO C 48 46.55 2.39 -11.14
CA PRO C 48 46.21 3.42 -10.16
C PRO C 48 44.78 3.90 -10.35
N ALA C 49 44.17 4.28 -9.24
CA ALA C 49 42.82 4.84 -9.25
C ALA C 49 42.89 6.36 -9.18
N GLU C 50 41.78 7.01 -9.54
CA GLU C 50 41.74 8.46 -9.50
C GLU C 50 41.66 8.97 -8.06
N PHE C 51 41.01 8.22 -7.18
CA PHE C 51 40.88 8.64 -5.78
C PHE C 51 42.24 8.56 -5.09
N THR C 52 42.64 9.65 -4.43
CA THR C 52 43.94 9.72 -3.80
C THR C 52 43.80 10.24 -2.38
N THR C 53 44.66 9.73 -1.50
CA THR C 53 44.68 10.12 -0.10
C THR C 53 46.00 9.69 0.50
N PRO C 54 46.53 10.44 1.48
CA PRO C 54 47.74 9.98 2.18
C PRO C 54 47.53 8.72 3.00
N LEU C 55 46.29 8.26 3.19
CA LEU C 55 46.03 7.09 4.01
C LEU C 55 46.24 5.77 3.28
N ALA C 56 46.25 5.75 1.95
CA ALA C 56 46.29 4.47 1.25
C ALA C 56 46.65 4.68 -0.21
N ARG C 57 47.33 3.68 -0.77
CA ARG C 57 47.46 3.55 -2.22
C ARG C 57 46.21 2.84 -2.75
N CYS C 58 45.46 3.53 -3.60
CA CYS C 58 44.22 3.01 -4.15
C CYS C 58 44.43 2.58 -5.60
N SER C 59 43.97 1.36 -5.94
CA SER C 59 44.23 0.80 -7.26
C SER C 59 43.00 0.05 -7.77
N HIS C 60 42.98 -0.14 -9.09
CA HIS C 60 42.07 -1.06 -9.75
C HIS C 60 42.76 -2.40 -9.93
N LEU C 61 42.21 -3.45 -9.35
CA LEU C 61 42.76 -4.81 -9.49
C LEU C 61 41.92 -5.58 -10.50
N TRP C 62 42.56 -6.05 -11.56
CA TRP C 62 41.91 -6.79 -12.64
C TRP C 62 42.46 -8.20 -12.75
N PHE C 63 41.57 -9.17 -12.95
CA PHE C 63 41.99 -10.54 -13.17
C PHE C 63 40.97 -11.24 -14.06
N THR C 64 41.34 -12.42 -14.54
CA THR C 64 40.47 -13.23 -15.38
C THR C 64 39.81 -14.31 -14.55
N GLY C 65 38.48 -14.42 -14.65
CA GLY C 65 37.74 -15.47 -14.00
C GLY C 65 37.27 -16.54 -14.98
N THR C 66 36.55 -17.51 -14.45
CA THR C 66 35.99 -18.57 -15.28
C THR C 66 35.01 -17.99 -16.29
N GLY C 67 34.92 -18.63 -17.45
CA GLY C 67 34.12 -18.12 -18.54
C GLY C 67 34.80 -17.11 -19.43
N GLY C 68 36.10 -16.85 -19.22
CA GLY C 68 36.83 -15.94 -20.08
C GLY C 68 36.39 -14.49 -19.99
N VAL C 69 36.24 -13.98 -18.76
CA VAL C 69 35.86 -12.59 -18.55
C VAL C 69 36.86 -11.94 -17.60
N ARG C 70 37.01 -10.63 -17.73
CA ARG C 70 37.83 -9.83 -16.83
C ARG C 70 36.98 -9.35 -15.67
N VAL C 71 37.54 -9.44 -14.46
CA VAL C 71 36.84 -9.10 -13.23
C VAL C 71 37.62 -8.00 -12.52
N HIS C 72 36.90 -7.08 -11.89
CA HIS C 72 37.51 -5.94 -11.22
C HIS C 72 37.31 -6.03 -9.71
N ALA C 73 38.31 -5.54 -8.98
CA ALA C 73 38.18 -5.33 -7.53
C ALA C 73 38.91 -4.05 -7.15
N LYS C 74 38.34 -3.33 -6.18
CA LYS C 74 39.06 -2.23 -5.56
C LYS C 74 40.19 -2.78 -4.69
N LEU C 75 41.34 -2.11 -4.72
CA LEU C 75 42.51 -2.53 -3.95
C LEU C 75 43.07 -1.33 -3.20
N LEU C 76 43.17 -1.44 -1.88
CA LEU C 76 43.73 -0.40 -1.04
C LEU C 76 44.87 -0.97 -0.23
N ARG C 77 46.03 -0.32 -0.28
CA ARG C 77 47.23 -0.84 0.38
C ARG C 77 47.94 0.29 1.12
N PRO C 78 48.63 -0.03 2.21
CA PRO C 78 49.50 0.97 2.84
C PRO C 78 50.49 1.53 1.84
N VAL C 79 50.89 2.79 2.06
CA VAL C 79 51.67 3.52 1.06
C VAL C 79 53.10 2.98 0.98
N ALA C 80 53.74 2.81 2.13
CA ALA C 80 55.12 2.33 2.24
C ALA C 80 55.05 1.03 3.03
N PRO C 81 54.73 -0.09 2.39
CA PRO C 81 54.55 -1.34 3.17
C PRO C 81 55.87 -1.85 3.72
N VAL C 82 55.80 -2.35 4.95
CA VAL C 82 56.95 -2.91 5.64
C VAL C 82 56.77 -4.43 5.78
N GLU C 83 56.59 -4.92 7.01
CA GLU C 83 56.41 -6.35 7.26
C GLU C 83 55.13 -6.85 6.59
N PRO C 84 55.04 -8.16 6.36
CA PRO C 84 53.75 -8.75 5.98
C PRO C 84 52.71 -8.47 7.05
N HIS C 85 51.49 -8.19 6.61
CA HIS C 85 50.43 -7.68 7.46
C HIS C 85 49.10 -8.37 7.12
N PRO C 86 48.03 -8.15 7.90
CA PRO C 86 46.75 -8.78 7.56
C PRO C 86 46.14 -8.17 6.31
N ALA C 87 45.07 -8.83 5.84
CA ALA C 87 44.28 -8.33 4.72
C ALA C 87 42.81 -8.62 4.97
N LEU C 88 41.95 -7.82 4.33
CA LEU C 88 40.51 -7.94 4.47
C LEU C 88 39.86 -7.93 3.09
N LEU C 89 39.00 -8.92 2.85
CA LEU C 89 38.22 -9.02 1.63
C LEU C 89 36.77 -8.62 1.92
N GLN C 90 36.21 -7.74 1.09
CA GLN C 90 34.86 -7.25 1.29
C GLN C 90 34.00 -7.52 0.06
N PHE C 91 32.75 -7.89 0.31
CA PHE C 91 31.81 -8.22 -0.75
C PHE C 91 30.53 -7.42 -0.55
N HIS C 92 29.93 -6.97 -1.65
CA HIS C 92 28.88 -5.98 -1.59
C HIS C 92 27.49 -6.59 -1.80
N GLY C 93 26.47 -5.75 -1.62
CA GLY C 93 25.10 -6.20 -1.71
C GLY C 93 24.61 -6.37 -3.13
N TYR C 94 23.49 -7.07 -3.25
CA TYR C 94 22.95 -7.44 -4.55
C TYR C 94 22.56 -6.21 -5.37
N THR C 95 23.07 -6.16 -6.60
CA THR C 95 22.94 -5.09 -7.61
C THR C 95 23.76 -3.85 -7.27
N GLY C 96 24.47 -3.83 -6.15
CA GLY C 96 25.32 -2.71 -5.79
C GLY C 96 26.72 -2.87 -6.36
N ASN C 97 27.67 -2.17 -5.74
CA ASN C 97 29.08 -2.27 -6.10
C ASN C 97 29.92 -2.14 -4.84
N SER C 98 31.25 -2.16 -5.03
CA SER C 98 32.18 -2.17 -3.90
C SER C 98 32.12 -0.92 -3.03
N GLY C 99 31.46 0.15 -3.49
CA GLY C 99 31.22 1.31 -2.65
C GLY C 99 32.35 2.31 -2.63
N ASP C 100 32.27 3.22 -1.66
CA ASP C 100 33.20 4.34 -1.59
C ASP C 100 34.56 3.89 -1.08
N TRP C 101 35.62 4.48 -1.65
CA TRP C 101 36.99 4.19 -1.20
C TRP C 101 37.18 4.52 0.27
N SER C 102 36.64 5.64 0.72
CA SER C 102 36.95 6.17 2.04
C SER C 102 36.30 5.40 3.18
N SER C 103 35.34 4.52 2.88
CA SER C 103 34.65 3.78 3.92
C SER C 103 35.50 2.66 4.53
N ARG C 104 36.70 2.40 4.00
CA ARG C 104 37.54 1.34 4.54
CA ARG C 104 37.54 1.35 4.55
C ARG C 104 38.97 1.82 4.78
N LEU C 105 39.20 3.13 4.76
CA LEU C 105 40.55 3.65 4.98
C LEU C 105 41.05 3.41 6.39
N HIS C 106 40.15 3.21 7.36
CA HIS C 106 40.61 2.93 8.72
C HIS C 106 41.22 1.54 8.84
N TYR C 107 40.78 0.58 8.02
CA TYR C 107 41.45 -0.72 8.00
C TYR C 107 42.85 -0.59 7.42
N VAL C 108 43.02 0.23 6.38
CA VAL C 108 44.37 0.46 5.86
C VAL C 108 45.23 1.16 6.89
N ALA C 109 44.63 2.09 7.66
CA ALA C 109 45.38 2.79 8.70
C ALA C 109 45.85 1.83 9.78
N LEU C 110 45.10 0.75 10.02
CA LEU C 110 45.58 -0.33 10.87
C LEU C 110 46.75 -1.09 10.26
N GLY C 111 47.01 -0.91 8.97
CA GLY C 111 48.05 -1.65 8.28
C GLY C 111 47.57 -2.77 7.38
N TYR C 112 46.26 -2.89 7.17
CA TYR C 112 45.71 -3.98 6.39
C TYR C 112 45.70 -3.62 4.90
N THR C 113 45.80 -4.63 4.07
CA THR C 113 45.39 -4.52 2.68
C THR C 113 43.90 -4.80 2.62
N VAL C 114 43.18 -4.03 1.80
CA VAL C 114 41.75 -4.22 1.63
C VAL C 114 41.47 -4.46 0.15
N ALA C 115 40.73 -5.53 -0.14
CA ALA C 115 40.28 -5.84 -1.49
C ALA C 115 38.77 -5.99 -1.47
N ALA C 116 38.09 -5.32 -2.39
CA ALA C 116 36.62 -5.30 -2.45
C ALA C 116 36.20 -5.65 -3.87
N LEU C 117 35.59 -6.83 -4.03
CA LEU C 117 35.22 -7.34 -5.35
C LEU C 117 34.00 -6.61 -5.90
N ASP C 118 34.01 -6.38 -7.21
CA ASP C 118 32.81 -5.96 -7.95
C ASP C 118 32.21 -7.19 -8.62
N CYS C 119 30.97 -7.52 -8.28
CA CYS C 119 30.33 -8.69 -8.85
C CYS C 119 30.00 -8.45 -10.32
N ARG C 120 30.14 -9.50 -11.13
CA ARG C 120 29.92 -9.40 -12.57
C ARG C 120 28.55 -8.84 -12.91
N GLY C 121 28.53 -7.82 -13.76
CA GLY C 121 27.30 -7.29 -14.28
C GLY C 121 26.54 -6.39 -13.33
N GLN C 122 27.02 -6.19 -12.12
CA GLN C 122 26.33 -5.37 -11.14
C GLN C 122 26.84 -3.93 -11.26
N ALA C 123 26.71 -3.12 -10.21
CA ALA C 123 26.87 -1.69 -10.39
C ALA C 123 28.32 -1.23 -10.54
N GLY C 124 29.29 -2.13 -10.52
CA GLY C 124 30.70 -1.77 -10.57
C GLY C 124 31.31 -1.90 -11.95
N LEU C 125 32.61 -2.16 -11.99
CA LEU C 125 33.38 -2.18 -13.23
C LEU C 125 33.52 -3.58 -13.83
N SER C 126 33.02 -4.63 -13.17
CA SER C 126 33.05 -5.96 -13.77
C SER C 126 31.85 -6.07 -14.70
N VAL C 127 32.10 -5.91 -16.00
CA VAL C 127 31.05 -5.83 -17.01
C VAL C 127 31.16 -6.96 -18.02
N GLY C 128 31.96 -7.98 -17.73
CA GLY C 128 32.10 -9.11 -18.64
C GLY C 128 31.11 -10.20 -18.29
N GLU C 129 30.44 -10.72 -19.31
CA GLU C 129 29.35 -11.68 -19.14
C GLU C 129 29.78 -13.03 -19.70
N ALA C 130 29.70 -14.06 -18.86
CA ALA C 130 29.96 -15.39 -19.39
C ALA C 130 28.74 -15.90 -20.15
N PRO C 131 28.91 -16.49 -21.32
CA PRO C 131 27.75 -16.93 -22.10
C PRO C 131 27.11 -18.18 -21.50
N VAL C 132 25.85 -18.38 -21.87
CA VAL C 132 25.09 -19.57 -21.49
C VAL C 132 24.44 -20.12 -22.75
N GLU C 133 24.08 -21.41 -22.69
CA GLU C 133 23.39 -22.03 -23.83
C GLU C 133 21.94 -21.57 -23.90
N ASN C 134 21.27 -21.45 -22.75
CA ASN C 134 19.86 -21.11 -22.67
C ASN C 134 19.73 -19.87 -21.80
N TRP C 135 19.40 -18.74 -22.44
CA TRP C 135 19.28 -17.46 -21.76
C TRP C 135 17.83 -17.19 -21.42
N SER C 136 17.58 -16.89 -20.15
CA SER C 136 16.30 -16.36 -19.69
C SER C 136 16.56 -15.03 -18.98
N MET C 137 15.85 -13.99 -19.40
CA MET C 137 15.98 -12.69 -18.76
C MET C 137 15.28 -12.64 -17.41
N ALA C 138 14.62 -13.72 -17.00
CA ALA C 138 13.80 -13.68 -15.79
C ALA C 138 14.63 -13.57 -14.53
N SER C 139 15.85 -14.12 -14.51
CA SER C 139 16.57 -14.22 -13.25
C SER C 139 18.05 -14.31 -13.49
N TYR C 140 18.82 -13.40 -12.88
CA TYR C 140 20.26 -13.56 -12.85
C TYR C 140 20.67 -14.71 -11.93
N LEU C 141 20.01 -14.84 -10.77
CA LEU C 141 20.37 -15.87 -9.82
C LEU C 141 20.29 -17.26 -10.43
N LEU C 142 19.33 -17.48 -11.32
CA LEU C 142 19.14 -18.76 -11.97
C LEU C 142 19.75 -18.80 -13.36
N ARG C 143 20.57 -17.81 -13.71
CA ARG C 143 21.20 -17.79 -15.02
C ARG C 143 22.05 -19.04 -15.21
N GLY C 144 21.83 -19.75 -16.30
CA GLY C 144 22.56 -20.97 -16.60
C GLY C 144 21.90 -22.24 -16.10
N ILE C 145 20.74 -22.14 -15.45
CA ILE C 145 20.13 -23.30 -14.82
C ILE C 145 19.59 -24.30 -15.84
N ASP C 146 19.35 -23.88 -17.08
CA ASP C 146 18.79 -24.75 -18.11
C ASP C 146 19.84 -25.31 -19.06
N ASP C 147 21.11 -25.11 -18.78
CA ASP C 147 22.14 -25.68 -19.64
C ASP C 147 22.25 -27.18 -19.41
N ASP C 148 23.05 -27.84 -20.26
CA ASP C 148 23.13 -29.29 -20.23
C ASP C 148 23.75 -29.79 -18.92
N ALA C 149 24.88 -29.21 -18.53
CA ALA C 149 25.48 -29.47 -17.22
C ALA C 149 25.30 -28.25 -16.33
N ALA C 150 25.58 -28.44 -15.04
CA ALA C 150 25.40 -27.39 -14.05
C ALA C 150 26.64 -26.50 -13.90
N ASP C 151 27.63 -26.66 -14.78
CA ASP C 151 28.87 -25.91 -14.69
C ASP C 151 28.77 -24.51 -15.30
N ASN C 152 27.64 -24.15 -15.91
CA ASN C 152 27.47 -22.83 -16.49
C ASN C 152 26.61 -21.92 -15.63
N LEU C 153 26.32 -22.30 -14.38
CA LEU C 153 25.55 -21.44 -13.49
C LEU C 153 26.28 -20.14 -13.23
N ALA C 154 25.57 -19.02 -13.39
CA ALA C 154 26.20 -17.72 -13.15
C ALA C 154 26.71 -17.61 -11.72
N LEU C 155 25.98 -18.19 -10.76
CA LEU C 155 26.40 -18.11 -9.37
CA LEU C 155 26.40 -18.11 -9.37
C LEU C 155 27.69 -18.90 -9.13
N ARG C 156 27.95 -19.93 -9.93
CA ARG C 156 29.18 -20.69 -9.77
C ARG C 156 30.38 -19.83 -10.15
N HIS C 157 30.30 -19.13 -11.28
CA HIS C 157 31.37 -18.22 -11.68
C HIS C 157 31.60 -17.15 -10.62
N LEU C 158 30.52 -16.64 -10.03
CA LEU C 158 30.64 -15.60 -9.01
C LEU C 158 31.41 -16.11 -7.80
N PHE C 159 31.06 -17.31 -7.33
CA PHE C 159 31.74 -17.89 -6.17
C PHE C 159 33.22 -18.11 -6.46
N LEU C 160 33.54 -18.57 -7.66
CA LEU C 160 34.94 -18.79 -8.01
C LEU C 160 35.69 -17.47 -8.16
N ASP C 161 34.99 -16.37 -8.48
CA ASP C 161 35.63 -15.06 -8.49
C ASP C 161 36.10 -14.68 -7.09
N THR C 162 35.28 -14.94 -6.07
CA THR C 162 35.72 -14.67 -4.70
C THR C 162 36.91 -15.55 -4.33
N ALA C 163 36.91 -16.80 -4.81
CA ALA C 163 38.05 -17.69 -4.55
C ALA C 163 39.32 -17.13 -5.17
N ARG C 164 39.23 -16.68 -6.43
CA ARG C 164 40.40 -16.11 -7.09
C ARG C 164 40.89 -14.85 -6.37
N LEU C 165 39.98 -13.97 -5.98
CA LEU C 165 40.39 -12.78 -5.25
C LEU C 165 41.15 -13.14 -3.99
N ALA C 166 40.64 -14.12 -3.24
CA ALA C 166 41.34 -14.58 -2.05
C ALA C 166 42.70 -15.15 -2.38
N GLN C 167 42.78 -15.94 -3.46
CA GLN C 167 44.06 -16.53 -3.86
C GLN C 167 45.09 -15.45 -4.21
N ILE C 168 44.67 -14.44 -4.98
CA ILE C 168 45.57 -13.35 -5.36
C ILE C 168 46.03 -12.58 -4.14
N VAL C 169 45.11 -12.28 -3.22
CA VAL C 169 45.47 -11.47 -2.06
C VAL C 169 46.40 -12.23 -1.14
N LEU C 170 46.12 -13.51 -0.89
CA LEU C 170 46.99 -14.31 -0.04
C LEU C 170 48.40 -14.43 -0.62
N ALA C 171 48.51 -14.45 -1.95
CA ALA C 171 49.80 -14.59 -2.62
C ALA C 171 50.61 -13.30 -2.68
N MET C 172 50.02 -12.16 -2.30
CA MET C 172 50.78 -10.92 -2.29
C MET C 172 51.89 -11.00 -1.26
N ASP C 173 53.08 -10.51 -1.63
CA ASP C 173 54.24 -10.68 -0.75
C ASP C 173 54.09 -9.94 0.58
N ASP C 174 53.34 -8.83 0.60
CA ASP C 174 53.12 -8.04 1.79
CA ASP C 174 53.17 -8.08 1.83
C ASP C 174 51.94 -8.51 2.62
N VAL C 175 51.29 -9.62 2.25
CA VAL C 175 50.13 -10.12 2.98
C VAL C 175 50.53 -11.43 3.67
N ASP C 176 50.36 -11.47 4.98
CA ASP C 176 50.55 -12.73 5.70
C ASP C 176 49.36 -13.62 5.39
N PRO C 177 49.54 -14.74 4.68
CA PRO C 177 48.39 -15.54 4.24
C PRO C 177 47.59 -16.17 5.38
N ASP C 178 48.10 -16.14 6.60
CA ASP C 178 47.37 -16.71 7.73
C ASP C 178 46.56 -15.66 8.48
N ARG C 179 46.55 -14.41 8.01
CA ARG C 179 45.88 -13.31 8.69
C ARG C 179 44.97 -12.56 7.73
N VAL C 180 44.10 -13.30 7.04
CA VAL C 180 43.18 -12.72 6.07
C VAL C 180 41.76 -12.98 6.52
N ALA C 181 40.91 -11.95 6.40
CA ALA C 181 39.51 -12.03 6.81
C ALA C 181 38.61 -11.66 5.64
N ALA C 182 37.33 -12.00 5.75
CA ALA C 182 36.31 -11.61 4.77
C ALA C 182 35.05 -11.14 5.49
N THR C 183 34.34 -10.19 4.87
CA THR C 183 33.12 -9.66 5.49
C THR C 183 32.25 -9.04 4.41
N GLY C 184 30.96 -8.91 4.73
CA GLY C 184 30.01 -8.33 3.78
C GLY C 184 28.57 -8.41 4.24
N TYR C 185 27.70 -7.61 3.63
CA TYR C 185 26.28 -7.55 3.97
C TYR C 185 25.45 -8.21 2.88
N SER C 186 24.45 -8.99 3.30
CA SER C 186 23.42 -9.55 2.41
C SER C 186 24.07 -10.45 1.37
N GLN C 187 24.01 -10.14 0.06
CA GLN C 187 24.77 -10.90 -0.91
C GLN C 187 26.24 -10.98 -0.51
N GLY C 188 26.78 -9.89 0.04
CA GLY C 188 28.15 -9.94 0.52
C GLY C 188 28.35 -10.88 1.69
N GLY C 189 27.31 -11.09 2.49
CA GLY C 189 27.40 -12.08 3.55
C GLY C 189 27.47 -13.49 3.00
N GLY C 190 26.65 -13.78 1.99
CA GLY C 190 26.73 -15.09 1.36
C GLY C 190 28.04 -15.32 0.64
N LEU C 191 28.56 -14.27 -0.02
CA LEU C 191 29.86 -14.38 -0.67
C LEU C 191 31.01 -14.53 0.34
N THR C 192 30.88 -13.90 1.51
CA THR C 192 31.85 -14.08 2.58
C THR C 192 32.01 -15.56 2.96
N LEU C 193 30.88 -16.26 3.09
CA LEU C 193 30.93 -17.68 3.46
C LEU C 193 31.42 -18.53 2.31
N ALA C 194 30.96 -18.24 1.08
CA ALA C 194 31.47 -18.97 -0.08
C ALA C 194 32.97 -18.80 -0.23
N CYS C 195 33.47 -17.57 -0.01
CA CYS C 195 34.91 -17.32 -0.10
C CYS C 195 35.68 -18.08 0.97
N ALA C 196 35.20 -18.00 2.22
CA ALA C 196 35.87 -18.72 3.31
C ALA C 196 35.76 -20.22 3.16
N ALA C 197 34.82 -20.70 2.36
CA ALA C 197 34.69 -22.13 2.10
C ALA C 197 35.60 -22.61 0.98
N LEU C 198 35.70 -21.84 -0.10
CA LEU C 198 36.51 -22.23 -1.24
C LEU C 198 37.98 -21.87 -1.06
N GLU C 199 38.29 -20.98 -0.12
CA GLU C 199 39.66 -20.72 0.32
C GLU C 199 39.67 -20.87 1.84
N PRO C 200 39.77 -22.12 2.33
CA PRO C 200 39.62 -22.35 3.78
C PRO C 200 40.73 -21.75 4.63
N ARG C 201 41.78 -21.17 4.02
CA ARG C 201 42.81 -20.47 4.79
C ARG C 201 42.30 -19.18 5.44
N ILE C 202 41.19 -18.62 4.96
CA ILE C 202 40.64 -17.40 5.56
C ILE C 202 40.48 -17.62 7.05
N ARG C 203 40.95 -16.66 7.86
CA ARG C 203 41.02 -16.81 9.30
C ARG C 203 39.76 -16.35 10.02
N LEU C 204 39.18 -15.22 9.61
CA LEU C 204 37.96 -14.69 10.23
C LEU C 204 36.96 -14.32 9.14
N ALA C 205 35.67 -14.48 9.46
CA ALA C 205 34.61 -14.15 8.52
C ALA C 205 33.46 -13.53 9.29
N ALA C 206 32.94 -12.42 8.79
CA ALA C 206 31.89 -11.66 9.48
C ALA C 206 30.76 -11.33 8.51
N PRO C 207 29.88 -12.30 8.23
CA PRO C 207 28.73 -12.02 7.37
C PRO C 207 27.60 -11.36 8.15
N VAL C 208 26.86 -10.50 7.45
CA VAL C 208 25.66 -9.86 8.00
C VAL C 208 24.49 -10.24 7.12
N TYR C 209 23.40 -10.70 7.76
CA TYR C 209 22.24 -11.37 7.16
C TYR C 209 22.56 -11.91 5.77
N PRO C 210 23.29 -13.02 5.68
CA PRO C 210 23.75 -13.51 4.38
C PRO C 210 22.61 -13.94 3.47
N PHE C 211 22.78 -13.64 2.19
CA PHE C 211 21.88 -13.99 1.10
C PHE C 211 22.42 -15.24 0.39
N LEU C 212 21.58 -15.82 -0.47
CA LEU C 212 21.93 -16.99 -1.29
C LEU C 212 22.04 -18.28 -0.48
N CYS C 213 21.21 -18.42 0.56
CA CYS C 213 21.15 -19.65 1.36
C CYS C 213 19.73 -20.22 1.29
N ASP C 214 19.63 -21.54 1.20
CA ASP C 214 18.37 -22.27 1.37
C ASP C 214 17.31 -21.78 0.38
N PHE C 215 17.65 -21.87 -0.90
CA PHE C 215 16.79 -21.34 -1.96
C PHE C 215 15.38 -21.88 -1.88
N ARG C 216 15.23 -23.19 -1.63
CA ARG C 216 13.89 -23.78 -1.67
C ARG C 216 13.05 -23.34 -0.49
N ARG C 217 13.67 -23.18 0.69
CA ARG C 217 12.94 -22.60 1.82
C ARG C 217 12.48 -21.18 1.49
N ALA C 218 13.34 -20.38 0.85
CA ALA C 218 12.94 -19.02 0.46
C ALA C 218 11.75 -19.04 -0.49
N TRP C 219 11.77 -19.94 -1.48
CA TRP C 219 10.65 -20.00 -2.43
C TRP C 219 9.37 -20.42 -1.74
N GLU C 220 9.45 -21.33 -0.76
CA GLU C 220 8.23 -21.84 -0.14
CA GLU C 220 8.28 -21.86 -0.08
C GLU C 220 7.59 -20.83 0.81
N MET C 221 8.32 -19.83 1.28
CA MET C 221 7.78 -18.90 2.26
C MET C 221 6.86 -17.84 1.67
N ASP C 222 6.87 -17.64 0.35
CA ASP C 222 6.09 -16.58 -0.27
C ASP C 222 6.49 -15.23 0.32
N LEU C 223 7.55 -14.65 -0.21
CA LEU C 223 8.06 -13.37 0.25
C LEU C 223 7.60 -12.31 -0.74
N GLU C 224 6.86 -11.31 -0.25
CA GLU C 224 6.23 -10.35 -1.15
C GLU C 224 7.26 -9.58 -1.95
N LYS C 225 8.36 -9.19 -1.32
CA LYS C 225 9.42 -8.42 -1.96
C LYS C 225 10.75 -9.13 -1.80
N GLY C 226 11.73 -8.69 -2.59
CA GLY C 226 13.09 -9.12 -2.43
C GLY C 226 13.62 -9.96 -3.58
N PRO C 227 14.94 -10.13 -3.62
CA PRO C 227 15.56 -10.85 -4.75
C PRO C 227 15.24 -12.34 -4.78
N TYR C 228 14.81 -12.95 -3.66
CA TYR C 228 14.43 -14.36 -3.73
C TYR C 228 13.22 -14.57 -4.63
N ASN C 229 12.44 -13.52 -4.92
CA ASN C 229 11.32 -13.66 -5.84
C ASN C 229 11.76 -13.97 -7.26
N GLU C 230 13.05 -13.84 -7.57
CA GLU C 230 13.53 -14.22 -8.90
C GLU C 230 13.25 -15.69 -9.20
N ILE C 231 13.22 -16.53 -8.16
CA ILE C 231 12.90 -17.95 -8.36
C ILE C 231 11.48 -18.09 -8.89
N THR C 232 10.53 -17.42 -8.25
CA THR C 232 9.14 -17.43 -8.72
C THR C 232 9.03 -16.81 -10.10
N THR C 233 9.75 -15.72 -10.34
CA THR C 233 9.72 -15.10 -11.66
C THR C 233 10.18 -16.08 -12.74
N TYR C 234 11.22 -16.86 -12.45
CA TYR C 234 11.69 -17.84 -13.42
C TYR C 234 10.64 -18.93 -13.66
N PHE C 235 10.08 -19.51 -12.59
CA PHE C 235 9.08 -20.56 -12.76
C PHE C 235 7.90 -20.05 -13.57
N ARG C 236 7.46 -18.82 -13.32
CA ARG C 236 6.33 -18.28 -14.07
C ARG C 236 6.64 -18.15 -15.54
N ALA C 237 7.91 -17.94 -15.90
CA ALA C 237 8.29 -17.77 -17.30
C ALA C 237 8.51 -19.11 -17.99
N ARG C 238 9.31 -19.99 -17.38
CA ARG C 238 9.84 -21.16 -18.08
C ARG C 238 9.36 -22.50 -17.55
N ASP C 239 8.58 -22.52 -16.46
CA ASP C 239 8.01 -23.79 -15.97
C ASP C 239 6.78 -23.55 -15.11
N PRO C 240 5.71 -22.96 -15.66
CA PRO C 240 4.58 -22.55 -14.81
C PRO C 240 3.86 -23.71 -14.12
N ARG C 241 3.99 -24.94 -14.60
CA ARG C 241 3.36 -26.09 -13.95
C ARG C 241 4.31 -26.83 -13.03
N HIS C 242 5.55 -26.39 -12.89
CA HIS C 242 6.54 -27.01 -12.01
C HIS C 242 6.83 -28.45 -12.41
N LEU C 243 6.86 -28.71 -13.72
CA LEU C 243 7.22 -30.03 -14.20
C LEU C 243 8.70 -30.34 -13.98
N ARG C 244 9.53 -29.32 -13.82
CA ARG C 244 10.96 -29.50 -13.59
C ARG C 244 11.40 -29.01 -12.21
N GLU C 245 10.48 -28.95 -11.25
CA GLU C 245 10.78 -28.37 -9.94
C GLU C 245 11.97 -29.05 -9.28
N GLU C 246 12.02 -30.38 -9.31
CA GLU C 246 13.07 -31.09 -8.61
C GLU C 246 14.44 -30.83 -9.24
N GLU C 247 14.49 -30.77 -10.57
CA GLU C 247 15.75 -30.54 -11.26
CA GLU C 247 15.75 -30.54 -11.25
C GLU C 247 16.28 -29.13 -11.01
N ILE C 248 15.39 -28.13 -11.02
CA ILE C 248 15.80 -26.75 -10.75
C ILE C 248 16.37 -26.63 -9.35
N PHE C 249 15.67 -27.19 -8.35
CA PHE C 249 16.14 -27.03 -6.98
C PHE C 249 17.35 -27.91 -6.70
N SER C 250 17.51 -29.02 -7.41
CA SER C 250 18.73 -29.82 -7.28
C SER C 250 19.92 -29.04 -7.80
N ARG C 251 19.79 -28.42 -8.97
CA ARG C 251 20.88 -27.61 -9.50
C ARG C 251 21.19 -26.44 -8.58
N LEU C 252 20.16 -25.78 -8.05
CA LEU C 252 20.40 -24.66 -7.14
C LEU C 252 21.16 -25.10 -5.90
N GLY C 253 21.03 -26.38 -5.51
CA GLY C 253 21.78 -26.89 -4.38
C GLY C 253 23.28 -26.80 -4.55
N TYR C 254 23.76 -26.80 -5.79
CA TYR C 254 25.19 -26.63 -6.03
C TYR C 254 25.68 -25.27 -5.57
N VAL C 255 24.86 -24.24 -5.72
CA VAL C 255 25.26 -22.87 -5.42
C VAL C 255 24.55 -22.34 -4.17
N ASP C 256 24.03 -23.24 -3.34
CA ASP C 256 23.46 -22.89 -2.05
C ASP C 256 24.57 -22.84 -1.01
N VAL C 257 24.81 -21.65 -0.45
CA VAL C 257 25.93 -21.42 0.47
C VAL C 257 25.88 -22.38 1.65
N GLN C 258 24.69 -22.81 2.07
CA GLN C 258 24.60 -23.71 3.21
C GLN C 258 25.37 -25.00 2.99
N HIS C 259 25.50 -25.45 1.75
CA HIS C 259 26.22 -26.69 1.47
C HIS C 259 27.71 -26.46 1.27
N LEU C 260 28.15 -25.22 1.14
CA LEU C 260 29.56 -24.89 1.22
C LEU C 260 30.02 -24.65 2.65
N ALA C 261 29.09 -24.35 3.55
CA ALA C 261 29.44 -24.04 4.94
C ALA C 261 30.31 -25.09 5.63
N PRO C 262 30.12 -26.41 5.42
CA PRO C 262 31.02 -27.38 6.09
C PRO C 262 32.49 -27.21 5.74
N ARG C 263 32.81 -26.60 4.60
CA ARG C 263 34.21 -26.38 4.23
C ARG C 263 34.84 -25.22 5.00
N VAL C 264 34.05 -24.34 5.60
CA VAL C 264 34.60 -23.16 6.26
C VAL C 264 35.41 -23.56 7.48
N ARG C 265 36.61 -22.99 7.62
CA ARG C 265 37.42 -23.17 8.81
C ARG C 265 37.60 -21.89 9.61
N ALA C 266 37.29 -20.72 9.04
CA ALA C 266 37.40 -19.45 9.75
C ALA C 266 36.50 -19.42 10.98
N GLU C 267 36.89 -18.62 11.97
CA GLU C 267 35.95 -18.26 13.02
C GLU C 267 34.94 -17.26 12.44
N VAL C 268 33.65 -17.51 12.66
CA VAL C 268 32.58 -16.76 12.03
C VAL C 268 31.85 -15.96 13.10
N LEU C 269 31.59 -14.69 12.80
CA LEU C 269 30.69 -13.85 13.60
C LEU C 269 29.56 -13.39 12.68
N MET C 270 28.38 -13.97 12.84
CA MET C 270 27.23 -13.71 11.98
C MET C 270 26.23 -12.81 12.68
N THR C 271 25.79 -11.75 12.00
CA THR C 271 24.79 -10.84 12.52
C THR C 271 23.47 -11.08 11.80
N VAL C 272 22.39 -11.19 12.58
CA VAL C 272 21.06 -11.52 12.06
C VAL C 272 20.05 -10.56 12.67
N SER C 273 19.13 -10.06 11.84
CA SER C 273 17.98 -9.32 12.31
C SER C 273 16.74 -10.18 12.13
N LEU C 274 15.90 -10.25 13.16
CA LEU C 274 14.85 -11.24 13.22
C LEU C 274 13.57 -10.83 12.49
N ALA C 275 13.41 -9.54 12.20
CA ALA C 275 12.28 -9.07 11.40
C ALA C 275 12.62 -8.95 9.92
N ASP C 276 13.68 -9.63 9.47
CA ASP C 276 14.15 -9.54 8.10
C ASP C 276 13.30 -10.44 7.21
N LYS C 277 12.60 -9.85 6.24
CA LYS C 277 11.81 -10.60 5.28
C LYS C 277 12.45 -10.64 3.89
N ILE C 278 13.62 -10.04 3.72
CA ILE C 278 14.41 -10.19 2.50
C ILE C 278 15.27 -11.45 2.57
N CYS C 279 16.01 -11.60 3.66
CA CYS C 279 16.77 -12.81 3.97
C CYS C 279 16.23 -13.35 5.28
N PRO C 280 15.24 -14.22 5.25
CA PRO C 280 14.63 -14.73 6.49
C PRO C 280 15.66 -15.44 7.35
N PRO C 281 15.59 -15.27 8.68
CA PRO C 281 16.59 -15.91 9.56
C PRO C 281 16.75 -17.40 9.36
N SER C 282 15.67 -18.12 9.01
CA SER C 282 15.79 -19.56 8.80
C SER C 282 16.77 -19.89 7.68
N THR C 283 16.74 -19.12 6.59
CA THR C 283 17.67 -19.39 5.49
C THR C 283 19.11 -19.14 5.93
N GLN C 284 19.33 -18.14 6.80
CA GLN C 284 20.66 -17.85 7.27
C GLN C 284 21.18 -18.95 8.20
N PHE C 285 20.33 -19.46 9.08
CA PHE C 285 20.77 -20.49 10.02
C PHE C 285 20.95 -21.86 9.36
N ALA C 286 20.29 -22.10 8.23
CA ALA C 286 20.59 -23.28 7.43
C ALA C 286 22.08 -23.36 7.11
N ALA C 287 22.69 -22.21 6.81
CA ALA C 287 24.13 -22.17 6.57
C ALA C 287 24.91 -22.12 7.88
N TYR C 288 24.49 -21.27 8.81
CA TYR C 288 25.19 -21.13 10.09
C TYR C 288 25.33 -22.47 10.79
N ASN C 289 24.25 -23.26 10.83
CA ASN C 289 24.26 -24.52 11.57
C ASN C 289 25.20 -25.55 10.96
N LYS C 290 25.63 -25.37 9.70
CA LYS C 290 26.54 -26.29 9.04
C LYS C 290 27.99 -25.80 9.01
N LEU C 291 28.29 -24.70 9.71
CA LEU C 291 29.63 -24.12 9.66
C LEU C 291 30.67 -25.09 10.21
N GLY C 292 31.82 -25.16 9.53
CA GLY C 292 32.88 -26.07 9.91
C GLY C 292 33.93 -25.54 10.85
N GLY C 293 33.78 -24.30 11.34
CA GLY C 293 34.72 -23.73 12.28
C GLY C 293 34.03 -23.16 13.51
N PRO C 294 34.78 -22.51 14.39
CA PRO C 294 34.14 -21.81 15.52
C PRO C 294 33.21 -20.72 15.02
N LYS C 295 32.20 -20.40 15.82
CA LYS C 295 31.16 -19.49 15.34
C LYS C 295 30.41 -18.88 16.52
N ASP C 296 29.86 -17.68 16.28
CA ASP C 296 28.95 -17.02 17.20
C ASP C 296 28.03 -16.13 16.38
N TYR C 297 26.90 -15.74 16.97
CA TYR C 297 25.93 -14.89 16.27
C TYR C 297 25.53 -13.71 17.14
N ARG C 298 25.00 -12.68 16.48
CA ARG C 298 24.46 -11.48 17.11
C ARG C 298 23.08 -11.22 16.53
N LEU C 299 22.09 -10.96 17.39
CA LEU C 299 20.70 -10.83 16.96
C LEU C 299 20.19 -9.41 17.16
N TYR C 300 19.34 -8.96 16.22
CA TYR C 300 18.62 -7.70 16.31
C TYR C 300 17.13 -8.01 16.14
N PRO C 301 16.41 -8.24 17.23
CA PRO C 301 15.03 -8.77 17.09
C PRO C 301 14.08 -7.86 16.33
N ASP C 302 14.17 -6.54 16.50
CA ASP C 302 13.19 -5.62 15.93
C ASP C 302 13.64 -4.97 14.62
N PHE C 303 14.70 -5.47 13.99
CA PHE C 303 15.21 -4.84 12.78
C PHE C 303 14.97 -5.73 11.57
N ALA C 304 14.91 -5.10 10.41
CA ALA C 304 14.75 -5.84 9.16
C ALA C 304 16.04 -5.77 8.35
N HIS C 305 15.93 -5.66 7.03
CA HIS C 305 17.09 -5.64 6.14
C HIS C 305 17.57 -4.19 6.01
N GLU C 306 18.29 -3.75 7.03
CA GLU C 306 18.64 -2.34 7.16
C GLU C 306 19.94 -2.21 7.96
N THR C 307 20.31 -0.97 8.26
CA THR C 307 21.46 -0.69 9.10
C THR C 307 21.21 -1.16 10.53
N LEU C 308 22.21 -1.82 11.11
CA LEU C 308 22.10 -2.39 12.45
C LEU C 308 23.06 -1.67 13.39
N PRO C 309 22.58 -0.74 14.23
CA PRO C 309 23.49 0.08 15.03
C PRO C 309 24.37 -0.77 15.93
N GLY C 310 25.68 -0.50 15.86
CA GLY C 310 26.67 -1.22 16.63
C GLY C 310 27.39 -2.32 15.87
N THR C 311 26.92 -2.68 14.68
CA THR C 311 27.49 -3.83 13.98
C THR C 311 28.85 -3.50 13.37
N ASP C 312 29.02 -2.29 12.85
CA ASP C 312 30.32 -1.94 12.30
C ASP C 312 31.40 -1.92 13.37
N ASP C 313 31.07 -1.44 14.57
CA ASP C 313 32.01 -1.51 15.69
C ASP C 313 32.27 -2.95 16.12
N ALA C 314 31.22 -3.78 16.17
CA ALA C 314 31.41 -5.18 16.53
C ALA C 314 32.33 -5.88 15.53
N ILE C 315 32.17 -5.60 14.24
CA ILE C 315 33.03 -6.21 13.25
C ILE C 315 34.45 -5.67 13.35
N PHE C 316 34.60 -4.36 13.56
CA PHE C 316 35.93 -3.76 13.68
C PHE C 316 36.70 -4.35 14.86
N THR C 317 36.03 -4.47 16.02
CA THR C 317 36.66 -5.09 17.18
C THR C 317 37.01 -6.55 16.89
N PHE C 318 36.10 -7.26 16.22
CA PHE C 318 36.32 -8.65 15.83
C PHE C 318 37.53 -8.77 14.89
N LEU C 319 37.65 -7.85 13.94
CA LEU C 319 38.73 -7.92 12.95
C LEU C 319 40.05 -7.37 13.46
N GLN C 320 40.06 -6.73 14.64
CA GLN C 320 41.32 -6.32 15.23
C GLN C 320 42.16 -7.50 15.68
N GLY C 321 41.53 -8.65 15.93
CA GLY C 321 42.24 -9.85 16.27
C GLY C 321 42.91 -10.57 15.12
N LEU C 322 42.99 -9.93 13.95
CA LEU C 322 43.64 -10.55 12.79
C LEU C 322 45.16 -10.52 12.97
N LEU D 1 2.04 20.56 -6.86
CA LEU D 1 0.97 19.75 -6.25
C LEU D 1 -0.24 20.59 -5.84
N THR D 2 -1.43 20.09 -6.18
CA THR D 2 -2.72 20.64 -5.76
C THR D 2 -3.86 19.69 -6.11
N PHE D 3 -4.22 18.78 -5.21
CA PHE D 3 -5.15 17.70 -5.55
C PHE D 3 -6.49 18.22 -6.08
N ASP D 4 -6.99 19.28 -5.49
CA ASP D 4 -8.27 19.86 -5.88
C ASP D 4 -8.07 21.27 -6.37
N LEU D 5 -9.01 22.12 -6.13
CA LEU D 5 -8.78 23.50 -6.47
C LEU D 5 -8.23 24.22 -5.26
N PRO D 6 -7.33 25.19 -5.47
CA PRO D 6 -6.89 26.03 -4.36
C PRO D 6 -8.07 26.76 -3.75
N PHE D 7 -7.97 27.05 -2.45
CA PHE D 7 -9.12 27.62 -1.75
C PHE D 7 -9.54 28.95 -2.38
N GLU D 8 -8.60 29.67 -2.99
CA GLU D 8 -8.89 30.97 -3.58
C GLU D 8 -9.98 30.89 -4.63
N GLU D 9 -10.15 29.72 -5.26
CA GLU D 9 -11.10 29.57 -6.36
C GLU D 9 -12.37 28.84 -5.96
N LEU D 10 -12.47 28.33 -4.73
CA LEU D 10 -13.65 27.54 -4.35
C LEU D 10 -14.92 28.39 -4.32
N LEU D 11 -14.83 29.63 -3.83
CA LEU D 11 -16.02 30.45 -3.63
C LEU D 11 -16.62 30.97 -4.93
N THR D 12 -15.94 30.79 -6.07
CA THR D 12 -16.52 31.15 -7.35
C THR D 12 -16.71 29.94 -8.26
N TYR D 13 -16.40 28.74 -7.79
CA TYR D 13 -16.46 27.55 -8.63
C TYR D 13 -17.89 27.27 -9.06
N PRO D 14 -18.17 27.14 -10.36
CA PRO D 14 -19.55 26.99 -10.82
C PRO D 14 -20.03 25.56 -11.03
N GLY D 15 -19.19 24.55 -10.80
CA GLY D 15 -19.54 23.18 -11.08
C GLY D 15 -19.28 22.78 -12.52
N ARG D 16 -19.34 21.48 -12.78
CA ARG D 16 -18.97 20.94 -14.09
C ARG D 16 -20.14 20.33 -14.85
N THR D 17 -21.38 20.54 -14.41
CA THR D 17 -22.52 20.13 -15.24
C THR D 17 -23.59 21.21 -15.24
N PRO D 18 -24.01 21.66 -16.42
CA PRO D 18 -25.00 22.75 -16.47
C PRO D 18 -26.38 22.29 -15.99
N ARG D 19 -27.09 23.21 -15.37
CA ARG D 19 -28.45 22.99 -14.93
C ARG D 19 -29.32 22.52 -16.09
N PRO D 20 -30.00 21.38 -15.97
CA PRO D 20 -30.87 20.92 -17.06
C PRO D 20 -31.96 21.94 -17.34
N ALA D 21 -32.32 22.05 -18.63
CA ALA D 21 -33.27 23.09 -19.03
C ALA D 21 -34.65 22.88 -18.45
N ASP D 22 -35.04 21.63 -18.20
CA ASP D 22 -36.33 21.32 -17.61
C ASP D 22 -36.20 20.86 -16.16
N HIS D 23 -35.16 21.33 -15.46
CA HIS D 23 -34.94 20.91 -14.08
C HIS D 23 -36.15 21.18 -13.19
N ASP D 24 -36.72 22.38 -13.31
CA ASP D 24 -37.87 22.74 -12.47
C ASP D 24 -39.08 21.86 -12.79
N GLU D 25 -39.29 21.57 -14.08
CA GLU D 25 -40.39 20.71 -14.47
CA GLU D 25 -40.38 20.70 -14.49
C GLU D 25 -40.19 19.29 -13.97
N TYR D 26 -38.94 18.80 -13.98
CA TYR D 26 -38.65 17.46 -13.49
C TYR D 26 -39.05 17.32 -12.03
N TRP D 27 -38.70 18.30 -11.20
CA TRP D 27 -38.95 18.16 -9.77
C TRP D 27 -40.39 18.52 -9.40
N ASP D 28 -41.05 19.38 -10.18
CA ASP D 28 -42.48 19.58 -9.97
C ASP D 28 -43.26 18.30 -10.28
N ARG D 29 -42.86 17.59 -11.32
CA ARG D 29 -43.46 16.29 -11.61
C ARG D 29 -43.13 15.28 -10.51
N GLY D 30 -41.90 15.32 -10.00
CA GLY D 30 -41.54 14.41 -8.92
C GLY D 30 -42.35 14.65 -7.66
N LEU D 31 -42.48 15.92 -7.27
CA LEU D 31 -43.28 16.21 -6.08
C LEU D 31 -44.75 15.88 -6.31
N ALA D 32 -45.26 16.10 -7.52
CA ALA D 32 -46.64 15.74 -7.83
C ALA D 32 -46.86 14.23 -7.84
N ASP D 33 -45.90 13.48 -8.39
CA ASP D 33 -45.99 12.03 -8.30
C ASP D 33 -46.03 11.58 -6.84
N LEU D 34 -45.22 12.22 -5.99
CA LEU D 34 -45.22 11.89 -4.57
C LEU D 34 -46.57 12.18 -3.94
N ALA D 35 -47.14 13.35 -4.25
CA ALA D 35 -48.42 13.73 -3.64
C ALA D 35 -49.54 12.79 -4.04
N ALA D 36 -49.44 12.15 -5.21
CA ALA D 36 -50.45 11.20 -5.67
C ALA D 36 -50.30 9.83 -5.04
N VAL D 37 -49.24 9.60 -4.28
CA VAL D 37 -49.05 8.35 -3.53
C VAL D 37 -49.48 8.61 -2.10
N PRO D 38 -50.49 7.91 -1.58
CA PRO D 38 -50.88 8.12 -0.17
C PRO D 38 -49.76 7.74 0.77
N ALA D 39 -49.52 8.60 1.77
CA ALA D 39 -48.40 8.39 2.68
C ALA D 39 -48.61 7.15 3.55
N ASP D 40 -49.83 6.89 3.98
CA ASP D 40 -50.18 5.70 4.77
C ASP D 40 -49.25 5.54 5.97
N VAL D 41 -49.19 6.61 6.76
CA VAL D 41 -48.23 6.69 7.85
C VAL D 41 -48.64 5.75 8.98
N VAL D 42 -47.68 4.94 9.44
CA VAL D 42 -47.87 4.04 10.59
C VAL D 42 -46.74 4.28 11.57
N ILE D 43 -47.08 4.41 12.85
CA ILE D 43 -46.12 4.65 13.92
C ILE D 43 -46.23 3.50 14.91
N GLU D 44 -45.12 2.83 15.17
CA GLU D 44 -45.03 1.66 16.03
C GLU D 44 -43.97 1.87 17.10
N PRO D 45 -44.16 1.29 18.29
CA PRO D 45 -43.17 1.47 19.35
C PRO D 45 -41.86 0.78 19.02
N ALA D 46 -40.78 1.35 19.51
CA ALA D 46 -39.45 0.78 19.33
C ALA D 46 -39.02 0.08 20.61
N GLU D 47 -38.03 -0.81 20.48
CA GLU D 47 -37.56 -1.57 21.64
C GLU D 47 -36.76 -0.69 22.59
N PHE D 48 -35.92 0.20 22.05
CA PHE D 48 -35.14 1.10 22.89
C PHE D 48 -36.09 1.96 23.72
N THR D 49 -35.84 2.02 25.02
CA THR D 49 -36.69 2.73 25.95
C THR D 49 -35.84 3.61 26.86
N THR D 50 -36.36 4.78 27.19
CA THR D 50 -35.68 5.72 28.07
C THR D 50 -36.71 6.71 28.59
N PRO D 51 -36.57 7.19 29.83
CA PRO D 51 -37.49 8.23 30.32
C PRO D 51 -37.33 9.56 29.61
N LEU D 52 -36.29 9.70 28.77
CA LEU D 52 -36.04 10.97 28.09
C LEU D 52 -36.89 11.16 26.83
N ALA D 53 -37.50 10.10 26.30
CA ALA D 53 -38.15 10.24 25.01
C ALA D 53 -39.11 9.07 24.77
N ARG D 54 -40.09 9.32 23.90
CA ARG D 54 -40.85 8.26 23.25
C ARG D 54 -40.12 7.88 21.97
N CYS D 55 -39.77 6.60 21.83
CA CYS D 55 -39.05 6.11 20.65
C CYS D 55 -39.97 5.23 19.83
N SER D 56 -40.03 5.48 18.53
CA SER D 56 -40.97 4.79 17.67
C SER D 56 -40.35 4.50 16.31
N HIS D 57 -40.95 3.54 15.61
CA HIS D 57 -40.70 3.30 14.20
C HIS D 57 -41.77 4.01 13.38
N LEU D 58 -41.34 4.81 12.41
CA LEU D 58 -42.25 5.55 11.54
C LEU D 58 -42.16 4.98 10.15
N TRP D 59 -43.29 4.50 9.63
CA TRP D 59 -43.34 3.88 8.30
C TRP D 59 -44.22 4.72 7.38
N PHE D 60 -43.80 4.88 6.13
CA PHE D 60 -44.63 5.54 5.14
C PHE D 60 -44.35 4.94 3.77
N THR D 61 -45.19 5.29 2.81
CA THR D 61 -45.05 4.85 1.43
C THR D 61 -44.41 5.96 0.60
N GLY D 62 -43.34 5.62 -0.12
CA GLY D 62 -42.71 6.54 -1.03
C GLY D 62 -43.03 6.21 -2.49
N THR D 63 -42.41 6.95 -3.39
CA THR D 63 -42.59 6.70 -4.81
C THR D 63 -42.08 5.30 -5.14
N GLY D 64 -42.70 4.69 -6.14
CA GLY D 64 -42.43 3.30 -6.45
C GLY D 64 -43.20 2.32 -5.60
N GLY D 65 -44.07 2.79 -4.72
CA GLY D 65 -44.89 1.94 -3.88
C GLY D 65 -44.18 1.15 -2.79
N VAL D 66 -42.95 1.51 -2.43
CA VAL D 66 -42.22 0.80 -1.38
C VAL D 66 -42.48 1.46 -0.04
N ARG D 67 -42.30 0.68 1.04
CA ARG D 67 -42.40 1.19 2.41
C ARG D 67 -41.04 1.67 2.88
N VAL D 68 -41.01 2.83 3.52
CA VAL D 68 -39.77 3.46 3.96
C VAL D 68 -39.85 3.68 5.48
N HIS D 69 -38.71 3.50 6.15
CA HIS D 69 -38.63 3.59 7.60
C HIS D 69 -37.79 4.78 8.05
N ALA D 70 -38.20 5.38 9.17
CA ALA D 70 -37.39 6.37 9.87
C ALA D 70 -37.54 6.15 11.37
N LYS D 71 -36.46 6.39 12.12
CA LYS D 71 -36.62 6.45 13.57
C LYS D 71 -37.29 7.76 13.95
N LEU D 72 -38.18 7.68 14.94
CA LEU D 72 -38.92 8.83 15.42
C LEU D 72 -38.76 8.92 16.92
N LEU D 73 -38.26 10.06 17.39
CA LEU D 73 -38.11 10.32 18.82
C LEU D 73 -38.87 11.59 19.16
N ARG D 74 -39.74 11.51 20.16
CA ARG D 74 -40.56 12.67 20.53
C ARG D 74 -40.48 12.90 22.02
N PRO D 75 -40.62 14.16 22.45
CA PRO D 75 -40.59 14.45 23.90
C PRO D 75 -41.75 13.76 24.59
N VAL D 76 -41.55 13.44 25.87
CA VAL D 76 -42.53 12.63 26.58
C VAL D 76 -43.79 13.42 26.92
N ALA D 77 -43.68 14.71 27.21
CA ALA D 77 -44.86 15.52 27.59
C ALA D 77 -44.71 16.95 27.06
N PRO D 78 -44.90 17.15 25.76
CA PRO D 78 -44.88 18.50 25.20
C PRO D 78 -46.19 19.22 25.46
N VAL D 79 -46.10 20.55 25.59
CA VAL D 79 -47.31 21.34 25.78
C VAL D 79 -47.65 22.04 24.46
N GLU D 80 -46.86 23.01 24.08
CA GLU D 80 -47.09 23.76 22.87
C GLU D 80 -46.27 23.19 21.72
N PRO D 81 -46.62 23.52 20.47
CA PRO D 81 -45.80 23.11 19.33
C PRO D 81 -44.34 23.55 19.51
N HIS D 82 -43.43 22.68 19.08
CA HIS D 82 -42.01 22.81 19.37
C HIS D 82 -41.20 22.51 18.12
N PRO D 83 -39.87 22.73 18.13
CA PRO D 83 -39.07 22.46 16.94
C PRO D 83 -38.91 20.97 16.65
N ALA D 84 -38.38 20.69 15.46
CA ALA D 84 -38.07 19.34 15.04
C ALA D 84 -36.78 19.34 14.24
N LEU D 85 -36.11 18.20 14.22
CA LEU D 85 -34.84 18.01 13.54
C LEU D 85 -34.89 16.74 12.72
N LEU D 86 -34.51 16.85 11.45
CA LEU D 86 -34.41 15.71 10.56
C LEU D 86 -32.94 15.36 10.35
N GLN D 87 -32.62 14.06 10.46
CA GLN D 87 -31.25 13.60 10.34
C GLN D 87 -31.12 12.56 9.24
N PHE D 88 -30.02 12.62 8.49
CA PHE D 88 -29.76 11.71 7.38
C PHE D 88 -28.36 11.12 7.52
N HIS D 89 -28.23 9.83 7.17
CA HIS D 89 -27.04 9.05 7.49
C HIS D 89 -26.12 8.86 6.28
N GLY D 90 -24.95 8.29 6.55
CA GLY D 90 -23.93 8.12 5.53
C GLY D 90 -24.20 6.96 4.58
N TYR D 91 -23.45 6.96 3.48
CA TYR D 91 -23.67 6.00 2.40
C TYR D 91 -23.41 4.57 2.88
N THR D 92 -24.41 3.69 2.65
CA THR D 92 -24.47 2.28 3.05
C THR D 92 -24.67 2.08 4.55
N GLY D 93 -24.77 3.14 5.36
CA GLY D 93 -25.02 3.04 6.78
C GLY D 93 -26.49 3.00 7.11
N ASN D 94 -26.80 3.36 8.35
CA ASN D 94 -28.19 3.50 8.78
C ASN D 94 -28.30 4.65 9.76
N SER D 95 -29.51 4.88 10.27
CA SER D 95 -29.79 6.04 11.09
C SER D 95 -29.04 6.02 12.42
N GLY D 96 -28.44 4.89 12.80
CA GLY D 96 -27.57 4.87 13.95
C GLY D 96 -28.30 4.70 15.27
N ASP D 97 -27.56 4.95 16.34
CA ASP D 97 -28.04 4.67 17.69
C ASP D 97 -29.11 5.69 18.14
N TRP D 98 -30.11 5.19 18.86
CA TRP D 98 -31.15 6.05 19.40
C TRP D 98 -30.57 7.13 20.30
N SER D 99 -29.61 6.75 21.15
CA SER D 99 -29.14 7.63 22.22
C SER D 99 -28.27 8.78 21.73
N SER D 100 -27.81 8.75 20.48
CA SER D 100 -26.97 9.83 19.99
C SER D 100 -27.76 11.11 19.70
N ARG D 101 -29.08 11.11 19.78
CA ARG D 101 -29.86 12.30 19.52
C ARG D 101 -30.80 12.67 20.67
N LEU D 102 -30.67 12.02 21.83
CA LEU D 102 -31.55 12.30 22.95
C LEU D 102 -31.38 13.71 23.51
N HIS D 103 -30.21 14.33 23.31
CA HIS D 103 -30.03 15.69 23.82
C HIS D 103 -30.87 16.70 23.04
N TYR D 104 -31.16 16.43 21.78
CA TYR D 104 -32.11 17.28 21.07
C TYR D 104 -33.52 17.08 21.60
N VAL D 105 -33.90 15.83 21.92
CA VAL D 105 -35.21 15.61 22.52
C VAL D 105 -35.29 16.30 23.87
N ALA D 106 -34.18 16.30 24.63
CA ALA D 106 -34.17 16.97 25.93
C ALA D 106 -34.38 18.47 25.79
N LEU D 107 -33.93 19.06 24.67
CA LEU D 107 -34.28 20.44 24.39
C LEU D 107 -35.77 20.62 24.12
N GLY D 108 -36.49 19.52 23.91
CA GLY D 108 -37.89 19.60 23.55
C GLY D 108 -38.21 19.34 22.10
N TYR D 109 -37.23 18.90 21.31
CA TYR D 109 -37.42 18.70 19.87
C TYR D 109 -37.95 17.31 19.56
N THR D 110 -38.69 17.20 18.46
CA THR D 110 -38.91 15.93 17.80
C THR D 110 -37.72 15.66 16.87
N VAL D 111 -37.26 14.42 16.84
CA VAL D 111 -36.15 14.01 15.96
C VAL D 111 -36.64 12.88 15.07
N ALA D 112 -36.42 13.02 13.76
CA ALA D 112 -36.73 11.97 12.81
C ALA D 112 -35.48 11.68 11.99
N ALA D 113 -35.14 10.40 11.85
CA ALA D 113 -33.91 9.98 11.17
C ALA D 113 -34.25 8.93 10.13
N LEU D 114 -34.14 9.29 8.86
CA LEU D 114 -34.54 8.42 7.77
C LEU D 114 -33.53 7.29 7.56
N ASP D 115 -34.03 6.10 7.26
CA ASP D 115 -33.23 4.98 6.77
C ASP D 115 -33.36 4.94 5.25
N CYS D 116 -32.23 5.04 4.55
CA CYS D 116 -32.26 5.02 3.09
C CYS D 116 -32.55 3.62 2.55
N ARG D 117 -33.30 3.58 1.45
CA ARG D 117 -33.70 2.31 0.83
C ARG D 117 -32.49 1.43 0.55
N GLY D 118 -32.56 0.18 1.01
CA GLY D 118 -31.55 -0.81 0.71
C GLY D 118 -30.26 -0.69 1.50
N GLN D 119 -30.11 0.32 2.33
CA GLN D 119 -28.87 0.47 3.09
C GLN D 119 -29.05 -0.30 4.41
N ALA D 120 -28.26 0.05 5.44
CA ALA D 120 -28.12 -0.80 6.61
C ALA D 120 -29.30 -0.77 7.57
N GLY D 121 -30.37 -0.03 7.28
CA GLY D 121 -31.50 0.10 8.18
C GLY D 121 -32.66 -0.80 7.81
N LEU D 122 -33.87 -0.35 8.16
CA LEU D 122 -35.10 -1.12 7.98
C LEU D 122 -35.84 -0.82 6.69
N SER D 123 -35.37 0.13 5.88
CA SER D 123 -35.99 0.37 4.58
C SER D 123 -35.42 -0.64 3.61
N VAL D 124 -36.19 -1.70 3.32
CA VAL D 124 -35.71 -2.83 2.54
C VAL D 124 -36.53 -3.02 1.26
N GLY D 125 -37.35 -2.05 0.89
CA GLY D 125 -38.16 -2.15 -0.32
C GLY D 125 -37.46 -1.54 -1.50
N GLU D 126 -37.46 -2.26 -2.62
CA GLU D 126 -36.73 -1.86 -3.82
C GLU D 126 -37.73 -1.53 -4.93
N ALA D 127 -37.63 -0.31 -5.47
CA ALA D 127 -38.45 0.05 -6.62
C ALA D 127 -37.84 -0.51 -7.90
N PRO D 128 -38.65 -1.09 -8.78
CA PRO D 128 -38.10 -1.73 -9.98
C PRO D 128 -37.62 -0.73 -11.01
N VAL D 129 -36.73 -1.20 -11.88
CA VAL D 129 -36.23 -0.44 -13.01
C VAL D 129 -36.33 -1.32 -14.25
N GLU D 130 -36.35 -0.66 -15.41
CA GLU D 130 -36.40 -1.41 -16.67
C GLU D 130 -35.05 -2.05 -16.95
N ASN D 131 -33.96 -1.34 -16.72
CA ASN D 131 -32.62 -1.81 -17.03
C ASN D 131 -31.82 -1.83 -15.74
N TRP D 132 -31.51 -3.02 -15.26
CA TRP D 132 -30.78 -3.22 -14.01
C TRP D 132 -29.30 -3.46 -14.30
N SER D 133 -28.45 -2.65 -13.68
CA SER D 133 -27.01 -2.87 -13.66
C SER D 133 -26.55 -2.93 -12.22
N MET D 134 -25.82 -3.98 -11.87
CA MET D 134 -25.26 -4.16 -10.53
C MET D 134 -24.03 -3.29 -10.28
N ALA D 135 -23.56 -2.54 -11.28
CA ALA D 135 -22.31 -1.80 -11.13
C ALA D 135 -22.44 -0.64 -10.15
N SER D 136 -23.62 -0.05 -10.03
CA SER D 136 -23.75 1.20 -9.28
C SER D 136 -25.18 1.34 -8.77
N TYR D 137 -25.33 1.51 -7.46
CA TYR D 137 -26.62 1.92 -6.93
C TYR D 137 -26.92 3.38 -7.29
N LEU D 138 -25.91 4.25 -7.22
CA LEU D 138 -26.14 5.67 -7.48
C LEU D 138 -26.67 5.92 -8.89
N LEU D 139 -26.26 5.11 -9.86
CA LEU D 139 -26.70 5.24 -11.24
C LEU D 139 -27.84 4.28 -11.57
N ARG D 140 -28.45 3.67 -10.56
CA ARG D 140 -29.58 2.78 -10.79
C ARG D 140 -30.71 3.55 -11.46
N GLY D 141 -31.19 3.02 -12.58
CA GLY D 141 -32.26 3.63 -13.35
C GLY D 141 -31.82 4.57 -14.46
N ILE D 142 -30.51 4.80 -14.60
CA ILE D 142 -30.04 5.82 -15.52
C ILE D 142 -30.29 5.41 -16.98
N ASP D 143 -30.48 4.12 -17.25
CA ASP D 143 -30.68 3.63 -18.60
C ASP D 143 -32.14 3.37 -18.94
N ASP D 144 -33.07 3.75 -18.07
CA ASP D 144 -34.47 3.57 -18.40
C ASP D 144 -34.91 4.57 -19.46
N ASP D 145 -36.09 4.33 -20.03
CA ASP D 145 -36.55 5.12 -21.17
C ASP D 145 -36.63 6.60 -20.81
N ALA D 146 -37.31 6.92 -19.71
CA ALA D 146 -37.35 8.27 -19.18
C ALA D 146 -36.49 8.35 -17.92
N ALA D 147 -36.24 9.58 -17.47
CA ALA D 147 -35.37 9.83 -16.33
C ALA D 147 -36.09 9.80 -14.99
N ASP D 148 -37.35 9.41 -14.97
CA ASP D 148 -38.13 9.45 -13.72
C ASP D 148 -37.94 8.20 -12.86
N ASN D 149 -37.16 7.22 -13.31
CA ASN D 149 -36.92 5.99 -12.55
C ASN D 149 -35.57 5.98 -11.85
N LEU D 150 -34.89 7.12 -11.79
CA LEU D 150 -33.61 7.19 -11.09
C LEU D 150 -33.78 6.87 -9.61
N ALA D 151 -32.94 5.97 -9.10
CA ALA D 151 -33.05 5.60 -7.69
C ALA D 151 -32.84 6.82 -6.79
N LEU D 152 -31.90 7.70 -7.16
CA LEU D 152 -31.63 8.89 -6.34
CA LEU D 152 -31.63 8.89 -6.34
C LEU D 152 -32.85 9.79 -6.25
N ARG D 153 -33.69 9.81 -7.29
CA ARG D 153 -34.92 10.58 -7.25
C ARG D 153 -35.87 10.05 -6.17
N HIS D 154 -36.08 8.73 -6.14
CA HIS D 154 -36.84 8.11 -5.05
C HIS D 154 -36.29 8.50 -3.70
N LEU D 155 -34.96 8.50 -3.56
CA LEU D 155 -34.35 8.86 -2.29
C LEU D 155 -34.63 10.30 -1.93
N PHE D 156 -34.49 11.21 -2.89
CA PHE D 156 -34.75 12.63 -2.60
C PHE D 156 -36.20 12.83 -2.21
N LEU D 157 -37.12 12.15 -2.90
CA LEU D 157 -38.52 12.30 -2.57
C LEU D 157 -38.86 11.70 -1.21
N ASP D 158 -38.08 10.72 -0.75
CA ASP D 158 -38.26 10.19 0.61
C ASP D 158 -37.96 11.26 1.66
N THR D 159 -36.89 12.05 1.46
CA THR D 159 -36.59 13.11 2.42
C THR D 159 -37.69 14.17 2.41
N ALA D 160 -38.21 14.49 1.23
CA ALA D 160 -39.33 15.44 1.14
C ALA D 160 -40.55 14.92 1.86
N ARG D 161 -40.86 13.63 1.67
CA ARG D 161 -42.02 13.06 2.35
C ARG D 161 -41.84 13.06 3.85
N LEU D 162 -40.65 12.64 4.33
CA LEU D 162 -40.40 12.64 5.76
C LEU D 162 -40.55 14.03 6.36
N ALA D 163 -40.01 15.05 5.68
CA ALA D 163 -40.17 16.42 6.15
C ALA D 163 -41.64 16.83 6.16
N GLN D 164 -42.39 16.49 5.10
CA GLN D 164 -43.80 16.83 5.05
C GLN D 164 -44.57 16.19 6.20
N ILE D 165 -44.26 14.93 6.50
CA ILE D 165 -44.91 14.24 7.60
C ILE D 165 -44.59 14.92 8.93
N VAL D 166 -43.32 15.26 9.14
CA VAL D 166 -42.90 15.81 10.42
C VAL D 166 -43.47 17.21 10.60
N LEU D 167 -43.45 18.04 9.56
CA LEU D 167 -44.05 19.37 9.66
C LEU D 167 -45.53 19.29 9.97
N ALA D 168 -46.22 18.26 9.48
CA ALA D 168 -47.66 18.15 9.67
C ALA D 168 -48.06 17.64 11.05
N MET D 169 -47.11 17.18 11.87
CA MET D 169 -47.42 16.70 13.21
C MET D 169 -48.00 17.83 14.06
N ASP D 170 -48.99 17.49 14.90
CA ASP D 170 -49.69 18.52 15.65
C ASP D 170 -48.75 19.28 16.59
N ASP D 171 -47.80 18.59 17.20
CA ASP D 171 -46.94 19.22 18.19
C ASP D 171 -45.66 19.82 17.60
N VAL D 172 -45.51 19.83 16.27
CA VAL D 172 -44.33 20.36 15.60
C VAL D 172 -44.67 21.71 14.98
N ASP D 173 -43.94 22.74 15.35
CA ASP D 173 -44.08 24.04 14.70
C ASP D 173 -43.46 23.94 13.32
N PRO D 174 -44.23 23.98 12.23
CA PRO D 174 -43.64 23.72 10.90
C PRO D 174 -42.62 24.77 10.49
N ASP D 175 -42.55 25.90 11.17
CA ASP D 175 -41.60 26.94 10.85
C ASP D 175 -40.35 26.89 11.72
N ARG D 176 -40.19 25.85 12.54
CA ARG D 176 -39.00 25.67 13.37
C ARG D 176 -38.44 24.25 13.19
N VAL D 177 -38.10 23.89 11.95
CA VAL D 177 -37.59 22.56 11.64
C VAL D 177 -36.22 22.70 10.98
N ALA D 178 -35.29 21.81 11.34
CA ALA D 178 -33.93 21.81 10.81
C ALA D 178 -33.59 20.45 10.21
N ALA D 179 -32.52 20.42 9.42
CA ALA D 179 -31.99 19.18 8.87
C ALA D 179 -30.47 19.19 8.96
N THR D 180 -29.88 18.01 9.13
CA THR D 180 -28.44 17.87 9.26
C THR D 180 -28.03 16.44 8.89
N GLY D 181 -26.76 16.29 8.53
CA GLY D 181 -26.23 14.99 8.17
C GLY D 181 -24.81 15.07 7.65
N TYR D 182 -24.11 13.93 7.65
CA TYR D 182 -22.73 13.81 7.18
C TYR D 182 -22.70 13.07 5.85
N SER D 183 -21.87 13.57 4.93
CA SER D 183 -21.54 12.88 3.68
C SER D 183 -22.81 12.69 2.87
N GLN D 184 -23.26 11.47 2.59
CA GLN D 184 -24.56 11.28 1.95
C GLN D 184 -25.66 12.01 2.71
N GLY D 185 -25.58 12.00 4.04
CA GLY D 185 -26.54 12.73 4.85
C GLY D 185 -26.44 14.23 4.69
N GLY D 186 -25.25 14.73 4.33
CA GLY D 186 -25.11 16.14 4.02
C GLY D 186 -25.78 16.53 2.72
N GLY D 187 -25.64 15.69 1.69
CA GLY D 187 -26.33 15.96 0.45
C GLY D 187 -27.84 15.82 0.60
N LEU D 188 -28.28 14.81 1.36
CA LEU D 188 -29.71 14.65 1.58
C LEU D 188 -30.27 15.80 2.41
N THR D 189 -29.46 16.36 3.31
CA THR D 189 -29.86 17.56 4.04
C THR D 189 -30.18 18.70 3.07
N LEU D 190 -29.35 18.87 2.04
CA LEU D 190 -29.57 19.94 1.07
C LEU D 190 -30.75 19.65 0.18
N ALA D 191 -30.88 18.41 -0.29
CA ALA D 191 -32.05 18.02 -1.08
C ALA D 191 -33.33 18.20 -0.28
N CYS D 192 -33.31 17.84 1.00
CA CYS D 192 -34.48 17.98 1.84
C CYS D 192 -34.88 19.45 2.00
N ALA D 193 -33.91 20.31 2.29
CA ALA D 193 -34.19 21.73 2.43
C ALA D 193 -34.60 22.37 1.11
N ALA D 194 -34.32 21.72 -0.02
CA ALA D 194 -34.74 22.24 -1.33
C ALA D 194 -36.15 21.81 -1.70
N LEU D 195 -36.53 20.57 -1.42
CA LEU D 195 -37.84 20.06 -1.80
C LEU D 195 -38.93 20.39 -0.77
N GLU D 196 -38.55 20.71 0.47
CA GLU D 196 -39.44 21.27 1.48
C GLU D 196 -38.79 22.56 1.97
N PRO D 197 -38.93 23.65 1.20
CA PRO D 197 -38.16 24.87 1.51
C PRO D 197 -38.58 25.59 2.78
N ARG D 198 -39.64 25.12 3.46
CA ARG D 198 -40.01 25.69 4.75
C ARG D 198 -38.97 25.37 5.82
N ILE D 199 -38.11 24.37 5.61
CA ILE D 199 -37.02 24.04 6.52
C ILE D 199 -36.23 25.31 6.84
N ARG D 200 -36.00 25.55 8.14
CA ARG D 200 -35.44 26.82 8.59
CA ARG D 200 -35.44 26.82 8.61
C ARG D 200 -33.91 26.83 8.65
N LEU D 201 -33.29 25.73 9.09
CA LEU D 201 -31.84 25.63 9.20
C LEU D 201 -31.37 24.30 8.63
N ALA D 202 -30.16 24.29 8.07
CA ALA D 202 -29.57 23.09 7.49
C ALA D 202 -28.09 23.08 7.79
N ALA D 203 -27.57 21.94 8.26
CA ALA D 203 -26.17 21.82 8.67
C ALA D 203 -25.55 20.58 8.05
N PRO D 204 -25.19 20.64 6.77
CA PRO D 204 -24.50 19.51 6.14
C PRO D 204 -23.02 19.52 6.46
N VAL D 205 -22.45 18.31 6.50
CA VAL D 205 -21.02 18.11 6.69
C VAL D 205 -20.49 17.31 5.51
N TYR D 206 -19.37 17.80 4.91
CA TYR D 206 -18.83 17.40 3.61
C TYR D 206 -19.86 16.68 2.76
N PRO D 207 -20.81 17.40 2.17
CA PRO D 207 -21.92 16.75 1.47
C PRO D 207 -21.48 15.96 0.25
N PHE D 208 -22.15 14.83 0.03
CA PHE D 208 -22.02 13.93 -1.09
C PHE D 208 -23.15 14.20 -2.08
N LEU D 209 -23.03 13.60 -3.28
CA LEU D 209 -24.06 13.68 -4.33
C LEU D 209 -24.10 15.06 -5.00
N CYS D 210 -22.95 15.71 -5.14
CA CYS D 210 -22.82 16.98 -5.85
C CYS D 210 -21.80 16.82 -6.96
N ASP D 211 -22.07 17.46 -8.10
CA ASP D 211 -21.07 17.68 -9.15
C ASP D 211 -20.44 16.36 -9.61
N PHE D 212 -21.30 15.44 -10.04
CA PHE D 212 -20.86 14.10 -10.42
C PHE D 212 -19.77 14.15 -11.48
N ARG D 213 -19.96 14.97 -12.52
CA ARG D 213 -19.00 14.99 -13.62
CA ARG D 213 -18.99 14.98 -13.61
C ARG D 213 -17.62 15.43 -13.13
N ARG D 214 -17.58 16.41 -12.22
CA ARG D 214 -16.31 16.83 -11.65
C ARG D 214 -15.66 15.69 -10.88
N ALA D 215 -16.46 14.94 -10.10
CA ALA D 215 -15.92 13.81 -9.34
C ALA D 215 -15.30 12.75 -10.24
N TRP D 216 -15.99 12.40 -11.32
CA TRP D 216 -15.48 11.41 -12.27
C TRP D 216 -14.20 11.91 -12.94
N GLU D 217 -14.16 13.20 -13.28
CA GLU D 217 -13.00 13.76 -13.97
C GLU D 217 -11.76 13.78 -13.09
N MET D 218 -11.91 13.82 -11.76
CA MET D 218 -10.77 13.92 -10.87
C MET D 218 -10.01 12.61 -10.68
N ASP D 219 -10.57 11.49 -11.14
CA ASP D 219 -9.97 10.16 -10.96
C ASP D 219 -9.55 9.96 -9.50
N LEU D 220 -10.57 9.89 -8.65
CA LEU D 220 -10.37 9.62 -7.25
C LEU D 220 -10.02 8.15 -7.08
N GLU D 221 -9.10 7.86 -6.18
CA GLU D 221 -8.68 6.46 -6.14
C GLU D 221 -9.70 5.54 -5.50
N LYS D 222 -10.77 6.08 -4.90
CA LYS D 222 -11.12 5.46 -3.64
C LYS D 222 -12.41 6.13 -3.17
N GLY D 223 -13.45 5.34 -2.86
CA GLY D 223 -14.68 5.94 -2.38
C GLY D 223 -15.88 5.81 -3.32
N PRO D 224 -17.06 6.25 -2.86
CA PRO D 224 -18.31 5.99 -3.62
C PRO D 224 -18.45 6.70 -4.97
N TYR D 225 -17.76 7.81 -5.24
CA TYR D 225 -17.85 8.38 -6.58
C TYR D 225 -17.28 7.45 -7.65
N ASN D 226 -16.46 6.46 -7.25
CA ASN D 226 -15.93 5.49 -8.20
C ASN D 226 -17.00 4.61 -8.82
N GLU D 227 -18.23 4.63 -8.30
CA GLU D 227 -19.30 3.88 -8.93
C GLU D 227 -19.55 4.36 -10.35
N ILE D 228 -19.32 5.64 -10.62
CA ILE D 228 -19.51 6.16 -11.96
C ILE D 228 -18.55 5.49 -12.93
N THR D 229 -17.27 5.41 -12.55
CA THR D 229 -16.28 4.73 -13.36
C THR D 229 -16.63 3.27 -13.53
N THR D 230 -17.05 2.61 -12.44
CA THR D 230 -17.45 1.21 -12.50
C THR D 230 -18.60 1.01 -13.49
N TYR D 231 -19.57 1.93 -13.50
CA TYR D 231 -20.67 1.81 -14.46
C TYR D 231 -20.16 1.96 -15.89
N PHE D 232 -19.32 2.98 -16.14
CA PHE D 232 -18.80 3.17 -17.50
C PHE D 232 -18.02 1.95 -17.97
N ARG D 233 -17.19 1.39 -17.09
CA ARG D 233 -16.40 0.22 -17.47
C ARG D 233 -17.30 -0.96 -17.81
N ALA D 234 -18.47 -1.04 -17.19
CA ALA D 234 -19.39 -2.16 -17.44
C ALA D 234 -20.26 -1.94 -18.67
N ARG D 235 -20.90 -0.77 -18.77
CA ARG D 235 -21.98 -0.60 -19.74
C ARG D 235 -21.71 0.42 -20.83
N ASP D 236 -20.57 1.11 -20.81
CA ASP D 236 -20.22 2.05 -21.88
C ASP D 236 -18.71 2.26 -21.91
N PRO D 237 -17.92 1.23 -22.23
CA PRO D 237 -16.46 1.36 -22.08
C PRO D 237 -15.83 2.38 -23.02
N ARG D 238 -16.46 2.71 -24.15
CA ARG D 238 -15.93 3.72 -25.05
C ARG D 238 -16.57 5.08 -24.84
N HIS D 239 -17.46 5.21 -23.85
CA HIS D 239 -18.08 6.49 -23.52
C HIS D 239 -18.91 7.06 -24.68
N LEU D 240 -19.59 6.18 -25.42
CA LEU D 240 -20.46 6.65 -26.49
C LEU D 240 -21.68 7.37 -25.95
N ARG D 241 -22.08 7.12 -24.70
CA ARG D 241 -23.26 7.74 -24.12
C ARG D 241 -22.90 8.70 -23.00
N GLU D 242 -21.66 9.20 -23.00
CA GLU D 242 -21.16 10.02 -21.91
C GLU D 242 -22.04 11.25 -21.69
N GLU D 243 -22.44 11.90 -22.77
CA GLU D 243 -23.18 13.15 -22.63
C GLU D 243 -24.58 12.90 -22.03
N GLU D 244 -25.26 11.83 -22.47
CA GLU D 244 -26.58 11.56 -21.92
CA GLU D 244 -26.58 11.52 -21.93
C GLU D 244 -26.51 11.10 -20.47
N ILE D 245 -25.48 10.32 -20.12
CA ILE D 245 -25.37 9.85 -18.75
C ILE D 245 -25.21 11.01 -17.78
N PHE D 246 -24.31 11.95 -18.07
CA PHE D 246 -24.04 13.00 -17.09
C PHE D 246 -25.13 14.03 -17.02
N SER D 247 -25.77 14.28 -18.15
CA SER D 247 -26.84 15.26 -18.12
C SER D 247 -28.12 14.68 -17.56
N ARG D 248 -28.28 13.33 -17.59
CA ARG D 248 -29.32 12.69 -16.79
CA ARG D 248 -29.32 12.69 -16.79
C ARG D 248 -28.99 12.78 -15.30
N LEU D 249 -27.71 12.61 -14.95
CA LEU D 249 -27.28 12.76 -13.57
C LEU D 249 -27.48 14.19 -13.06
N GLY D 250 -27.53 15.18 -13.95
CA GLY D 250 -27.79 16.55 -13.54
C GLY D 250 -29.13 16.73 -12.86
N TYR D 251 -30.11 15.89 -13.16
CA TYR D 251 -31.39 15.97 -12.47
C TYR D 251 -31.25 15.66 -10.98
N VAL D 252 -30.33 14.75 -10.62
CA VAL D 252 -30.19 14.31 -9.24
C VAL D 252 -28.90 14.85 -8.62
N ASP D 253 -28.33 15.90 -9.20
CA ASP D 253 -27.17 16.58 -8.65
C ASP D 253 -27.67 17.61 -7.65
N VAL D 254 -27.17 17.53 -6.41
CA VAL D 254 -27.66 18.39 -5.34
C VAL D 254 -27.36 19.86 -5.64
N GLN D 255 -26.33 20.14 -6.44
CA GLN D 255 -25.99 21.53 -6.74
C GLN D 255 -27.11 22.25 -7.48
N HIS D 256 -27.90 21.54 -8.28
CA HIS D 256 -28.98 22.19 -9.02
C HIS D 256 -30.27 22.29 -8.23
N LEU D 257 -30.35 21.61 -7.09
CA LEU D 257 -31.43 21.85 -6.14
C LEU D 257 -31.11 22.98 -5.16
N ALA D 258 -29.84 23.31 -4.98
CA ALA D 258 -29.43 24.33 -4.02
C ALA D 258 -30.12 25.68 -4.20
N PRO D 259 -30.42 26.17 -5.42
CA PRO D 259 -31.13 27.46 -5.53
C PRO D 259 -32.50 27.48 -4.88
N ARG D 260 -33.16 26.32 -4.71
CA ARG D 260 -34.46 26.28 -4.05
C ARG D 260 -34.38 26.42 -2.54
N VAL D 261 -33.19 26.21 -1.96
CA VAL D 261 -33.05 26.22 -0.51
C VAL D 261 -33.29 27.62 0.02
N ARG D 262 -34.09 27.73 1.08
CA ARG D 262 -34.24 28.99 1.78
C ARG D 262 -33.70 28.96 3.19
N ALA D 263 -33.42 27.77 3.74
CA ALA D 263 -32.86 27.69 5.09
C ALA D 263 -31.52 28.40 5.16
N GLU D 264 -31.18 28.89 6.35
CA GLU D 264 -29.80 29.27 6.60
C GLU D 264 -28.97 28.00 6.69
N VAL D 265 -27.84 27.98 6.00
CA VAL D 265 -26.99 26.80 5.87
C VAL D 265 -25.68 27.05 6.61
N LEU D 266 -25.24 26.05 7.37
CA LEU D 266 -23.90 26.02 7.95
C LEU D 266 -23.20 24.77 7.42
N MET D 267 -22.25 24.95 6.52
CA MET D 267 -21.58 23.83 5.86
C MET D 267 -20.18 23.65 6.43
N THR D 268 -19.87 22.42 6.83
CA THR D 268 -18.53 22.09 7.31
C THR D 268 -17.82 21.27 6.25
N VAL D 269 -16.58 21.63 5.94
CA VAL D 269 -15.80 20.97 4.91
C VAL D 269 -14.38 20.80 5.41
N SER D 270 -13.78 19.64 5.13
CA SER D 270 -12.37 19.41 5.39
C SER D 270 -11.63 19.38 4.06
N LEU D 271 -10.45 20.01 4.02
CA LEU D 271 -9.81 20.32 2.77
C LEU D 271 -8.95 19.19 2.21
N ALA D 272 -8.54 18.23 3.04
CA ALA D 272 -7.81 17.06 2.57
C ALA D 272 -8.72 15.88 2.25
N ASP D 273 -10.01 16.15 2.07
CA ASP D 273 -11.02 15.12 1.83
C ASP D 273 -10.97 14.68 0.37
N LYS D 274 -10.62 13.42 0.15
CA LYS D 274 -10.57 12.84 -1.20
CA LYS D 274 -10.56 12.85 -1.20
C LYS D 274 -11.77 11.96 -1.50
N ILE D 275 -12.68 11.79 -0.55
CA ILE D 275 -13.93 11.09 -0.79
C ILE D 275 -14.98 12.02 -1.38
N CYS D 276 -15.16 13.18 -0.75
CA CYS D 276 -16.01 14.26 -1.25
C CYS D 276 -15.10 15.47 -1.43
N PRO D 277 -14.55 15.66 -2.62
CA PRO D 277 -13.62 16.79 -2.85
C PRO D 277 -14.29 18.13 -2.56
N PRO D 278 -13.55 19.07 -1.96
CA PRO D 278 -14.14 20.37 -1.63
C PRO D 278 -14.77 21.08 -2.82
N SER D 279 -14.21 20.90 -4.02
CA SER D 279 -14.78 21.57 -5.19
C SER D 279 -16.21 21.12 -5.46
N THR D 280 -16.49 19.82 -5.36
CA THR D 280 -17.85 19.34 -5.60
C THR D 280 -18.84 19.86 -4.56
N GLN D 281 -18.38 20.02 -3.31
CA GLN D 281 -19.25 20.56 -2.26
C GLN D 281 -19.55 22.03 -2.51
N PHE D 282 -18.54 22.81 -2.90
CA PHE D 282 -18.76 24.24 -3.11
C PHE D 282 -19.53 24.52 -4.38
N ALA D 283 -19.55 23.58 -5.32
CA ALA D 283 -20.48 23.66 -6.45
C ALA D 283 -21.90 23.85 -5.97
N ALA D 284 -22.28 23.15 -4.89
CA ALA D 284 -23.61 23.31 -4.33
C ALA D 284 -23.70 24.54 -3.43
N TYR D 285 -22.70 24.72 -2.55
CA TYR D 285 -22.69 25.86 -1.63
C TYR D 285 -22.85 27.19 -2.36
N ASN D 286 -22.15 27.35 -3.47
CA ASN D 286 -22.20 28.62 -4.20
C ASN D 286 -23.56 28.90 -4.82
N LYS D 287 -24.41 27.89 -5.00
CA LYS D 287 -25.73 28.11 -5.61
C LYS D 287 -26.87 28.15 -4.59
N LEU D 288 -26.55 28.14 -3.30
CA LEU D 288 -27.59 28.10 -2.27
C LEU D 288 -28.44 29.36 -2.32
N GLY D 289 -29.74 29.18 -2.11
CA GLY D 289 -30.67 30.30 -2.17
C GLY D 289 -30.94 31.01 -0.87
N GLY D 290 -30.29 30.63 0.23
CA GLY D 290 -30.51 31.30 1.49
C GLY D 290 -29.21 31.78 2.10
N PRO D 291 -29.29 32.32 3.32
CA PRO D 291 -28.05 32.71 4.02
C PRO D 291 -27.18 31.48 4.26
N LYS D 292 -25.87 31.72 4.37
CA LYS D 292 -24.95 30.60 4.42
C LYS D 292 -23.62 31.04 5.04
N ASP D 293 -22.93 30.07 5.63
CA ASP D 293 -21.58 30.21 6.13
C ASP D 293 -20.95 28.83 6.09
N TYR D 294 -19.61 28.79 6.15
CA TYR D 294 -18.88 27.53 6.07
C TYR D 294 -17.86 27.45 7.20
N ARG D 295 -17.40 26.23 7.48
CA ARG D 295 -16.35 25.97 8.46
C ARG D 295 -15.33 25.03 7.83
N LEU D 296 -14.05 25.36 7.95
CA LEU D 296 -12.99 24.62 7.26
C LEU D 296 -12.08 23.90 8.24
N TYR D 297 -11.67 22.69 7.87
CA TYR D 297 -10.68 21.89 8.59
C TYR D 297 -9.57 21.52 7.60
N PRO D 298 -8.52 22.35 7.51
CA PRO D 298 -7.56 22.16 6.40
C PRO D 298 -6.85 20.82 6.40
N ASP D 299 -6.51 20.26 7.56
CA ASP D 299 -5.68 19.05 7.64
C ASP D 299 -6.49 17.78 7.81
N PHE D 300 -7.81 17.82 7.63
CA PHE D 300 -8.63 16.65 7.89
C PHE D 300 -9.20 16.09 6.59
N ALA D 301 -9.50 14.80 6.61
CA ALA D 301 -10.10 14.14 5.46
C ALA D 301 -11.55 13.79 5.77
N HIS D 302 -12.01 12.63 5.30
CA HIS D 302 -13.41 12.20 5.49
C HIS D 302 -13.50 11.45 6.82
N GLU D 303 -13.52 12.21 7.90
CA GLU D 303 -13.38 11.65 9.24
C GLU D 303 -14.08 12.58 10.23
N THR D 304 -14.04 12.19 11.51
CA THR D 304 -14.60 13.02 12.57
CA THR D 304 -14.60 13.03 12.57
C THR D 304 -13.84 14.35 12.65
N LEU D 305 -14.59 15.46 12.74
CA LEU D 305 -14.03 16.80 12.76
C LEU D 305 -14.23 17.44 14.14
N PRO D 306 -13.20 17.49 14.99
CA PRO D 306 -13.40 17.90 16.38
C PRO D 306 -13.97 19.31 16.51
N GLY D 307 -15.04 19.42 17.29
CA GLY D 307 -15.73 20.68 17.50
C GLY D 307 -16.97 20.87 16.65
N THR D 308 -17.19 20.01 15.65
CA THR D 308 -18.28 20.21 14.70
C THR D 308 -19.63 19.90 15.33
N ASP D 309 -19.68 18.91 16.23
CA ASP D 309 -20.93 18.59 16.89
C ASP D 309 -21.38 19.73 17.79
N ASP D 310 -20.44 20.38 18.49
CA ASP D 310 -20.79 21.55 19.29
C ASP D 310 -21.21 22.73 18.41
N ALA D 311 -20.53 22.93 17.28
CA ALA D 311 -20.92 24.01 16.38
C ALA D 311 -22.32 23.81 15.84
N ILE D 312 -22.64 22.58 15.43
CA ILE D 312 -23.97 22.29 14.91
C ILE D 312 -25.01 22.42 16.03
N PHE D 313 -24.69 21.93 17.22
CA PHE D 313 -25.61 22.03 18.35
C PHE D 313 -25.90 23.48 18.72
N THR D 314 -24.85 24.31 18.77
CA THR D 314 -25.04 25.74 19.02
C THR D 314 -25.86 26.38 17.92
N PHE D 315 -25.58 26.00 16.67
CA PHE D 315 -26.33 26.52 15.52
C PHE D 315 -27.80 26.13 15.59
N LEU D 316 -28.10 24.88 15.98
CA LEU D 316 -29.46 24.39 16.00
C LEU D 316 -30.22 24.82 17.24
N GLN D 317 -29.53 25.37 18.24
CA GLN D 317 -30.22 25.94 19.39
C GLN D 317 -30.97 27.21 19.02
N GLY D 318 -30.56 27.89 17.95
CA GLY D 318 -31.28 29.05 17.49
C GLY D 318 -32.57 28.75 16.77
N LEU D 319 -33.01 27.50 16.82
CA LEU D 319 -34.26 27.07 16.21
C LEU D 319 -35.44 27.56 17.04
N HIS E 1 11.32 -27.65 8.52
CA HIS E 1 9.94 -27.96 8.15
C HIS E 1 9.06 -26.72 8.27
N VAL E 2 7.85 -26.92 8.79
CA VAL E 2 6.86 -25.86 9.02
C VAL E 2 6.63 -25.08 7.73
N PRO E 3 5.89 -25.63 6.76
CA PRO E 3 5.55 -24.84 5.58
C PRO E 3 4.24 -24.09 5.75
N LEU E 4 4.31 -22.88 6.28
CA LEU E 4 3.11 -22.08 6.52
C LEU E 4 2.46 -21.68 5.20
N THR E 5 1.14 -21.60 5.23
CA THR E 5 0.34 -21.32 4.04
CA THR E 5 0.36 -21.30 4.04
C THR E 5 -0.81 -20.40 4.42
N PHE E 6 -1.24 -19.57 3.47
CA PHE E 6 -2.45 -18.78 3.72
C PHE E 6 -3.69 -19.66 3.67
N ASP E 7 -3.63 -20.75 2.92
CA ASP E 7 -4.71 -21.70 2.73
C ASP E 7 -4.32 -23.03 3.40
N LEU E 8 -4.73 -24.12 2.82
CA LEU E 8 -4.41 -25.44 3.33
C LEU E 8 -3.22 -26.02 2.58
N PRO E 9 -2.36 -26.80 3.24
CA PRO E 9 -1.30 -27.49 2.50
C PRO E 9 -1.90 -28.42 1.46
N PHE E 10 -1.16 -28.61 0.36
CA PHE E 10 -1.71 -29.34 -0.77
C PHE E 10 -2.10 -30.77 -0.39
N GLU E 11 -1.43 -31.34 0.60
CA GLU E 11 -1.75 -32.70 1.04
C GLU E 11 -3.19 -32.80 1.56
N GLU E 12 -3.65 -31.76 2.25
CA GLU E 12 -5.00 -31.75 2.80
C GLU E 12 -6.06 -31.30 1.81
N LEU E 13 -5.66 -30.64 0.71
CA LEU E 13 -6.64 -30.22 -0.28
C LEU E 13 -7.39 -31.40 -0.86
N LEU E 14 -6.69 -32.52 -1.06
CA LEU E 14 -7.28 -33.69 -1.71
C LEU E 14 -8.29 -34.41 -0.81
N THR E 15 -8.31 -34.14 0.48
CA THR E 15 -9.26 -34.75 1.40
C THR E 15 -10.22 -33.76 2.04
N TYR E 16 -10.13 -32.49 1.70
CA TYR E 16 -10.90 -31.43 2.37
C TYR E 16 -12.39 -31.59 2.13
N PRO E 17 -13.21 -31.61 3.18
CA PRO E 17 -14.66 -31.84 3.02
C PRO E 17 -15.54 -30.60 2.91
N GLY E 18 -14.98 -29.39 2.94
CA GLY E 18 -15.78 -28.19 2.96
C GLY E 18 -16.20 -27.79 4.37
N ARG E 19 -16.66 -26.54 4.50
CA ARG E 19 -17.10 -26.00 5.78
CA ARG E 19 -17.09 -26.00 5.78
C ARG E 19 -18.50 -25.43 5.78
N THR E 20 -19.16 -25.38 4.64
CA THR E 20 -20.46 -24.75 4.56
C THR E 20 -21.55 -25.78 4.71
N PRO E 21 -22.54 -25.56 5.58
CA PRO E 21 -23.51 -26.62 5.86
C PRO E 21 -24.40 -26.93 4.66
N ARG E 22 -24.65 -28.22 4.44
CA ARG E 22 -25.59 -28.68 3.43
C ARG E 22 -26.99 -28.78 4.02
N PRO E 23 -28.00 -28.08 3.49
CA PRO E 23 -29.36 -28.23 4.02
C PRO E 23 -29.88 -29.64 3.80
N ALA E 24 -30.67 -30.12 4.76
CA ALA E 24 -31.18 -31.49 4.71
C ALA E 24 -32.13 -31.71 3.52
N ASP E 25 -32.78 -30.64 3.08
CA ASP E 25 -33.71 -30.71 1.95
C ASP E 25 -33.10 -30.16 0.67
N HIS E 26 -31.78 -30.31 0.54
CA HIS E 26 -31.08 -29.80 -0.65
C HIS E 26 -31.65 -30.38 -1.93
N ASP E 27 -31.87 -31.70 -1.95
CA ASP E 27 -32.38 -32.34 -3.15
C ASP E 27 -33.77 -31.83 -3.49
N GLU E 28 -34.62 -31.66 -2.48
CA GLU E 28 -35.97 -31.17 -2.73
C GLU E 28 -35.93 -29.72 -3.21
N TYR E 29 -35.00 -28.93 -2.69
CA TYR E 29 -34.89 -27.53 -3.09
C TYR E 29 -34.62 -27.40 -4.59
N TRP E 30 -33.69 -28.20 -5.10
CA TRP E 30 -33.32 -28.05 -6.51
C TRP E 30 -34.27 -28.77 -7.46
N ASP E 31 -34.92 -29.84 -7.01
CA ASP E 31 -35.98 -30.43 -7.82
C ASP E 31 -37.14 -29.45 -7.95
N ARG E 32 -37.46 -28.74 -6.86
CA ARG E 32 -38.46 -27.69 -6.95
C ARG E 32 -37.98 -26.57 -7.85
N GLY E 33 -36.67 -26.26 -7.80
CA GLY E 33 -36.14 -25.22 -8.68
C GLY E 33 -36.28 -25.57 -10.14
N LEU E 34 -35.97 -26.82 -10.51
CA LEU E 34 -36.11 -27.25 -11.90
C LEU E 34 -37.58 -27.30 -12.32
N ALA E 35 -38.48 -27.69 -11.39
CA ALA E 35 -39.90 -27.70 -11.70
C ALA E 35 -40.45 -26.29 -11.90
N ASP E 36 -40.02 -25.34 -11.06
CA ASP E 36 -40.43 -23.95 -11.27
C ASP E 36 -39.99 -23.43 -12.63
N LEU E 37 -38.76 -23.76 -13.02
CA LEU E 37 -38.25 -23.34 -14.33
C LEU E 37 -39.09 -23.93 -15.44
N ALA E 38 -39.42 -25.23 -15.33
CA ALA E 38 -40.20 -25.90 -16.35
C ALA E 38 -41.60 -25.31 -16.50
N ALA E 39 -42.13 -24.72 -15.43
CA ALA E 39 -43.46 -24.12 -15.51
C ALA E 39 -43.45 -22.74 -16.14
N VAL E 40 -42.28 -22.16 -16.39
CA VAL E 40 -42.15 -20.88 -17.10
C VAL E 40 -41.83 -21.19 -18.56
N PRO E 41 -42.69 -20.83 -19.51
CA PRO E 41 -42.37 -21.05 -20.91
C PRO E 41 -41.12 -20.26 -21.30
N ALA E 42 -40.20 -20.93 -21.99
CA ALA E 42 -38.92 -20.31 -22.29
C ALA E 42 -39.07 -19.16 -23.28
N ASP E 43 -40.03 -19.26 -24.21
CA ASP E 43 -40.28 -18.24 -25.22
CA ASP E 43 -40.27 -18.22 -25.21
C ASP E 43 -38.98 -17.81 -25.91
N VAL E 44 -38.32 -18.81 -26.50
CA VAL E 44 -37.01 -18.56 -27.12
C VAL E 44 -37.19 -17.68 -28.35
N VAL E 45 -36.35 -16.63 -28.44
CA VAL E 45 -36.31 -15.77 -29.62
C VAL E 45 -34.86 -15.65 -30.06
N ILE E 46 -34.61 -15.86 -31.35
CA ILE E 46 -33.29 -15.78 -31.94
C ILE E 46 -33.29 -14.67 -32.99
N GLU E 47 -32.36 -13.74 -32.86
CA GLU E 47 -32.25 -12.55 -33.69
C GLU E 47 -30.83 -12.46 -34.23
N PRO E 48 -30.64 -11.99 -35.46
CA PRO E 48 -29.28 -11.84 -35.98
C PRO E 48 -28.53 -10.75 -35.24
N ALA E 49 -27.21 -10.90 -35.15
CA ALA E 49 -26.38 -9.92 -34.50
C ALA E 49 -25.73 -9.01 -35.54
N GLU E 50 -25.11 -7.95 -35.06
CA GLU E 50 -24.44 -6.99 -35.95
C GLU E 50 -23.04 -7.46 -36.31
N PHE E 51 -22.35 -8.12 -35.39
CA PHE E 51 -21.08 -8.75 -35.73
C PHE E 51 -21.30 -9.81 -36.80
N THR E 52 -20.48 -9.76 -37.84
CA THR E 52 -20.62 -10.64 -39.00
C THR E 52 -19.26 -11.23 -39.36
N THR E 53 -19.28 -12.48 -39.84
CA THR E 53 -18.07 -13.16 -40.28
C THR E 53 -18.48 -14.36 -41.13
N PRO E 54 -17.71 -14.70 -42.17
CA PRO E 54 -18.01 -15.92 -42.94
C PRO E 54 -17.78 -17.20 -42.14
N LEU E 55 -17.17 -17.11 -40.96
CA LEU E 55 -16.83 -18.29 -40.18
C LEU E 55 -18.02 -18.84 -39.38
N ALA E 56 -19.06 -18.06 -39.19
CA ALA E 56 -20.14 -18.45 -38.29
C ALA E 56 -21.36 -17.59 -38.56
N ARG E 57 -22.51 -18.11 -38.15
CA ARG E 57 -23.73 -17.35 -38.03
C ARG E 57 -23.85 -16.89 -36.57
N CYS E 58 -23.95 -15.59 -36.36
CA CYS E 58 -23.92 -15.00 -35.03
C CYS E 58 -25.30 -14.42 -34.73
N SER E 59 -25.84 -14.74 -33.55
CA SER E 59 -27.21 -14.38 -33.19
C SER E 59 -27.29 -14.02 -31.72
N HIS E 60 -28.36 -13.31 -31.37
CA HIS E 60 -28.76 -13.08 -30.00
C HIS E 60 -29.83 -14.11 -29.63
N LEU E 61 -29.59 -14.83 -28.54
CA LEU E 61 -30.52 -15.82 -28.01
C LEU E 61 -31.19 -15.23 -26.77
N TRP E 62 -32.51 -15.14 -26.79
CA TRP E 62 -33.28 -14.61 -25.67
C TRP E 62 -34.24 -15.68 -25.17
N PHE E 63 -34.36 -15.76 -23.84
CA PHE E 63 -35.34 -16.66 -23.23
C PHE E 63 -35.79 -16.06 -21.90
N THR E 64 -36.87 -16.64 -21.36
CA THR E 64 -37.41 -16.22 -20.08
C THR E 64 -36.99 -17.19 -18.99
N GLY E 65 -36.42 -16.66 -17.91
CA GLY E 65 -36.02 -17.45 -16.77
C GLY E 65 -36.99 -17.27 -15.60
N THR E 66 -36.61 -17.88 -14.47
CA THR E 66 -37.42 -17.73 -13.26
C THR E 66 -37.42 -16.27 -12.81
N GLY E 67 -38.54 -15.88 -12.18
CA GLY E 67 -38.78 -14.50 -11.84
C GLY E 67 -39.41 -13.66 -12.93
N GLY E 68 -39.76 -14.27 -14.07
CA GLY E 68 -40.37 -13.51 -15.15
C GLY E 68 -39.45 -12.50 -15.77
N VAL E 69 -38.18 -12.88 -16.00
CA VAL E 69 -37.14 -12.00 -16.52
CA VAL E 69 -37.22 -11.96 -16.57
C VAL E 69 -36.65 -12.56 -17.84
N ARG E 70 -36.30 -11.69 -18.78
CA ARG E 70 -35.68 -12.07 -20.03
C ARG E 70 -34.17 -12.14 -19.86
N VAL E 71 -33.57 -13.20 -20.38
CA VAL E 71 -32.13 -13.45 -20.27
C VAL E 71 -31.56 -13.58 -21.67
N HIS E 72 -30.34 -13.09 -21.87
CA HIS E 72 -29.66 -13.08 -23.16
C HIS E 72 -28.45 -14.01 -23.15
N ALA E 73 -28.19 -14.62 -24.31
CA ALA E 73 -26.94 -15.34 -24.55
C ALA E 73 -26.48 -15.09 -25.97
N LYS E 74 -25.17 -14.94 -26.15
CA LYS E 74 -24.60 -14.94 -27.48
C LYS E 74 -24.69 -16.35 -28.06
N LEU E 75 -25.09 -16.44 -29.32
CA LEU E 75 -25.23 -17.72 -29.99
C LEU E 75 -24.45 -17.69 -31.31
N LEU E 76 -23.51 -18.63 -31.46
CA LEU E 76 -22.72 -18.74 -32.68
C LEU E 76 -22.90 -20.15 -33.23
N ARG E 77 -23.34 -20.25 -34.48
CA ARG E 77 -23.59 -21.56 -35.05
C ARG E 77 -22.80 -21.73 -36.33
N PRO E 78 -22.36 -22.95 -36.64
CA PRO E 78 -21.63 -23.16 -37.90
C PRO E 78 -22.56 -22.97 -39.08
N VAL E 79 -22.01 -22.45 -40.17
CA VAL E 79 -22.82 -22.17 -41.36
C VAL E 79 -23.03 -23.47 -42.12
N ALA E 80 -24.30 -23.80 -42.37
CA ALA E 80 -24.71 -25.01 -43.08
C ALA E 80 -24.17 -26.30 -42.45
N PRO E 81 -24.69 -26.73 -41.31
CA PRO E 81 -24.29 -28.04 -40.79
C PRO E 81 -25.04 -29.12 -41.54
N VAL E 82 -24.38 -30.26 -41.75
CA VAL E 82 -24.99 -31.38 -42.43
C VAL E 82 -25.33 -32.55 -41.52
N GLU E 83 -24.93 -32.51 -40.26
CA GLU E 83 -25.23 -33.56 -39.30
C GLU E 83 -25.24 -32.96 -37.91
N PRO E 84 -25.96 -33.56 -36.96
CA PRO E 84 -25.87 -33.10 -35.57
C PRO E 84 -24.43 -33.09 -35.07
N HIS E 85 -24.09 -32.05 -34.31
CA HIS E 85 -22.70 -31.80 -33.97
C HIS E 85 -22.58 -31.39 -32.50
N PRO E 86 -21.38 -31.26 -31.96
CA PRO E 86 -21.24 -30.85 -30.55
C PRO E 86 -21.63 -29.39 -30.35
N ALA E 87 -21.73 -29.02 -29.07
CA ALA E 87 -21.98 -27.65 -28.67
C ALA E 87 -21.16 -27.34 -27.41
N LEU E 88 -20.89 -26.05 -27.21
CA LEU E 88 -20.10 -25.58 -26.07
C LEU E 88 -20.81 -24.42 -25.38
N LEU E 89 -20.99 -24.53 -24.08
CA LEU E 89 -21.56 -23.47 -23.26
C LEU E 89 -20.44 -22.78 -22.49
N GLN E 90 -20.40 -21.45 -22.56
CA GLN E 90 -19.37 -20.66 -21.89
C GLN E 90 -20.01 -19.67 -20.94
N PHE E 91 -19.39 -19.49 -19.78
CA PHE E 91 -19.89 -18.63 -18.72
C PHE E 91 -18.76 -17.69 -18.30
N HIS E 92 -19.12 -16.45 -17.98
CA HIS E 92 -18.14 -15.38 -17.83
C HIS E 92 -17.90 -15.02 -16.37
N GLY E 93 -16.92 -14.13 -16.17
CA GLY E 93 -16.52 -13.76 -14.83
C GLY E 93 -17.46 -12.77 -14.15
N TYR E 94 -17.30 -12.67 -12.84
CA TYR E 94 -18.18 -11.84 -12.02
C TYR E 94 -18.07 -10.37 -12.42
N THR E 95 -19.22 -9.76 -12.71
CA THR E 95 -19.42 -8.39 -13.19
C THR E 95 -19.00 -8.20 -14.65
N GLY E 96 -18.52 -9.24 -15.33
CA GLY E 96 -18.16 -9.16 -16.74
C GLY E 96 -19.33 -9.44 -17.66
N ASN E 97 -19.01 -9.82 -18.90
CA ASN E 97 -20.01 -10.23 -19.87
C ASN E 97 -19.44 -11.33 -20.76
N SER E 98 -20.26 -11.79 -21.71
CA SER E 98 -19.88 -12.90 -22.56
C SER E 98 -18.70 -12.60 -23.47
N GLY E 99 -18.29 -11.34 -23.59
CA GLY E 99 -17.05 -11.04 -24.28
C GLY E 99 -17.19 -10.96 -25.80
N ASP E 100 -16.04 -10.99 -26.45
CA ASP E 100 -15.97 -10.77 -27.90
C ASP E 100 -16.46 -11.99 -28.66
N TRP E 101 -17.18 -11.74 -29.76
CA TRP E 101 -17.63 -12.82 -30.62
C TRP E 101 -16.45 -13.63 -31.15
N SER E 102 -15.39 -12.95 -31.55
CA SER E 102 -14.30 -13.61 -32.28
C SER E 102 -13.44 -14.49 -31.40
N SER E 103 -13.57 -14.42 -30.08
CA SER E 103 -12.71 -15.23 -29.22
C SER E 103 -13.10 -16.71 -29.23
N ARG E 104 -14.26 -17.05 -29.80
CA ARG E 104 -14.77 -18.42 -29.80
CA ARG E 104 -14.71 -18.45 -29.81
C ARG E 104 -15.01 -18.96 -31.21
N LEU E 105 -14.58 -18.23 -32.24
CA LEU E 105 -14.86 -18.67 -33.61
C LEU E 105 -14.11 -19.94 -33.97
N HIS E 106 -13.00 -20.25 -33.29
CA HIS E 106 -12.28 -21.48 -33.61
C HIS E 106 -13.06 -22.73 -33.21
N TYR E 107 -13.87 -22.64 -32.15
CA TYR E 107 -14.77 -23.74 -31.82
C TYR E 107 -15.85 -23.91 -32.88
N VAL E 108 -16.37 -22.79 -33.40
CA VAL E 108 -17.35 -22.87 -34.48
C VAL E 108 -16.73 -23.46 -35.74
N ALA E 109 -15.47 -23.12 -36.02
CA ALA E 109 -14.80 -23.69 -37.19
C ALA E 109 -14.60 -25.19 -37.05
N LEU E 110 -14.48 -25.68 -35.81
CA LEU E 110 -14.47 -27.10 -35.52
C LEU E 110 -15.80 -27.77 -35.81
N GLY E 111 -16.86 -26.99 -36.01
CA GLY E 111 -18.19 -27.51 -36.21
C GLY E 111 -19.11 -27.40 -35.02
N TYR E 112 -18.68 -26.75 -33.94
CA TYR E 112 -19.47 -26.65 -32.71
C TYR E 112 -20.40 -25.45 -32.76
N THR E 113 -21.53 -25.58 -32.09
CA THR E 113 -22.33 -24.42 -31.69
C THR E 113 -21.77 -23.91 -30.36
N VAL E 114 -21.72 -22.59 -30.23
CA VAL E 114 -21.25 -21.96 -29.00
C VAL E 114 -22.36 -21.05 -28.48
N ALA E 115 -22.68 -21.19 -27.19
CA ALA E 115 -23.63 -20.32 -26.53
C ALA E 115 -22.98 -19.74 -25.29
N ALA E 116 -23.05 -18.43 -25.14
CA ALA E 116 -22.37 -17.73 -24.05
C ALA E 116 -23.39 -16.90 -23.30
N LEU E 117 -23.68 -17.31 -22.07
CA LEU E 117 -24.69 -16.65 -21.27
C LEU E 117 -24.18 -15.32 -20.76
N ASP E 118 -25.05 -14.32 -20.75
CA ASP E 118 -24.85 -13.07 -20.03
C ASP E 118 -25.62 -13.13 -18.71
N CYS E 119 -24.91 -13.01 -17.60
CA CYS E 119 -25.52 -13.09 -16.29
C CYS E 119 -26.39 -11.87 -16.02
N ARG E 120 -27.51 -12.07 -15.33
CA ARG E 120 -28.44 -11.00 -15.03
C ARG E 120 -27.75 -9.85 -14.31
N GLY E 121 -27.94 -8.64 -14.83
CA GLY E 121 -27.46 -7.44 -14.18
C GLY E 121 -25.99 -7.15 -14.33
N GLN E 122 -25.23 -8.03 -15.00
CA GLN E 122 -23.80 -7.80 -15.13
C GLN E 122 -23.54 -7.02 -16.42
N ALA E 123 -22.34 -7.10 -16.99
CA ALA E 123 -21.96 -6.16 -18.04
C ALA E 123 -22.59 -6.46 -19.39
N GLY E 124 -23.45 -7.48 -19.50
CA GLY E 124 -24.02 -7.89 -20.75
C GLY E 124 -25.42 -7.36 -21.00
N LEU E 125 -26.20 -8.11 -21.78
CA LEU E 125 -27.51 -7.67 -22.25
C LEU E 125 -28.66 -8.18 -21.38
N SER E 126 -28.38 -9.01 -20.38
CA SER E 126 -29.41 -9.46 -19.44
C SER E 126 -29.59 -8.39 -18.36
N VAL E 127 -30.64 -7.59 -18.47
CA VAL E 127 -30.85 -6.45 -17.61
C VAL E 127 -32.14 -6.57 -16.79
N GLY E 128 -32.74 -7.75 -16.75
CA GLY E 128 -33.97 -7.95 -16.00
C GLY E 128 -33.68 -8.44 -14.59
N GLU E 129 -34.37 -7.84 -13.62
CA GLU E 129 -34.15 -8.11 -12.20
C GLU E 129 -35.38 -8.77 -11.60
N ALA E 130 -35.19 -9.92 -10.96
CA ALA E 130 -36.28 -10.52 -10.20
C ALA E 130 -36.38 -9.84 -8.82
N PRO E 131 -37.58 -9.52 -8.38
CA PRO E 131 -37.73 -8.79 -7.11
C PRO E 131 -37.47 -9.67 -5.89
N VAL E 132 -37.19 -9.02 -4.76
CA VAL E 132 -37.00 -9.68 -3.49
C VAL E 132 -37.86 -8.97 -2.44
N GLU E 133 -38.14 -9.68 -1.35
CA GLU E 133 -38.89 -9.05 -0.27
C GLU E 133 -38.02 -8.06 0.48
N ASN E 134 -36.76 -8.42 0.73
CA ASN E 134 -35.84 -7.64 1.55
C ASN E 134 -34.60 -7.34 0.70
N TRP E 135 -34.45 -6.08 0.33
CA TRP E 135 -33.35 -5.65 -0.52
C TRP E 135 -32.22 -5.08 0.34
N SER E 136 -31.01 -5.60 0.15
CA SER E 136 -29.80 -5.02 0.70
C SER E 136 -28.84 -4.76 -0.44
N MET E 137 -28.34 -3.54 -0.54
CA MET E 137 -27.35 -3.17 -1.55
C MET E 137 -25.96 -3.70 -1.22
N ALA E 138 -25.80 -4.39 -0.08
CA ALA E 138 -24.48 -4.78 0.37
C ALA E 138 -23.87 -5.87 -0.51
N SER E 139 -24.69 -6.75 -1.07
CA SER E 139 -24.16 -7.95 -1.70
C SER E 139 -25.15 -8.48 -2.74
N TYR E 140 -24.68 -8.62 -3.99
CA TYR E 140 -25.47 -9.35 -4.97
C TYR E 140 -25.49 -10.84 -4.64
N LEU E 141 -24.36 -11.38 -4.20
CA LEU E 141 -24.25 -12.81 -3.92
C LEU E 141 -25.26 -13.25 -2.87
N LEU E 142 -25.53 -12.39 -1.88
CA LEU E 142 -26.46 -12.73 -0.81
C LEU E 142 -27.84 -12.14 -1.03
N ARG E 143 -28.13 -11.65 -2.25
CA ARG E 143 -29.44 -11.08 -2.54
C ARG E 143 -30.54 -12.12 -2.39
N GLY E 144 -31.55 -11.79 -1.59
CA GLY E 144 -32.63 -12.69 -1.28
C GLY E 144 -32.46 -13.50 -0.01
N ILE E 145 -31.34 -13.33 0.70
CA ILE E 145 -31.02 -14.17 1.84
C ILE E 145 -31.96 -13.94 3.03
N ASP E 146 -32.64 -12.79 3.10
CA ASP E 146 -33.48 -12.45 4.24
C ASP E 146 -34.97 -12.66 3.95
N ASP E 147 -35.33 -13.22 2.81
CA ASP E 147 -36.74 -13.46 2.53
C ASP E 147 -37.26 -14.62 3.37
N ASP E 148 -38.60 -14.75 3.40
CA ASP E 148 -39.22 -15.75 4.26
C ASP E 148 -38.79 -17.16 3.91
N ALA E 149 -38.83 -17.51 2.62
CA ALA E 149 -38.31 -18.77 2.12
C ALA E 149 -37.03 -18.53 1.33
N ALA E 150 -36.33 -19.62 1.04
CA ALA E 150 -35.04 -19.56 0.35
C ALA E 150 -35.16 -19.62 -1.17
N ASP E 151 -36.38 -19.58 -1.70
CA ASP E 151 -36.56 -19.72 -3.14
C ASP E 151 -36.34 -18.41 -3.88
N ASN E 152 -36.04 -17.31 -3.18
CA ASN E 152 -35.81 -16.02 -3.82
C ASN E 152 -34.34 -15.65 -3.92
N LEU E 153 -33.43 -16.59 -3.64
CA LEU E 153 -32.00 -16.30 -3.73
C LEU E 153 -31.62 -15.94 -5.17
N ALA E 154 -30.91 -14.83 -5.34
CA ALA E 154 -30.49 -14.41 -6.68
C ALA E 154 -29.64 -15.48 -7.34
N LEU E 155 -28.78 -16.16 -6.55
CA LEU E 155 -27.93 -17.20 -7.10
C LEU E 155 -28.75 -18.36 -7.66
N ARG E 156 -29.91 -18.65 -7.06
CA ARG E 156 -30.77 -19.72 -7.58
C ARG E 156 -31.32 -19.38 -8.95
N HIS E 157 -31.73 -18.13 -9.16
CA HIS E 157 -32.15 -17.70 -10.49
C HIS E 157 -30.99 -17.83 -11.49
N LEU E 158 -29.79 -17.44 -11.08
CA LEU E 158 -28.64 -17.54 -11.97
C LEU E 158 -28.34 -18.99 -12.34
N PHE E 159 -28.38 -19.89 -11.36
CA PHE E 159 -28.11 -21.30 -11.62
C PHE E 159 -29.16 -21.90 -12.56
N LEU E 160 -30.43 -21.53 -12.37
CA LEU E 160 -31.49 -22.03 -13.24
C LEU E 160 -31.39 -21.45 -14.64
N ASP E 161 -30.79 -20.26 -14.80
CA ASP E 161 -30.53 -19.73 -16.14
C ASP E 161 -29.59 -20.64 -16.91
N THR E 162 -28.53 -21.13 -16.26
CA THR E 162 -27.61 -22.04 -16.93
C THR E 162 -28.31 -23.34 -17.31
N ALA E 163 -29.20 -23.83 -16.45
CA ALA E 163 -29.95 -25.04 -16.77
C ALA E 163 -30.81 -24.85 -18.01
N ARG E 164 -31.53 -23.73 -18.07
CA ARG E 164 -32.38 -23.48 -19.23
C ARG E 164 -31.55 -23.32 -20.50
N LEU E 165 -30.44 -22.56 -20.42
CA LEU E 165 -29.56 -22.40 -21.57
C LEU E 165 -29.06 -23.75 -22.06
N ALA E 166 -28.65 -24.63 -21.13
CA ALA E 166 -28.25 -25.98 -21.52
C ALA E 166 -29.42 -26.74 -22.14
N GLN E 167 -30.62 -26.63 -21.55
CA GLN E 167 -31.78 -27.31 -22.09
C GLN E 167 -32.11 -26.84 -23.50
N ILE E 168 -32.04 -25.53 -23.75
CA ILE E 168 -32.34 -25.00 -25.08
C ILE E 168 -31.34 -25.51 -26.10
N VAL E 169 -30.05 -25.46 -25.77
CA VAL E 169 -29.02 -25.84 -26.72
C VAL E 169 -29.07 -27.35 -26.97
N LEU E 170 -29.30 -28.12 -25.91
CA LEU E 170 -29.41 -29.57 -26.05
C LEU E 170 -30.57 -29.93 -26.99
N ALA E 171 -31.66 -29.17 -26.94
CA ALA E 171 -32.84 -29.45 -27.74
C ALA E 171 -32.72 -28.98 -29.19
N MET E 172 -31.66 -28.24 -29.55
CA MET E 172 -31.51 -27.77 -30.91
C MET E 172 -31.38 -28.92 -31.89
N ASP E 173 -31.96 -28.74 -33.08
CA ASP E 173 -32.07 -29.82 -34.06
C ASP E 173 -30.71 -30.34 -34.49
N ASP E 174 -29.73 -29.45 -34.70
CA ASP E 174 -28.42 -29.84 -35.19
C ASP E 174 -27.40 -30.02 -34.07
N VAL E 175 -27.83 -30.15 -32.82
CA VAL E 175 -26.94 -30.36 -31.68
C VAL E 175 -27.14 -31.77 -31.16
N ASP E 176 -26.08 -32.56 -31.12
CA ASP E 176 -26.10 -33.89 -30.52
C ASP E 176 -26.21 -33.75 -29.01
N PRO E 177 -27.32 -34.17 -28.39
CA PRO E 177 -27.48 -33.94 -26.95
C PRO E 177 -26.49 -34.69 -26.08
N ASP E 178 -25.72 -35.61 -26.64
CA ASP E 178 -24.74 -36.38 -25.90
C ASP E 178 -23.33 -35.80 -26.02
N ARG E 179 -23.16 -34.71 -26.77
CA ARG E 179 -21.85 -34.12 -27.01
C ARG E 179 -21.90 -32.61 -26.75
N VAL E 180 -22.20 -32.23 -25.51
CA VAL E 180 -22.23 -30.83 -25.10
C VAL E 180 -21.31 -30.64 -23.91
N ALA E 181 -20.55 -29.55 -23.93
CA ALA E 181 -19.58 -29.21 -22.89
C ALA E 181 -19.88 -27.84 -22.31
N ALA E 182 -19.29 -27.59 -21.15
CA ALA E 182 -19.37 -26.29 -20.48
C ALA E 182 -17.99 -25.90 -20.00
N THR E 183 -17.71 -24.60 -20.01
CA THR E 183 -16.41 -24.11 -19.57
C THR E 183 -16.54 -22.66 -19.17
N GLY E 184 -15.63 -22.22 -18.29
CA GLY E 184 -15.63 -20.85 -17.83
C GLY E 184 -14.62 -20.58 -16.73
N TYR E 185 -14.30 -19.31 -16.52
CA TYR E 185 -13.33 -18.87 -15.53
C TYR E 185 -14.04 -18.22 -14.35
N SER E 186 -13.58 -18.53 -13.14
CA SER E 186 -13.98 -17.87 -11.89
C SER E 186 -15.49 -18.04 -11.69
N GLN E 187 -16.30 -16.99 -11.70
CA GLN E 187 -17.75 -17.16 -11.66
C GLN E 187 -18.20 -18.12 -12.75
N GLY E 188 -17.60 -18.02 -13.94
CA GLY E 188 -17.92 -18.94 -15.01
C GLY E 188 -17.52 -20.37 -14.72
N GLY E 189 -16.52 -20.57 -13.86
CA GLY E 189 -16.17 -21.92 -13.43
C GLY E 189 -17.21 -22.50 -12.50
N GLY E 190 -17.72 -21.70 -11.57
CA GLY E 190 -18.79 -22.17 -10.70
C GLY E 190 -20.07 -22.43 -11.47
N LEU E 191 -20.39 -21.54 -12.43
CA LEU E 191 -21.56 -21.75 -13.27
C LEU E 191 -21.39 -22.97 -14.16
N THR E 192 -20.15 -23.25 -14.59
CA THR E 192 -19.90 -24.48 -15.36
C THR E 192 -20.32 -25.69 -14.56
N LEU E 193 -19.96 -25.74 -13.28
CA LEU E 193 -20.28 -26.91 -12.45
C LEU E 193 -21.77 -26.94 -12.11
N ALA E 194 -22.36 -25.79 -11.79
CA ALA E 194 -23.80 -25.74 -11.54
C ALA E 194 -24.59 -26.22 -12.76
N CYS E 195 -24.15 -25.81 -13.95
CA CYS E 195 -24.81 -26.22 -15.18
C CYS E 195 -24.73 -27.73 -15.39
N ALA E 196 -23.53 -28.30 -15.27
CA ALA E 196 -23.38 -29.75 -15.44
C ALA E 196 -24.09 -30.53 -14.35
N ALA E 197 -24.43 -29.91 -13.22
CA ALA E 197 -25.17 -30.60 -12.17
C ALA E 197 -26.67 -30.58 -12.43
N LEU E 198 -27.20 -29.43 -12.87
CA LEU E 198 -28.63 -29.31 -13.12
C LEU E 198 -29.03 -29.82 -14.49
N GLU E 199 -28.06 -29.99 -15.40
CA GLU E 199 -28.28 -30.69 -16.66
C GLU E 199 -27.25 -31.80 -16.76
N PRO E 200 -27.51 -32.94 -16.12
CA PRO E 200 -26.48 -34.00 -16.03
C PRO E 200 -26.10 -34.62 -17.37
N ARG E 201 -26.84 -34.34 -18.45
CA ARG E 201 -26.44 -34.82 -19.76
C ARG E 201 -25.16 -34.16 -20.28
N ILE E 202 -24.73 -33.04 -19.69
CA ILE E 202 -23.49 -32.40 -20.11
C ILE E 202 -22.35 -33.41 -20.03
N ARG E 203 -21.56 -33.48 -21.10
CA ARG E 203 -20.56 -34.52 -21.27
C ARG E 203 -19.18 -34.14 -20.70
N LEU E 204 -18.71 -32.93 -20.98
CA LEU E 204 -17.42 -32.47 -20.47
C LEU E 204 -17.57 -31.10 -19.81
N ALA E 205 -16.77 -30.86 -18.78
CA ALA E 205 -16.78 -29.58 -18.07
C ALA E 205 -15.37 -29.18 -17.72
N ALA E 206 -15.03 -27.91 -18.01
CA ALA E 206 -13.67 -27.40 -17.82
C ALA E 206 -13.71 -26.08 -17.07
N PRO E 207 -13.88 -26.13 -15.75
CA PRO E 207 -13.83 -24.89 -14.96
C PRO E 207 -12.40 -24.48 -14.63
N VAL E 208 -12.20 -23.17 -14.52
CA VAL E 208 -10.92 -22.59 -14.10
C VAL E 208 -11.19 -21.78 -12.84
N TYR E 209 -10.35 -22.00 -11.80
CA TYR E 209 -10.50 -21.56 -10.42
C TYR E 209 -11.94 -21.17 -10.09
N PRO E 210 -12.82 -22.16 -9.88
CA PRO E 210 -14.24 -21.85 -9.75
C PRO E 210 -14.56 -21.00 -8.52
N PHE E 211 -15.48 -20.06 -8.72
CA PHE E 211 -16.04 -19.20 -7.70
C PHE E 211 -17.37 -19.81 -7.24
N LEU E 212 -17.91 -19.27 -6.14
CA LEU E 212 -19.21 -19.68 -5.58
C LEU E 212 -19.16 -21.05 -4.90
N CYS E 213 -18.03 -21.39 -4.27
CA CYS E 213 -17.92 -22.62 -3.50
C CYS E 213 -17.53 -22.29 -2.06
N ASP E 214 -18.10 -23.03 -1.11
CA ASP E 214 -17.61 -23.05 0.27
C ASP E 214 -17.59 -21.64 0.88
N PHE E 215 -18.76 -20.99 0.85
CA PHE E 215 -18.90 -19.61 1.30
C PHE E 215 -18.37 -19.42 2.72
N ARG E 216 -18.69 -20.36 3.62
CA ARG E 216 -18.27 -20.20 5.01
C ARG E 216 -16.75 -20.25 5.14
N ARG E 217 -16.10 -21.17 4.43
CA ARG E 217 -14.64 -21.20 4.45
C ARG E 217 -14.07 -19.88 3.94
N ALA E 218 -14.65 -19.34 2.86
CA ALA E 218 -14.19 -18.07 2.31
C ALA E 218 -14.29 -16.96 3.34
N TRP E 219 -15.42 -16.88 4.05
CA TRP E 219 -15.59 -15.85 5.06
C TRP E 219 -14.60 -16.02 6.21
N GLU E 220 -14.33 -17.27 6.59
CA GLU E 220 -13.45 -17.54 7.73
C GLU E 220 -12.01 -17.15 7.47
N MET E 221 -11.61 -17.05 6.21
CA MET E 221 -10.24 -16.74 5.85
C MET E 221 -10.00 -15.24 5.88
N ASP E 222 -8.72 -14.87 5.88
CA ASP E 222 -8.32 -13.47 5.83
C ASP E 222 -8.93 -12.78 4.61
N LEU E 223 -8.36 -13.01 3.43
CA LEU E 223 -8.91 -12.57 2.16
C LEU E 223 -9.19 -11.07 2.16
N GLU E 224 -8.14 -10.28 1.94
CA GLU E 224 -8.28 -8.82 1.96
C GLU E 224 -9.14 -8.31 0.81
N LYS E 225 -9.04 -8.95 -0.35
CA LYS E 225 -9.71 -8.50 -1.56
C LYS E 225 -10.59 -9.61 -2.12
N GLY E 226 -11.48 -9.22 -3.03
CA GLY E 226 -12.25 -10.17 -3.79
C GLY E 226 -13.73 -10.20 -3.49
N PRO E 227 -14.49 -10.86 -4.37
CA PRO E 227 -15.97 -10.85 -4.22
C PRO E 227 -16.48 -11.61 -3.00
N TYR E 228 -15.69 -12.53 -2.44
CA TYR E 228 -16.13 -13.21 -1.22
C TYR E 228 -16.32 -12.26 -0.05
N ASN E 229 -15.69 -11.08 -0.09
CA ASN E 229 -15.88 -10.11 0.99
C ASN E 229 -17.28 -9.50 1.01
N GLU E 230 -18.11 -9.76 0.00
CA GLU E 230 -19.50 -9.34 0.06
C GLU E 230 -20.20 -9.94 1.26
N ILE E 231 -19.77 -11.13 1.68
CA ILE E 231 -20.33 -11.76 2.88
C ILE E 231 -20.07 -10.88 4.10
N THR E 232 -18.82 -10.44 4.27
CA THR E 232 -18.48 -9.55 5.37
C THR E 232 -19.22 -8.22 5.26
N THR E 233 -19.31 -7.66 4.06
CA THR E 233 -20.03 -6.41 3.86
C THR E 233 -21.50 -6.55 4.28
N TYR E 234 -22.12 -7.68 3.95
CA TYR E 234 -23.50 -7.91 4.36
C TYR E 234 -23.61 -8.02 5.88
N PHE E 235 -22.72 -8.78 6.51
CA PHE E 235 -22.75 -8.92 7.96
C PHE E 235 -22.56 -7.57 8.65
N ARG E 236 -21.63 -6.76 8.15
CA ARG E 236 -21.39 -5.45 8.76
C ARG E 236 -22.61 -4.55 8.67
N ALA E 237 -23.43 -4.71 7.62
CA ALA E 237 -24.61 -3.89 7.45
C ALA E 237 -25.82 -4.45 8.21
N ARG E 238 -26.11 -5.74 8.07
CA ARG E 238 -27.40 -6.28 8.49
C ARG E 238 -27.32 -7.29 9.63
N ASP E 239 -26.14 -7.65 10.10
CA ASP E 239 -26.04 -8.56 11.25
C ASP E 239 -24.69 -8.37 11.94
N PRO E 240 -24.41 -7.18 12.50
CA PRO E 240 -23.04 -6.89 12.96
C PRO E 240 -22.59 -7.76 14.13
N ARG E 241 -23.51 -8.32 14.92
CA ARG E 241 -23.16 -9.20 16.02
C ARG E 241 -23.25 -10.68 15.68
N HIS E 242 -23.57 -11.01 14.42
CA HIS E 242 -23.65 -12.39 13.95
C HIS E 242 -24.69 -13.20 14.72
N LEU E 243 -25.79 -12.54 15.09
CA LEU E 243 -26.88 -13.24 15.75
C LEU E 243 -27.63 -14.19 14.82
N ARG E 244 -27.50 -14.01 13.50
CA ARG E 244 -28.15 -14.88 12.52
C ARG E 244 -27.14 -15.67 11.69
N GLU E 245 -25.92 -15.85 12.20
CA GLU E 245 -24.85 -16.46 11.41
C GLU E 245 -25.24 -17.85 10.89
N GLU E 246 -25.85 -18.66 11.75
CA GLU E 246 -26.17 -20.03 11.35
C GLU E 246 -27.26 -20.06 10.29
N GLU E 247 -28.25 -19.16 10.37
CA GLU E 247 -29.27 -19.09 9.33
C GLU E 247 -28.69 -18.66 7.99
N ILE E 248 -27.85 -17.62 8.00
CA ILE E 248 -27.29 -17.09 6.76
C ILE E 248 -26.47 -18.15 6.03
N PHE E 249 -25.60 -18.84 6.76
CA PHE E 249 -24.74 -19.82 6.10
C PHE E 249 -25.50 -21.08 5.73
N SER E 250 -26.58 -21.40 6.44
CA SER E 250 -27.42 -22.52 6.04
C SER E 250 -28.08 -22.25 4.69
N ARG E 251 -28.60 -21.03 4.51
CA ARG E 251 -29.22 -20.66 3.24
C ARG E 251 -28.22 -20.67 2.11
N LEU E 252 -26.99 -20.18 2.36
CA LEU E 252 -25.99 -20.16 1.30
C LEU E 252 -25.65 -21.57 0.85
N GLY E 253 -25.84 -22.57 1.72
CA GLY E 253 -25.62 -23.95 1.32
C GLY E 253 -26.49 -24.41 0.17
N TYR E 254 -27.66 -23.80 0.00
CA TYR E 254 -28.51 -24.15 -1.14
C TYR E 254 -27.84 -23.79 -2.46
N VAL E 255 -27.09 -22.69 -2.48
CA VAL E 255 -26.49 -22.17 -3.70
C VAL E 255 -24.97 -22.31 -3.66
N ASP E 256 -24.46 -23.18 -2.80
CA ASP E 256 -23.04 -23.51 -2.73
C ASP E 256 -22.76 -24.62 -3.76
N VAL E 257 -21.89 -24.32 -4.72
CA VAL E 257 -21.64 -25.23 -5.83
C VAL E 257 -21.11 -26.59 -5.36
N GLN E 258 -20.49 -26.64 -4.18
CA GLN E 258 -19.95 -27.91 -3.70
C GLN E 258 -21.04 -28.95 -3.45
N HIS E 259 -22.26 -28.51 -3.10
CA HIS E 259 -23.33 -29.44 -2.82
C HIS E 259 -24.14 -29.84 -4.05
N LEU E 260 -23.94 -29.14 -5.18
CA LEU E 260 -24.46 -29.61 -6.46
C LEU E 260 -23.48 -30.56 -7.16
N ALA E 261 -22.21 -30.52 -6.78
CA ALA E 261 -21.21 -31.37 -7.42
C ALA E 261 -21.56 -32.86 -7.46
N PRO E 262 -22.18 -33.45 -6.44
CA PRO E 262 -22.53 -34.89 -6.56
C PRO E 262 -23.47 -35.20 -7.72
N ARG E 263 -24.23 -34.24 -8.21
CA ARG E 263 -25.09 -34.48 -9.37
C ARG E 263 -24.32 -34.51 -10.69
N VAL E 264 -23.08 -34.02 -10.71
CA VAL E 264 -22.35 -33.91 -11.97
C VAL E 264 -22.01 -35.30 -12.48
N ARG E 265 -22.26 -35.54 -13.77
CA ARG E 265 -21.83 -36.75 -14.45
C ARG E 265 -20.79 -36.49 -15.52
N ALA E 266 -20.58 -35.24 -15.91
CA ALA E 266 -19.56 -34.91 -16.89
C ALA E 266 -18.18 -35.30 -16.36
N GLU E 267 -17.28 -35.61 -17.30
CA GLU E 267 -15.86 -35.64 -16.97
C GLU E 267 -15.38 -34.21 -16.80
N VAL E 268 -14.70 -33.94 -15.68
CA VAL E 268 -14.31 -32.59 -15.30
C VAL E 268 -12.79 -32.47 -15.39
N LEU E 269 -12.33 -31.38 -15.99
CA LEU E 269 -10.93 -30.98 -15.95
C LEU E 269 -10.87 -29.61 -15.27
N MET E 270 -10.40 -29.57 -14.03
CA MET E 270 -10.37 -28.34 -13.23
C MET E 270 -8.95 -27.80 -13.15
N THR E 271 -8.81 -26.50 -13.42
CA THR E 271 -7.52 -25.81 -13.34
C THR E 271 -7.51 -24.93 -12.10
N VAL E 272 -6.41 -25.00 -11.34
CA VAL E 272 -6.30 -24.27 -10.07
C VAL E 272 -4.93 -23.61 -10.00
N SER E 273 -4.90 -22.36 -9.55
CA SER E 273 -3.64 -21.70 -9.23
C SER E 273 -3.52 -21.62 -7.71
N LEU E 274 -2.34 -21.95 -7.19
CA LEU E 274 -2.18 -22.21 -5.77
C LEU E 274 -1.92 -20.95 -4.94
N ALA E 275 -1.54 -19.83 -5.55
CA ALA E 275 -1.42 -18.57 -4.85
C ALA E 275 -2.66 -17.67 -5.00
N ASP E 276 -3.80 -18.26 -5.35
CA ASP E 276 -5.03 -17.52 -5.62
C ASP E 276 -5.70 -17.13 -4.30
N LYS E 277 -5.75 -15.82 -4.03
CA LYS E 277 -6.42 -15.31 -2.84
C LYS E 277 -7.80 -14.73 -3.16
N ILE E 278 -8.23 -14.80 -4.41
CA ILE E 278 -9.60 -14.45 -4.78
C ILE E 278 -10.52 -15.65 -4.62
N CYS E 279 -10.10 -16.78 -5.18
CA CYS E 279 -10.77 -18.06 -5.01
C CYS E 279 -9.74 -18.99 -4.37
N PRO E 280 -9.72 -19.11 -3.05
CA PRO E 280 -8.73 -19.95 -2.40
C PRO E 280 -8.85 -21.39 -2.84
N PRO E 281 -7.73 -22.10 -3.04
CA PRO E 281 -7.81 -23.48 -3.51
C PRO E 281 -8.68 -24.37 -2.65
N SER E 282 -8.73 -24.14 -1.33
CA SER E 282 -9.55 -25.00 -0.48
C SER E 282 -11.01 -24.93 -0.89
N THR E 283 -11.52 -23.73 -1.20
CA THR E 283 -12.92 -23.62 -1.59
C THR E 283 -13.20 -24.38 -2.89
N GLN E 284 -12.26 -24.37 -3.82
CA GLN E 284 -12.45 -25.07 -5.08
C GLN E 284 -12.46 -26.58 -4.87
N PHE E 285 -11.54 -27.09 -4.06
CA PHE E 285 -11.47 -28.53 -3.86
C PHE E 285 -12.62 -29.04 -2.99
N ALA E 286 -13.24 -28.19 -2.19
CA ALA E 286 -14.48 -28.57 -1.52
C ALA E 286 -15.50 -29.07 -2.55
N ALA E 287 -15.58 -28.42 -3.71
CA ALA E 287 -16.48 -28.86 -4.77
C ALA E 287 -15.89 -30.02 -5.56
N TYR E 288 -14.60 -29.92 -5.93
CA TYR E 288 -13.94 -30.97 -6.71
C TYR E 288 -14.04 -32.32 -6.02
N ASN E 289 -13.81 -32.36 -4.70
CA ASN E 289 -13.80 -33.63 -3.99
C ASN E 289 -15.17 -34.30 -3.94
N LYS E 290 -16.24 -33.56 -4.20
CA LYS E 290 -17.58 -34.10 -4.17
C LYS E 290 -18.12 -34.38 -5.57
N LEU E 291 -17.31 -34.22 -6.62
CA LEU E 291 -17.80 -34.41 -7.98
C LEU E 291 -18.24 -35.84 -8.19
N GLY E 292 -19.37 -36.01 -8.89
CA GLY E 292 -19.96 -37.31 -9.13
C GLY E 292 -19.52 -38.02 -10.40
N GLY E 293 -18.58 -37.48 -11.16
CA GLY E 293 -18.10 -38.11 -12.37
C GLY E 293 -16.59 -38.22 -12.40
N PRO E 294 -16.03 -38.65 -13.53
CA PRO E 294 -14.57 -38.65 -13.68
C PRO E 294 -14.00 -37.25 -13.61
N LYS E 295 -12.75 -37.15 -13.16
CA LYS E 295 -12.20 -35.83 -12.89
C LYS E 295 -10.68 -35.86 -12.88
N ASP E 296 -10.08 -34.72 -13.20
CA ASP E 296 -8.64 -34.51 -13.10
C ASP E 296 -8.42 -33.02 -12.89
N TYR E 297 -7.23 -32.67 -12.40
CA TYR E 297 -6.92 -31.27 -12.12
C TYR E 297 -5.59 -30.89 -12.73
N ARG E 298 -5.40 -29.58 -12.88
CA ARG E 298 -4.15 -28.99 -13.36
C ARG E 298 -3.76 -27.87 -12.40
N LEU E 299 -2.51 -27.86 -11.95
CA LEU E 299 -2.05 -26.90 -10.95
C LEU E 299 -1.07 -25.89 -11.51
N TYR E 300 -1.17 -24.65 -11.05
CA TYR E 300 -0.22 -23.58 -11.34
C TYR E 300 0.23 -23.04 -9.98
N PRO E 301 1.33 -23.57 -9.44
CA PRO E 301 1.69 -23.25 -8.04
C PRO E 301 1.97 -21.78 -7.78
N ASP E 302 2.61 -21.06 -8.72
CA ASP E 302 3.05 -19.69 -8.48
C ASP E 302 2.11 -18.64 -9.03
N PHE E 303 0.90 -19.00 -9.44
CA PHE E 303 -0.01 -18.05 -10.05
C PHE E 303 -1.19 -17.75 -9.14
N ALA E 304 -1.78 -16.57 -9.36
CA ALA E 304 -2.96 -16.17 -8.61
C ALA E 304 -4.18 -16.13 -9.53
N HIS E 305 -5.05 -15.15 -9.34
CA HIS E 305 -6.29 -15.03 -10.12
C HIS E 305 -5.98 -14.24 -11.39
N GLU E 306 -5.36 -14.92 -12.35
CA GLU E 306 -4.80 -14.27 -13.51
C GLU E 306 -4.79 -15.25 -14.68
N THR E 307 -4.25 -14.81 -15.82
CA THR E 307 -4.07 -15.68 -16.97
C THR E 307 -3.08 -16.79 -16.64
N LEU E 308 -3.43 -18.03 -16.98
CA LEU E 308 -2.60 -19.20 -16.70
C LEU E 308 -2.06 -19.76 -18.01
N PRO E 309 -0.79 -19.50 -18.36
CA PRO E 309 -0.29 -19.84 -19.70
C PRO E 309 -0.42 -21.33 -19.99
N GLY E 310 -0.99 -21.65 -21.15
CA GLY E 310 -1.20 -23.03 -21.56
C GLY E 310 -2.58 -23.57 -21.30
N THR E 311 -3.41 -22.85 -20.53
CA THR E 311 -4.69 -23.40 -20.11
C THR E 311 -5.71 -23.43 -21.27
N ASP E 312 -5.69 -22.42 -22.13
CA ASP E 312 -6.64 -22.41 -23.25
C ASP E 312 -6.34 -23.54 -24.24
N ASP E 313 -5.06 -23.83 -24.48
CA ASP E 313 -4.72 -24.99 -25.29
C ASP E 313 -5.11 -26.28 -24.59
N ALA E 314 -4.87 -26.37 -23.29
CA ALA E 314 -5.25 -27.56 -22.55
C ALA E 314 -6.76 -27.79 -22.62
N ILE E 315 -7.55 -26.73 -22.45
CA ILE E 315 -9.00 -26.88 -22.53
C ILE E 315 -9.42 -27.20 -23.96
N PHE E 316 -8.80 -26.55 -24.95
CA PHE E 316 -9.14 -26.81 -26.34
C PHE E 316 -8.88 -28.27 -26.69
N THR E 317 -7.72 -28.80 -26.31
CA THR E 317 -7.43 -30.21 -26.57
C THR E 317 -8.44 -31.10 -25.85
N PHE E 318 -8.78 -30.76 -24.61
CA PHE E 318 -9.78 -31.50 -23.86
C PHE E 318 -11.12 -31.50 -24.59
N LEU E 319 -11.52 -30.36 -25.15
CA LEU E 319 -12.82 -30.26 -25.79
C LEU E 319 -12.83 -30.81 -27.21
N GLN E 320 -11.66 -31.13 -27.78
CA GLN E 320 -11.62 -31.77 -29.09
C GLN E 320 -12.14 -33.20 -29.00
N GLY E 321 -12.05 -33.83 -27.82
CA GLY E 321 -12.61 -35.14 -27.62
C GLY E 321 -14.10 -35.17 -27.44
N LEU E 322 -14.77 -34.05 -27.71
CA LEU E 322 -16.22 -33.97 -27.58
C LEU E 322 -16.89 -34.73 -28.71
N HIS F 1 -11.05 -27.84 13.60
CA HIS F 1 -10.19 -27.49 12.48
C HIS F 1 -9.52 -26.13 12.70
N VAL F 2 -10.20 -25.27 13.45
CA VAL F 2 -9.83 -23.88 13.77
C VAL F 2 -9.08 -23.18 12.65
N PRO F 3 -9.73 -22.30 11.90
CA PRO F 3 -9.02 -21.54 10.87
C PRO F 3 -7.96 -20.63 11.45
N LEU F 4 -6.96 -20.33 10.63
CA LEU F 4 -5.86 -19.49 11.08
C LEU F 4 -6.31 -18.04 11.29
N THR F 5 -5.88 -17.45 12.39
CA THR F 5 -6.16 -16.06 12.72
C THR F 5 -4.87 -15.36 13.10
N PHE F 6 -4.85 -14.04 12.91
CA PHE F 6 -3.70 -13.24 13.33
C PHE F 6 -3.54 -13.26 14.85
N ASP F 7 -4.64 -13.43 15.59
CA ASP F 7 -4.65 -13.41 17.03
C ASP F 7 -4.95 -14.82 17.55
N LEU F 8 -5.63 -14.91 18.66
CA LEU F 8 -5.96 -16.23 19.18
C LEU F 8 -7.38 -16.63 18.79
N PRO F 9 -7.63 -17.92 18.55
CA PRO F 9 -9.01 -18.36 18.33
C PRO F 9 -9.87 -18.03 19.54
N PHE F 10 -11.16 -17.80 19.28
CA PHE F 10 -12.03 -17.29 20.32
C PHE F 10 -12.12 -18.23 21.51
N GLU F 11 -12.04 -19.54 21.27
CA GLU F 11 -12.12 -20.51 22.36
CA GLU F 11 -12.11 -20.51 22.36
C GLU F 11 -10.98 -20.31 23.36
N GLU F 12 -9.83 -19.85 22.90
CA GLU F 12 -8.69 -19.62 23.78
C GLU F 12 -8.73 -18.27 24.46
N LEU F 13 -9.51 -17.31 23.95
CA LEU F 13 -9.55 -15.99 24.56
C LEU F 13 -10.11 -16.05 25.97
N LEU F 14 -11.14 -16.88 26.20
CA LEU F 14 -11.81 -16.89 27.51
C LEU F 14 -10.96 -17.50 28.61
N THR F 15 -9.86 -18.16 28.27
CA THR F 15 -8.93 -18.69 29.24
C THR F 15 -7.53 -18.09 29.12
N TYR F 16 -7.33 -17.14 28.22
CA TYR F 16 -6.01 -16.57 27.99
C TYR F 16 -5.52 -15.85 29.24
N PRO F 17 -4.33 -16.17 29.75
CA PRO F 17 -3.84 -15.58 31.01
C PRO F 17 -2.97 -14.34 30.86
N GLY F 18 -2.67 -13.90 29.64
CA GLY F 18 -1.72 -12.82 29.44
C GLY F 18 -0.28 -13.33 29.36
N ARG F 19 0.60 -12.48 28.83
CA ARG F 19 1.99 -12.83 28.63
C ARG F 19 2.96 -11.82 29.24
N THR F 20 2.46 -10.86 30.03
CA THR F 20 3.27 -9.84 30.68
C THR F 20 3.44 -10.21 32.14
N PRO F 21 4.70 -10.23 32.67
CA PRO F 21 5.00 -10.83 33.98
C PRO F 21 3.97 -10.66 35.09
N ARG F 22 4.16 -9.63 35.92
CA ARG F 22 3.41 -9.07 37.06
C ARG F 22 4.40 -8.95 38.20
N PRO F 23 4.73 -7.75 38.63
CA PRO F 23 5.70 -7.57 39.72
C PRO F 23 5.19 -8.09 41.05
N ALA F 24 6.11 -8.62 41.85
CA ALA F 24 5.74 -9.16 43.15
C ALA F 24 5.25 -8.08 44.09
N ASP F 25 5.71 -6.83 43.88
CA ASP F 25 5.33 -5.71 44.72
C ASP F 25 4.32 -4.79 44.03
N HIS F 26 3.50 -5.35 43.13
CA HIS F 26 2.50 -4.55 42.43
C HIS F 26 1.61 -3.81 43.41
N ASP F 27 1.12 -4.51 44.44
CA ASP F 27 0.21 -3.91 45.40
C ASP F 27 0.88 -2.77 46.15
N GLU F 28 2.13 -2.96 46.55
CA GLU F 28 2.86 -1.92 47.26
C GLU F 28 3.15 -0.72 46.37
N TYR F 29 3.44 -0.98 45.08
CA TYR F 29 3.66 0.10 44.13
C TYR F 29 2.43 1.01 44.05
N TRP F 30 1.24 0.43 43.95
CA TRP F 30 0.05 1.23 43.76
C TRP F 30 -0.48 1.80 45.07
N ASP F 31 -0.24 1.14 46.20
CA ASP F 31 -0.55 1.78 47.47
C ASP F 31 0.34 3.02 47.68
N ARG F 32 1.61 2.93 47.28
CA ARG F 32 2.49 4.09 47.33
C ARG F 32 2.04 5.17 46.35
N GLY F 33 1.57 4.77 45.17
CA GLY F 33 1.09 5.75 44.21
C GLY F 33 -0.09 6.55 44.73
N LEU F 34 -1.06 5.86 45.35
CA LEU F 34 -2.21 6.56 45.89
C LEU F 34 -1.84 7.43 47.09
N ALA F 35 -0.88 6.99 47.90
CA ALA F 35 -0.41 7.81 49.02
C ALA F 35 0.34 9.04 48.52
N ASP F 36 1.15 8.89 47.47
CA ASP F 36 1.79 10.04 46.85
C ASP F 36 0.75 11.03 46.34
N LEU F 37 -0.31 10.51 45.72
CA LEU F 37 -1.39 11.37 45.22
C LEU F 37 -2.07 12.12 46.36
N ALA F 38 -2.39 11.41 47.44
CA ALA F 38 -3.08 12.02 48.57
C ALA F 38 -2.22 13.08 49.26
N ALA F 39 -0.89 12.97 49.14
CA ALA F 39 -0.01 13.97 49.74
C ALA F 39 0.09 15.24 48.91
N VAL F 40 -0.46 15.26 47.70
CA VAL F 40 -0.52 16.47 46.88
C VAL F 40 -1.91 17.07 47.02
N PRO F 41 -2.05 18.28 47.55
CA PRO F 41 -3.38 18.90 47.64
C PRO F 41 -3.97 19.12 46.25
N ALA F 42 -5.25 18.79 46.11
CA ALA F 42 -5.90 18.83 44.80
C ALA F 42 -5.99 20.27 44.28
N ASP F 43 -6.34 21.22 45.15
CA ASP F 43 -6.43 22.63 44.75
C ASP F 43 -7.40 22.81 43.59
N VAL F 44 -8.61 22.28 43.77
CA VAL F 44 -9.62 22.23 42.71
C VAL F 44 -10.08 23.65 42.36
N VAL F 45 -10.11 23.96 41.06
CA VAL F 45 -10.63 25.23 40.55
C VAL F 45 -11.65 24.92 39.46
N ILE F 46 -12.81 25.56 39.55
CA ILE F 46 -13.90 25.35 38.61
C ILE F 46 -14.32 26.69 38.01
N GLU F 47 -14.29 26.78 36.68
CA GLU F 47 -14.64 27.99 35.95
C GLU F 47 -15.63 27.66 34.84
N PRO F 48 -16.54 28.58 34.52
CA PRO F 48 -17.52 28.30 33.46
C PRO F 48 -16.87 28.21 32.09
N ALA F 49 -17.49 27.43 31.22
CA ALA F 49 -17.03 27.32 29.85
C ALA F 49 -17.83 28.28 28.96
N GLU F 50 -17.29 28.55 27.78
CA GLU F 50 -18.00 29.41 26.83
C GLU F 50 -19.21 28.69 26.25
N PHE F 51 -19.09 27.39 26.00
CA PHE F 51 -20.23 26.62 25.54
C PHE F 51 -21.36 26.72 26.56
N THR F 52 -22.54 27.07 26.08
CA THR F 52 -23.69 27.29 26.95
C THR F 52 -24.90 26.56 26.39
N THR F 53 -25.75 26.06 27.29
CA THR F 53 -26.95 25.37 26.89
C THR F 53 -27.87 25.31 28.10
N PRO F 54 -29.19 25.40 27.91
CA PRO F 54 -30.10 25.25 29.05
C PRO F 54 -30.11 23.85 29.64
N LEU F 55 -29.47 22.88 29.01
CA LEU F 55 -29.51 21.51 29.50
C LEU F 55 -28.51 21.24 30.62
N ALA F 56 -27.51 22.09 30.79
CA ALA F 56 -26.45 21.76 31.73
C ALA F 56 -25.64 22.99 32.09
N ARG F 57 -24.98 22.92 33.24
CA ARG F 57 -23.92 23.85 33.63
CA ARG F 57 -23.92 23.85 33.63
C ARG F 57 -22.61 23.25 33.15
N CYS F 58 -21.94 23.92 32.22
CA CYS F 58 -20.69 23.42 31.66
C CYS F 58 -19.52 24.22 32.21
N SER F 59 -18.52 23.51 32.72
CA SER F 59 -17.40 24.15 33.40
C SER F 59 -16.11 23.42 33.09
N HIS F 60 -15.01 24.14 33.27
CA HIS F 60 -13.69 23.56 33.28
C HIS F 60 -13.31 23.25 34.72
N LEU F 61 -12.86 22.03 34.96
CA LEU F 61 -12.38 21.62 36.28
C LEU F 61 -10.87 21.43 36.20
N TRP F 62 -10.14 22.05 37.12
CA TRP F 62 -8.69 21.98 37.18
C TRP F 62 -8.27 21.41 38.52
N PHE F 63 -7.27 20.54 38.51
CA PHE F 63 -6.72 20.03 39.76
C PHE F 63 -5.24 19.76 39.55
N THR F 64 -4.55 19.49 40.65
CA THR F 64 -3.14 19.17 40.63
C THR F 64 -2.97 17.67 40.78
N GLY F 65 -2.20 17.06 39.88
CA GLY F 65 -1.87 15.65 39.94
C GLY F 65 -0.46 15.42 40.43
N THR F 66 -0.06 14.15 40.41
CA THR F 66 1.31 13.81 40.81
C THR F 66 2.32 14.49 39.89
N GLY F 67 3.47 14.82 40.45
CA GLY F 67 4.47 15.60 39.73
C GLY F 67 4.28 17.10 39.77
N GLY F 68 3.30 17.61 40.52
CA GLY F 68 3.07 19.04 40.58
C GLY F 68 2.57 19.64 39.30
N VAL F 69 1.66 18.94 38.61
CA VAL F 69 1.15 19.33 37.31
C VAL F 69 -0.34 19.63 37.43
N ARG F 70 -0.80 20.64 36.69
CA ARG F 70 -2.22 20.98 36.63
C ARG F 70 -2.89 20.16 35.52
N VAL F 71 -4.04 19.57 35.84
CA VAL F 71 -4.76 18.69 34.92
C VAL F 71 -6.16 19.25 34.71
N HIS F 72 -6.69 19.09 33.51
CA HIS F 72 -8.01 19.62 33.15
C HIS F 72 -9.01 18.49 32.91
N ALA F 73 -10.27 18.74 33.28
CA ALA F 73 -11.39 17.90 32.89
C ALA F 73 -12.62 18.76 32.60
N LYS F 74 -13.40 18.35 31.61
CA LYS F 74 -14.69 18.97 31.36
CA LYS F 74 -14.70 18.96 31.35
C LYS F 74 -15.70 18.50 32.42
N LEU F 75 -16.46 19.44 32.97
CA LEU F 75 -17.44 19.15 34.01
C LEU F 75 -18.80 19.64 33.55
N LEU F 76 -19.78 18.74 33.51
CA LEU F 76 -21.15 19.05 33.14
C LEU F 76 -22.05 18.61 34.30
N ARG F 77 -22.92 19.52 34.75
CA ARG F 77 -23.81 19.24 35.86
CA ARG F 77 -23.80 19.26 35.88
C ARG F 77 -25.23 19.64 35.53
N PRO F 78 -26.21 18.93 36.07
CA PRO F 78 -27.62 19.30 35.83
C PRO F 78 -27.94 20.66 36.43
N VAL F 79 -28.93 21.33 35.82
CA VAL F 79 -29.23 22.71 36.21
C VAL F 79 -29.95 22.75 37.56
N ALA F 80 -30.85 21.80 37.82
CA ALA F 80 -31.64 21.75 39.04
C ALA F 80 -31.57 20.32 39.57
N PRO F 81 -30.46 19.96 40.24
CA PRO F 81 -30.28 18.58 40.68
C PRO F 81 -31.19 18.19 41.82
N VAL F 82 -30.99 18.80 43.00
CA VAL F 82 -31.95 19.11 44.05
C VAL F 82 -31.66 18.06 45.11
N GLU F 83 -31.11 16.94 44.65
CA GLU F 83 -30.98 15.69 45.40
C GLU F 83 -29.73 14.96 44.90
N PRO F 84 -29.05 14.22 45.77
CA PRO F 84 -27.86 13.48 45.31
C PRO F 84 -28.17 12.52 44.16
N HIS F 85 -27.27 12.49 43.18
CA HIS F 85 -27.58 11.81 41.93
C HIS F 85 -26.34 11.09 41.40
N PRO F 86 -26.46 10.27 40.36
CA PRO F 86 -25.30 9.57 39.82
C PRO F 86 -24.32 10.50 39.12
N ALA F 87 -23.17 9.93 38.76
CA ALA F 87 -22.15 10.60 37.97
C ALA F 87 -21.51 9.62 37.01
N LEU F 88 -20.96 10.15 35.93
CA LEU F 88 -20.31 9.36 34.90
C LEU F 88 -18.94 9.98 34.58
N LEU F 89 -17.91 9.15 34.59
CA LEU F 89 -16.56 9.56 34.20
C LEU F 89 -16.25 9.04 32.80
N GLN F 90 -15.75 9.91 31.93
CA GLN F 90 -15.44 9.55 30.56
C GLN F 90 -13.98 9.81 30.26
N PHE F 91 -13.36 8.89 29.51
CA PHE F 91 -11.95 8.96 29.15
C PHE F 91 -11.80 8.75 27.65
N HIS F 92 -10.85 9.47 27.05
CA HIS F 92 -10.78 9.60 25.60
C HIS F 92 -9.65 8.78 24.98
N GLY F 93 -9.63 8.77 23.64
CA GLY F 93 -8.68 7.96 22.89
C GLY F 93 -7.28 8.56 22.84
N TYR F 94 -6.33 7.70 22.46
CA TYR F 94 -4.92 8.07 22.46
C TYR F 94 -4.66 9.20 21.47
N THR F 95 -4.01 10.27 21.96
CA THR F 95 -3.66 11.53 21.28
C THR F 95 -4.86 12.46 21.05
N GLY F 96 -6.07 12.07 21.43
CA GLY F 96 -7.25 12.90 21.29
C GLY F 96 -7.49 13.80 22.50
N ASN F 97 -8.76 14.20 22.67
CA ASN F 97 -9.17 14.98 23.83
C ASN F 97 -10.59 14.59 24.24
N SER F 98 -11.12 15.27 25.25
CA SER F 98 -12.41 14.91 25.83
C SER F 98 -13.58 15.09 24.88
N GLY F 99 -13.40 15.78 23.76
CA GLY F 99 -14.43 15.85 22.74
C GLY F 99 -15.46 16.93 23.00
N ASP F 100 -16.57 16.85 22.26
CA ASP F 100 -17.57 17.89 22.27
C ASP F 100 -18.41 17.87 23.56
N TRP F 101 -18.77 19.07 24.04
CA TRP F 101 -19.65 19.15 25.20
C TRP F 101 -20.97 18.45 24.93
N SER F 102 -21.53 18.63 23.73
CA SER F 102 -22.89 18.19 23.44
C SER F 102 -23.02 16.69 23.28
N SER F 103 -21.91 15.96 23.17
CA SER F 103 -21.97 14.51 23.01
C SER F 103 -22.36 13.78 24.29
N ARG F 104 -22.45 14.48 25.43
CA ARG F 104 -22.79 13.81 26.68
C ARG F 104 -23.92 14.51 27.42
N LEU F 105 -24.66 15.41 26.74
CA LEU F 105 -25.76 16.12 27.37
C LEU F 105 -26.95 15.22 27.67
N HIS F 106 -27.09 14.09 26.97
CA HIS F 106 -28.18 13.20 27.31
C HIS F 106 -27.98 12.54 28.67
N TYR F 107 -26.72 12.32 29.08
CA TYR F 107 -26.48 11.84 30.44
C TYR F 107 -26.86 12.89 31.48
N VAL F 108 -26.54 14.16 31.21
CA VAL F 108 -26.94 15.23 32.12
C VAL F 108 -28.46 15.33 32.20
N ALA F 109 -29.15 15.11 31.08
CA ALA F 109 -30.61 15.14 31.09
C ALA F 109 -31.20 14.03 31.95
N LEU F 110 -30.51 12.89 32.05
CA LEU F 110 -30.90 11.85 33.00
C LEU F 110 -30.75 12.29 34.45
N GLY F 111 -30.06 13.39 34.70
CA GLY F 111 -29.77 13.85 36.04
C GLY F 111 -28.36 13.61 36.53
N TYR F 112 -27.47 13.16 35.65
CA TYR F 112 -26.10 12.82 36.03
C TYR F 112 -25.17 14.02 35.93
N THR F 113 -24.14 14.01 36.75
CA THR F 113 -22.95 14.82 36.54
C THR F 113 -22.01 14.02 35.61
N VAL F 114 -21.38 14.72 34.67
CA VAL F 114 -20.41 14.10 33.77
C VAL F 114 -19.09 14.83 33.90
N ALA F 115 -18.00 14.08 34.07
CA ALA F 115 -16.64 14.61 34.11
C ALA F 115 -15.81 13.85 33.10
N ALA F 116 -15.09 14.58 32.24
CA ALA F 116 -14.31 13.99 31.15
C ALA F 116 -12.88 14.49 31.22
N LEU F 117 -11.95 13.59 31.53
CA LEU F 117 -10.55 13.96 31.72
C LEU F 117 -9.87 14.25 30.39
N ASP F 118 -8.98 15.24 30.39
CA ASP F 118 -8.02 15.46 29.31
C ASP F 118 -6.67 14.90 29.73
N CYS F 119 -6.14 13.94 28.97
CA CYS F 119 -4.87 13.33 29.34
C CYS F 119 -3.72 14.30 29.11
N ARG F 120 -2.72 14.25 30.01
CA ARG F 120 -1.57 15.13 29.95
C ARG F 120 -0.90 15.06 28.59
N GLY F 121 -0.68 16.23 27.98
CA GLY F 121 0.08 16.35 26.76
C GLY F 121 -0.67 15.97 25.50
N GLN F 122 -1.92 15.54 25.60
CA GLN F 122 -2.66 15.13 24.41
C GLN F 122 -3.42 16.35 23.88
N ALA F 123 -4.49 16.13 23.11
CA ALA F 123 -5.08 17.22 22.33
C ALA F 123 -5.91 18.19 23.16
N GLY F 124 -6.03 17.99 24.47
CA GLY F 124 -6.89 18.79 25.31
C GLY F 124 -6.16 19.91 26.02
N LEU F 125 -6.66 20.28 27.19
CA LEU F 125 -6.17 21.44 27.92
C LEU F 125 -5.14 21.10 29.00
N SER F 126 -4.87 19.82 29.22
CA SER F 126 -3.85 19.37 30.17
C SER F 126 -2.49 19.39 29.47
N VAL F 127 -1.69 20.42 29.74
CA VAL F 127 -0.43 20.65 29.04
C VAL F 127 0.78 20.64 29.96
N GLY F 128 0.61 20.17 31.20
CA GLY F 128 1.70 20.13 32.15
C GLY F 128 2.44 18.80 32.09
N GLU F 129 3.76 18.87 32.08
CA GLU F 129 4.63 17.72 31.91
C GLU F 129 5.42 17.47 33.19
N ALA F 130 5.33 16.24 33.73
CA ALA F 130 6.16 15.85 34.87
C ALA F 130 7.55 15.44 34.38
N PRO F 131 8.61 15.87 35.07
CA PRO F 131 9.96 15.57 34.60
C PRO F 131 10.36 14.12 34.83
N VAL F 132 11.34 13.68 34.06
CA VAL F 132 11.96 12.36 34.20
C VAL F 132 13.46 12.54 34.21
N GLU F 133 14.15 11.54 34.75
CA GLU F 133 15.61 11.57 34.77
C GLU F 133 16.16 11.27 33.37
N ASN F 134 15.57 10.32 32.66
CA ASN F 134 16.07 9.89 31.36
C ASN F 134 14.95 10.08 30.35
N TRP F 135 15.11 11.06 29.46
CA TRP F 135 14.11 11.38 28.46
C TRP F 135 14.46 10.68 27.15
N SER F 136 13.50 9.95 26.61
CA SER F 136 13.60 9.40 25.26
C SER F 136 12.38 9.86 24.48
N MET F 137 12.62 10.49 23.32
CA MET F 137 11.52 10.94 22.49
C MET F 137 10.81 9.81 21.75
N ALA F 138 11.29 8.57 21.90
CA ALA F 138 10.78 7.47 21.07
C ALA F 138 9.34 7.09 21.41
N SER F 139 8.92 7.24 22.67
CA SER F 139 7.63 6.69 23.07
C SER F 139 7.09 7.45 24.27
N TYR F 140 5.86 7.97 24.15
CA TYR F 140 5.20 8.50 25.34
C TYR F 140 4.85 7.37 26.30
N LEU F 141 4.36 6.23 25.78
CA LEU F 141 3.94 5.12 26.63
C LEU F 141 5.05 4.63 27.53
N LEU F 142 6.30 4.66 27.05
CA LEU F 142 7.44 4.18 27.82
C LEU F 142 8.22 5.30 28.50
N ARG F 143 7.65 6.51 28.54
CA ARG F 143 8.31 7.62 29.21
C ARG F 143 8.54 7.29 30.68
N GLY F 144 9.78 7.43 31.13
CA GLY F 144 10.14 7.12 32.50
C GLY F 144 10.67 5.73 32.74
N ILE F 145 10.74 4.89 31.71
CA ILE F 145 11.11 3.49 31.90
C ILE F 145 12.57 3.32 32.34
N ASP F 146 13.43 4.29 32.06
CA ASP F 146 14.86 4.18 32.34
C ASP F 146 15.30 4.91 33.59
N ASP F 147 14.37 5.43 34.39
CA ASP F 147 14.75 6.11 35.62
C ASP F 147 15.19 5.11 36.69
N ASP F 148 15.81 5.65 37.74
CA ASP F 148 16.32 4.80 38.83
CA ASP F 148 16.33 4.81 38.83
C ASP F 148 15.24 3.88 39.37
N ALA F 149 14.14 4.44 39.83
CA ALA F 149 12.98 3.70 40.29
C ALA F 149 11.86 3.83 39.27
N ALA F 150 10.82 3.00 39.43
CA ALA F 150 9.72 2.94 38.49
C ALA F 150 8.59 3.91 38.80
N ASP F 151 8.78 4.82 39.75
CA ASP F 151 7.72 5.74 40.16
C ASP F 151 7.56 6.95 39.24
N ASN F 152 8.41 7.10 38.23
CA ASN F 152 8.34 8.22 37.30
C ASN F 152 7.71 7.84 35.96
N LEU F 153 7.09 6.67 35.87
CA LEU F 153 6.42 6.25 34.65
C LEU F 153 5.27 7.20 34.32
N ALA F 154 5.23 7.67 33.07
CA ALA F 154 4.17 8.58 32.66
C ALA F 154 2.79 7.95 32.80
N LEU F 155 2.66 6.67 32.45
CA LEU F 155 1.37 5.99 32.59
C LEU F 155 0.91 5.92 34.05
N ARG F 156 1.85 5.96 35.00
CA ARG F 156 1.46 6.00 36.40
CA ARG F 156 1.46 6.00 36.40
C ARG F 156 0.83 7.33 36.76
N HIS F 157 1.40 8.44 36.27
CA HIS F 157 0.78 9.75 36.50
C HIS F 157 -0.61 9.79 35.90
N LEU F 158 -0.78 9.25 34.69
CA LEU F 158 -2.07 9.25 34.04
C LEU F 158 -3.10 8.44 34.82
N PHE F 159 -2.71 7.26 35.30
CA PHE F 159 -3.64 6.43 36.07
C PHE F 159 -4.06 7.14 37.36
N LEU F 160 -3.11 7.83 38.02
CA LEU F 160 -3.43 8.56 39.24
C LEU F 160 -4.28 9.79 38.96
N ASP F 161 -4.19 10.34 37.75
CA ASP F 161 -5.10 11.43 37.35
C ASP F 161 -6.55 10.94 37.32
N THR F 162 -6.78 9.73 36.79
CA THR F 162 -8.14 9.20 36.76
C THR F 162 -8.65 8.94 38.17
N ALA F 163 -7.78 8.46 39.06
CA ALA F 163 -8.17 8.27 40.45
C ALA F 163 -8.53 9.59 41.12
N ARG F 164 -7.73 10.64 40.89
CA ARG F 164 -8.04 11.94 41.51
C ARG F 164 -9.36 12.50 40.98
N LEU F 165 -9.59 12.41 39.67
CA LEU F 165 -10.86 12.87 39.13
C LEU F 165 -12.02 12.12 39.76
N ALA F 166 -11.87 10.79 39.90
CA ALA F 166 -12.91 10.01 40.55
C ALA F 166 -13.12 10.45 42.00
N GLN F 167 -12.02 10.67 42.74
CA GLN F 167 -12.14 11.10 44.13
C GLN F 167 -12.82 12.45 44.23
N ILE F 168 -12.45 13.40 43.35
CA ILE F 168 -13.07 14.72 43.37
C ILE F 168 -14.56 14.62 43.06
N VAL F 169 -14.93 13.81 42.06
CA VAL F 169 -16.33 13.75 41.64
C VAL F 169 -17.17 13.09 42.73
N LEU F 170 -16.68 11.98 43.30
CA LEU F 170 -17.42 11.31 44.37
C LEU F 170 -17.63 12.21 45.58
N ALA F 171 -16.69 13.10 45.87
CA ALA F 171 -16.83 13.95 47.06
C ALA F 171 -17.79 15.12 46.86
N MET F 172 -18.27 15.34 45.64
CA MET F 172 -19.22 16.43 45.40
C MET F 172 -20.50 16.19 46.17
N ASP F 173 -21.07 17.27 46.72
CA ASP F 173 -22.23 17.12 47.60
C ASP F 173 -23.43 16.53 46.88
N ASP F 174 -23.60 16.81 45.59
CA ASP F 174 -24.77 16.34 44.87
C ASP F 174 -24.55 14.99 44.16
N VAL F 175 -23.39 14.36 44.35
CA VAL F 175 -23.10 13.09 43.71
C VAL F 175 -23.23 11.96 44.74
N ASP F 176 -24.10 11.00 44.45
CA ASP F 176 -24.17 9.81 45.29
C ASP F 176 -22.92 8.98 45.02
N PRO F 177 -21.99 8.85 45.98
CA PRO F 177 -20.71 8.19 45.67
C PRO F 177 -20.82 6.70 45.36
N ASP F 178 -21.97 6.07 45.60
CA ASP F 178 -22.17 4.67 45.28
C ASP F 178 -22.90 4.47 43.96
N ARG F 179 -23.10 5.55 43.20
CA ARG F 179 -23.78 5.49 41.90
C ARG F 179 -22.93 6.24 40.86
N VAL F 180 -21.70 5.79 40.68
CA VAL F 180 -20.76 6.41 39.77
C VAL F 180 -20.28 5.36 38.77
N ALA F 181 -20.19 5.75 37.50
CA ALA F 181 -19.79 4.87 36.42
C ALA F 181 -18.60 5.46 35.67
N ALA F 182 -17.95 4.61 34.88
CA ALA F 182 -16.84 5.04 34.01
C ALA F 182 -17.00 4.36 32.66
N THR F 183 -16.58 5.06 31.60
CA THR F 183 -16.67 4.51 30.25
C THR F 183 -15.67 5.21 29.35
N GLY F 184 -15.29 4.53 28.26
CA GLY F 184 -14.34 5.08 27.31
C GLY F 184 -13.92 4.08 26.23
N TYR F 185 -13.42 4.60 25.11
CA TYR F 185 -12.97 3.81 23.96
C TYR F 185 -11.44 3.81 23.90
N SER F 186 -10.87 2.63 23.61
CA SER F 186 -9.44 2.48 23.30
C SER F 186 -8.60 2.86 24.51
N GLN F 187 -7.77 3.91 24.45
CA GLN F 187 -7.11 4.40 25.65
C GLN F 187 -8.11 4.68 26.75
N GLY F 188 -9.27 5.25 26.38
CA GLY F 188 -10.29 5.51 27.37
C GLY F 188 -10.88 4.26 27.98
N GLY F 189 -10.86 3.15 27.25
CA GLY F 189 -11.27 1.88 27.83
C GLY F 189 -10.28 1.36 28.86
N GLY F 190 -8.99 1.48 28.57
CA GLY F 190 -7.99 1.10 29.55
C GLY F 190 -8.02 2.00 30.77
N LEU F 191 -8.22 3.31 30.55
CA LEU F 191 -8.33 4.24 31.66
C LEU F 191 -9.61 4.00 32.45
N THR F 192 -10.69 3.55 31.78
CA THR F 192 -11.89 3.16 32.50
C THR F 192 -11.60 2.07 33.52
N LEU F 193 -10.82 1.06 33.12
CA LEU F 193 -10.51 -0.04 34.03
C LEU F 193 -9.53 0.39 35.11
N ALA F 194 -8.52 1.18 34.76
CA ALA F 194 -7.60 1.69 35.77
C ALA F 194 -8.34 2.55 36.79
N CYS F 195 -9.28 3.38 36.33
CA CYS F 195 -10.04 4.22 37.25
C CYS F 195 -10.89 3.37 38.19
N ALA F 196 -11.62 2.39 37.65
CA ALA F 196 -12.45 1.54 38.49
C ALA F 196 -11.63 0.68 39.45
N ALA F 197 -10.34 0.49 39.16
CA ALA F 197 -9.45 -0.26 40.03
C ALA F 197 -8.87 0.62 41.14
N LEU F 198 -8.48 1.85 40.84
CA LEU F 198 -7.88 2.72 41.84
C LEU F 198 -8.93 3.47 42.67
N GLU F 199 -10.17 3.56 42.19
CA GLU F 199 -11.30 4.04 42.99
C GLU F 199 -12.35 2.92 42.94
N PRO F 200 -12.18 1.88 43.75
CA PRO F 200 -13.04 0.69 43.63
C PRO F 200 -14.50 0.92 43.98
N ARG F 201 -14.86 2.10 44.48
CA ARG F 201 -16.26 2.37 44.78
C ARG F 201 -17.12 2.49 43.51
N ILE F 202 -16.49 2.71 42.36
CA ILE F 202 -17.25 2.84 41.10
C ILE F 202 -18.10 1.62 40.85
N ARG F 203 -19.35 1.87 40.44
CA ARG F 203 -20.39 0.85 40.37
CA ARG F 203 -20.40 0.86 40.37
C ARG F 203 -20.43 0.13 39.03
N LEU F 204 -20.32 0.84 37.91
CA LEU F 204 -20.40 0.26 36.58
C LEU F 204 -19.25 0.78 35.71
N ALA F 205 -18.78 -0.06 34.80
CA ALA F 205 -17.68 0.30 33.90
C ALA F 205 -17.95 -0.27 32.52
N ALA F 206 -17.78 0.56 31.48
CA ALA F 206 -18.09 0.16 30.11
C ALA F 206 -16.93 0.48 29.18
N PRO F 207 -15.89 -0.34 29.19
CA PRO F 207 -14.79 -0.14 28.24
C PRO F 207 -15.13 -0.71 26.86
N VAL F 208 -14.59 -0.04 25.83
CA VAL F 208 -14.68 -0.49 24.44
C VAL F 208 -13.26 -0.67 23.93
N TYR F 209 -12.98 -1.82 23.30
CA TYR F 209 -11.66 -2.34 22.93
C TYR F 209 -10.54 -1.63 23.69
N PRO F 210 -10.37 -1.95 24.98
CA PRO F 210 -9.43 -1.18 25.81
C PRO F 210 -7.98 -1.36 25.38
N PHE F 211 -7.24 -0.26 25.47
CA PHE F 211 -5.81 -0.15 25.19
C PHE F 211 -5.02 -0.23 26.51
N LEU F 212 -3.70 -0.36 26.39
CA LEU F 212 -2.77 -0.37 27.52
C LEU F 212 -2.82 -1.67 28.31
N CYS F 213 -3.06 -2.79 27.64
CA CYS F 213 -3.05 -4.11 28.26
C CYS F 213 -2.02 -4.99 27.57
N ASP F 214 -1.35 -5.82 28.37
CA ASP F 214 -0.55 -6.95 27.87
C ASP F 214 0.50 -6.48 26.85
N PHE F 215 1.33 -5.54 27.30
CA PHE F 215 2.31 -4.90 26.43
C PHE F 215 3.20 -5.92 25.74
N ARG F 216 3.62 -6.97 26.47
CA ARG F 216 4.55 -7.93 25.89
CA ARG F 216 4.56 -7.92 25.88
C ARG F 216 3.90 -8.75 24.80
N ARG F 217 2.63 -9.12 25.00
CA ARG F 217 1.87 -9.80 23.96
C ARG F 217 1.73 -8.94 22.71
N ALA F 218 1.41 -7.66 22.90
CA ALA F 218 1.31 -6.75 21.76
C ALA F 218 2.63 -6.68 21.02
N TRP F 219 3.74 -6.57 21.74
CA TRP F 219 5.05 -6.48 21.10
C TRP F 219 5.38 -7.76 20.32
N GLU F 220 5.08 -8.92 20.90
CA GLU F 220 5.42 -10.17 20.22
CA GLU F 220 5.38 -10.19 20.25
C GLU F 220 4.58 -10.41 18.97
N MET F 221 3.47 -9.70 18.80
CA MET F 221 2.63 -9.85 17.62
C MET F 221 3.17 -8.99 16.48
N ASP F 222 2.81 -9.38 15.25
CA ASP F 222 3.23 -8.65 14.06
C ASP F 222 2.25 -7.51 13.79
N LEU F 223 2.33 -6.47 14.61
CA LEU F 223 1.43 -5.34 14.51
C LEU F 223 2.04 -4.31 13.55
N GLU F 224 1.42 -4.20 12.38
CA GLU F 224 1.94 -3.30 11.35
CA GLU F 224 1.95 -3.29 11.36
C GLU F 224 1.70 -1.84 11.70
N LYS F 225 0.63 -1.54 12.44
CA LYS F 225 0.23 -0.16 12.72
C LYS F 225 -0.20 -0.06 14.19
N GLY F 226 -0.28 1.17 14.67
CA GLY F 226 -0.88 1.43 15.96
C GLY F 226 0.08 1.86 17.04
N PRO F 227 -0.47 2.38 18.14
CA PRO F 227 0.38 2.91 19.22
C PRO F 227 1.22 1.87 19.94
N TYR F 228 0.84 0.59 19.90
CA TYR F 228 1.69 -0.42 20.52
C TYR F 228 3.06 -0.51 19.84
N ASN F 229 3.19 -0.04 18.60
CA ASN F 229 4.49 -0.04 17.95
C ASN F 229 5.49 0.90 18.60
N GLU F 230 5.04 1.77 19.52
CA GLU F 230 5.95 2.60 20.28
C GLU F 230 6.95 1.78 21.08
N ILE F 231 6.57 0.57 21.49
CA ILE F 231 7.50 -0.30 22.22
C ILE F 231 8.67 -0.68 21.32
N THR F 232 8.37 -1.12 20.10
CA THR F 232 9.43 -1.44 19.14
C THR F 232 10.29 -0.23 18.83
N THR F 233 9.66 0.94 18.68
CA THR F 233 10.41 2.16 18.43
C THR F 233 11.40 2.44 19.56
N TYR F 234 10.97 2.23 20.82
CA TYR F 234 11.87 2.42 21.94
C TYR F 234 13.04 1.43 21.89
N PHE F 235 12.73 0.14 21.64
CA PHE F 235 13.79 -0.86 21.57
C PHE F 235 14.79 -0.54 20.46
N ARG F 236 14.31 -0.11 19.30
CA ARG F 236 15.22 0.23 18.21
C ARG F 236 16.11 1.42 18.57
N ALA F 237 15.60 2.33 19.41
CA ALA F 237 16.37 3.52 19.75
C ALA F 237 17.34 3.26 20.90
N ARG F 238 16.87 2.63 21.98
CA ARG F 238 17.62 2.58 23.23
C ARG F 238 18.06 1.19 23.67
N ASP F 239 17.66 0.12 22.96
CA ASP F 239 18.13 -1.22 23.31
C ASP F 239 18.02 -2.18 22.12
N PRO F 240 18.76 -1.94 21.03
CA PRO F 240 18.51 -2.72 19.80
C PRO F 240 18.85 -4.20 19.92
N ARG F 241 19.69 -4.61 20.87
CA ARG F 241 19.98 -6.02 21.06
C ARG F 241 19.15 -6.66 22.16
N HIS F 242 18.24 -5.90 22.77
CA HIS F 242 17.33 -6.41 23.80
C HIS F 242 18.09 -6.94 25.02
N LEU F 243 19.18 -6.26 25.39
CA LEU F 243 19.91 -6.66 26.59
C LEU F 243 19.13 -6.36 27.87
N ARG F 244 18.19 -5.40 27.83
CA ARG F 244 17.41 -5.00 28.99
C ARG F 244 15.94 -5.37 28.81
N GLU F 245 15.66 -6.29 27.89
CA GLU F 245 14.30 -6.71 27.58
C GLU F 245 13.55 -7.16 28.83
N GLU F 246 14.19 -7.93 29.70
CA GLU F 246 13.48 -8.38 30.90
C GLU F 246 13.17 -7.24 31.87
N GLU F 247 14.07 -6.29 32.00
CA GLU F 247 13.79 -5.17 32.89
C GLU F 247 12.66 -4.34 32.34
N ILE F 248 12.65 -4.09 31.03
CA ILE F 248 11.66 -3.20 30.43
C ILE F 248 10.25 -3.76 30.60
N PHE F 249 10.08 -5.05 30.29
CA PHE F 249 8.74 -5.63 30.37
C PHE F 249 8.31 -5.88 31.81
N SER F 250 9.27 -6.08 32.71
CA SER F 250 8.94 -6.16 34.13
C SER F 250 8.43 -4.81 34.64
N ARG F 251 9.06 -3.70 34.23
CA ARG F 251 8.58 -2.39 34.64
C ARG F 251 7.22 -2.08 34.05
N LEU F 252 7.02 -2.42 32.77
CA LEU F 252 5.72 -2.19 32.13
C LEU F 252 4.59 -2.93 32.85
N GLY F 253 4.91 -4.01 33.56
CA GLY F 253 3.91 -4.73 34.33
C GLY F 253 3.26 -3.87 35.40
N TYR F 254 3.95 -2.83 35.87
CA TYR F 254 3.35 -1.93 36.85
C TYR F 254 2.17 -1.15 36.25
N VAL F 255 2.25 -0.78 34.98
CA VAL F 255 1.24 0.06 34.36
C VAL F 255 0.41 -0.72 33.32
N ASP F 256 0.42 -2.03 33.42
CA ASP F 256 -0.43 -2.89 32.60
C ASP F 256 -1.79 -2.99 33.28
N VAL F 257 -2.87 -2.60 32.57
CA VAL F 257 -4.22 -2.60 33.14
CA VAL F 257 -4.14 -2.59 33.27
C VAL F 257 -4.63 -4.01 33.58
N GLN F 258 -4.03 -5.03 32.97
CA GLN F 258 -4.44 -6.39 33.28
C GLN F 258 -4.15 -6.74 34.74
N HIS F 259 -3.11 -6.14 35.32
CA HIS F 259 -2.77 -6.43 36.71
C HIS F 259 -3.49 -5.51 37.69
N LEU F 260 -4.14 -4.47 37.20
CA LEU F 260 -5.05 -3.69 38.03
C LEU F 260 -6.45 -4.29 38.04
N ALA F 261 -6.79 -5.09 37.02
CA ALA F 261 -8.12 -5.67 36.90
C ALA F 261 -8.61 -6.44 38.13
N PRO F 262 -7.77 -7.18 38.86
CA PRO F 262 -8.29 -7.86 40.07
C PRO F 262 -8.84 -6.91 41.13
N ARG F 263 -8.42 -5.64 41.15
CA ARG F 263 -8.96 -4.69 42.12
C ARG F 263 -10.35 -4.19 41.75
N VAL F 264 -10.78 -4.36 40.49
CA VAL F 264 -12.06 -3.81 40.07
C VAL F 264 -13.19 -4.52 40.78
N ARG F 265 -14.14 -3.74 41.30
CA ARG F 265 -15.37 -4.30 41.85
C ARG F 265 -16.60 -3.89 41.06
N ALA F 266 -16.50 -2.90 40.19
CA ALA F 266 -17.62 -2.53 39.33
C ALA F 266 -18.02 -3.71 38.45
N GLU F 267 -19.30 -3.73 38.09
CA GLU F 267 -19.74 -4.60 37.00
C GLU F 267 -19.26 -4.03 35.67
N VAL F 268 -18.69 -4.88 34.83
CA VAL F 268 -18.04 -4.47 33.59
C VAL F 268 -18.84 -4.99 32.40
N LEU F 269 -19.08 -4.12 31.42
CA LEU F 269 -19.60 -4.50 30.11
C LEU F 269 -18.55 -4.10 29.07
N MET F 270 -17.82 -5.09 28.56
CA MET F 270 -16.72 -4.85 27.64
C MET F 270 -17.12 -5.19 26.21
N THR F 271 -16.86 -4.27 25.29
CA THR F 271 -17.10 -4.47 23.88
C THR F 271 -15.78 -4.68 23.16
N VAL F 272 -15.74 -5.73 22.32
CA VAL F 272 -14.54 -6.14 21.59
C VAL F 272 -14.93 -6.41 20.14
N SER F 273 -14.11 -5.93 19.21
CA SER F 273 -14.22 -6.28 17.80
C SER F 273 -13.07 -7.20 17.46
N LEU F 274 -13.36 -8.28 16.73
CA LEU F 274 -12.43 -9.39 16.60
C LEU F 274 -11.42 -9.22 15.47
N ALA F 275 -11.67 -8.31 14.52
CA ALA F 275 -10.70 -8.04 13.47
C ALA F 275 -9.80 -6.85 13.82
N ASP F 276 -9.73 -6.48 15.09
CA ASP F 276 -9.01 -5.30 15.55
C ASP F 276 -7.52 -5.60 15.62
N LYS F 277 -6.74 -4.94 14.76
CA LYS F 277 -5.28 -5.07 14.81
CA LYS F 277 -5.28 -5.05 14.77
C LYS F 277 -4.61 -3.96 15.60
N ILE F 278 -5.36 -2.94 16.03
CA ILE F 278 -4.79 -1.88 16.86
C ILE F 278 -4.74 -2.31 18.32
N CYS F 279 -5.84 -2.85 18.85
CA CYS F 279 -5.90 -3.46 20.17
C CYS F 279 -6.33 -4.90 19.98
N PRO F 280 -5.41 -5.84 19.83
CA PRO F 280 -5.78 -7.24 19.55
C PRO F 280 -6.65 -7.80 20.66
N PRO F 281 -7.67 -8.59 20.32
CA PRO F 281 -8.56 -9.13 21.35
C PRO F 281 -7.84 -9.86 22.47
N SER F 282 -6.72 -10.54 22.17
CA SER F 282 -6.01 -11.27 23.23
C SER F 282 -5.53 -10.31 24.32
N THR F 283 -5.02 -9.14 23.95
CA THR F 283 -4.57 -8.20 24.97
C THR F 283 -5.73 -7.71 25.83
N GLN F 284 -6.91 -7.53 25.23
CA GLN F 284 -8.07 -7.08 26.01
C GLN F 284 -8.53 -8.16 26.98
N PHE F 285 -8.59 -9.41 26.52
CA PHE F 285 -9.06 -10.49 27.37
C PHE F 285 -8.07 -10.85 28.46
N ALA F 286 -6.78 -10.50 28.29
CA ALA F 286 -5.85 -10.60 29.40
C ALA F 286 -6.36 -9.83 30.61
N ALA F 287 -6.92 -8.65 30.37
CA ALA F 287 -7.47 -7.86 31.47
C ALA F 287 -8.85 -8.36 31.87
N TYR F 288 -9.71 -8.63 30.88
CA TYR F 288 -11.07 -9.09 31.18
C TYR F 288 -11.07 -10.31 32.09
N ASN F 289 -10.21 -11.29 31.79
CA ASN F 289 -10.23 -12.55 32.53
C ASN F 289 -9.81 -12.39 33.98
N LYS F 290 -9.13 -11.31 34.34
CA LYS F 290 -8.68 -11.08 35.71
C LYS F 290 -9.57 -10.12 36.49
N LEU F 291 -10.69 -9.68 35.92
CA LEU F 291 -11.54 -8.68 36.55
C LEU F 291 -12.13 -9.21 37.86
N GLY F 292 -12.19 -8.33 38.87
CA GLY F 292 -12.66 -8.72 40.18
C GLY F 292 -14.14 -8.57 40.44
N GLY F 293 -14.95 -8.19 39.45
CA GLY F 293 -16.37 -8.06 39.63
C GLY F 293 -17.16 -8.81 38.59
N PRO F 294 -18.49 -8.68 38.61
CA PRO F 294 -19.30 -9.29 37.55
C PRO F 294 -18.94 -8.66 36.21
N LYS F 295 -19.14 -9.42 35.14
CA LYS F 295 -18.65 -8.97 33.86
C LYS F 295 -19.40 -9.68 32.75
N ASP F 296 -19.48 -9.01 31.60
CA ASP F 296 -20.02 -9.60 30.38
C ASP F 296 -19.34 -8.89 29.21
N TYR F 297 -19.40 -9.52 28.04
CA TYR F 297 -18.73 -8.97 26.86
C TYR F 297 -19.69 -8.92 25.67
N ARG F 298 -19.34 -8.09 24.69
CA ARG F 298 -20.06 -7.97 23.43
C ARG F 298 -19.08 -8.07 22.28
N LEU F 299 -19.38 -8.92 21.30
CA LEU F 299 -18.46 -9.21 20.21
C LEU F 299 -18.96 -8.66 18.88
N TYR F 300 -18.04 -8.13 18.09
CA TYR F 300 -18.28 -7.69 16.71
C TYR F 300 -17.25 -8.39 15.84
N PRO F 301 -17.59 -9.55 15.29
CA PRO F 301 -16.57 -10.37 14.60
C PRO F 301 -15.93 -9.70 13.39
N ASP F 302 -16.69 -8.92 12.60
CA ASP F 302 -16.18 -8.39 11.34
C ASP F 302 -15.68 -6.96 11.44
N PHE F 303 -15.54 -6.42 12.64
CA PHE F 303 -15.16 -5.02 12.76
C PHE F 303 -13.74 -4.89 13.30
N ALA F 304 -13.13 -3.74 13.03
CA ALA F 304 -11.80 -3.43 13.53
C ALA F 304 -11.86 -2.29 14.54
N HIS F 305 -10.86 -1.40 14.53
CA HIS F 305 -10.78 -0.29 15.48
C HIS F 305 -11.54 0.89 14.88
N GLU F 306 -12.88 0.82 14.99
CA GLU F 306 -13.78 1.72 14.30
C GLU F 306 -15.07 1.83 15.10
N THR F 307 -16.03 2.58 14.56
CA THR F 307 -17.36 2.67 15.14
C THR F 307 -18.05 1.30 15.12
N LEU F 308 -18.72 0.96 16.22
CA LEU F 308 -19.39 -0.34 16.36
C LEU F 308 -20.88 -0.14 16.52
N PRO F 309 -21.67 -0.35 15.46
CA PRO F 309 -23.09 0.05 15.49
C PRO F 309 -23.88 -0.63 16.60
N GLY F 310 -24.57 0.19 17.39
CA GLY F 310 -25.36 -0.30 18.51
C GLY F 310 -24.67 -0.22 19.86
N THR F 311 -23.37 0.08 19.88
CA THR F 311 -22.62 0.03 21.14
C THR F 311 -22.96 1.20 22.05
N ASP F 312 -23.18 2.39 21.50
CA ASP F 312 -23.53 3.52 22.35
C ASP F 312 -24.90 3.34 22.97
N ASP F 313 -25.85 2.75 22.23
CA ASP F 313 -27.13 2.41 22.82
C ASP F 313 -26.98 1.33 23.89
N ALA F 314 -26.16 0.31 23.61
CA ALA F 314 -25.93 -0.75 24.59
C ALA F 314 -25.34 -0.18 25.88
N ILE F 315 -24.38 0.73 25.76
CA ILE F 315 -23.78 1.35 26.93
C ILE F 315 -24.79 2.24 27.65
N PHE F 316 -25.59 2.98 26.88
CA PHE F 316 -26.59 3.85 27.50
C PHE F 316 -27.62 3.03 28.27
N THR F 317 -28.10 1.94 27.69
CA THR F 317 -29.03 1.07 28.40
C THR F 317 -28.39 0.50 29.65
N PHE F 318 -27.11 0.14 29.56
CA PHE F 318 -26.35 -0.36 30.71
C PHE F 318 -26.24 0.69 31.81
N LEU F 319 -25.97 1.94 31.43
CA LEU F 319 -25.73 2.99 32.41
C LEU F 319 -27.01 3.61 32.97
N GLN F 320 -28.16 3.32 32.39
CA GLN F 320 -29.42 3.81 32.95
C GLN F 320 -29.78 3.14 34.26
N GLY F 321 -29.28 1.92 34.51
CA GLY F 321 -29.48 1.20 35.75
C GLY F 321 -28.65 1.68 36.91
N LEU F 322 -28.01 2.84 36.77
CA LEU F 322 -27.18 3.42 37.81
C LEU F 322 -28.02 4.00 38.94
#